data_2YY0
# 
_entry.id   2YY0 
# 
_audit_conform.dict_name       mmcif_pdbx.dic 
_audit_conform.dict_version    5.395 
_audit_conform.dict_location   http://mmcif.pdb.org/dictionaries/ascii/mmcif_pdbx.dic 
# 
loop_
_database_2.database_id 
_database_2.database_code 
_database_2.pdbx_database_accession 
_database_2.pdbx_DOI 
PDB   2YY0         pdb_00002yy0 10.2210/pdb2yy0/pdb 
RCSB  RCSB027276   ?            ?                   
WWPDB D_1000027276 ?            ?                   
# 
loop_
_pdbx_audit_revision_history.ordinal 
_pdbx_audit_revision_history.data_content_type 
_pdbx_audit_revision_history.major_revision 
_pdbx_audit_revision_history.minor_revision 
_pdbx_audit_revision_history.revision_date 
1 'Structure model' 1 0 2008-04-29 
2 'Structure model' 1 1 2011-07-13 
3 'Structure model' 1 2 2024-03-13 
4 'Structure model' 1 3 2024-06-12 
5 'Structure model' 1 4 2024-06-26 
# 
_pdbx_audit_revision_details.ordinal             1 
_pdbx_audit_revision_details.revision_ordinal    1 
_pdbx_audit_revision_details.data_content_type   'Structure model' 
_pdbx_audit_revision_details.provider            repository 
_pdbx_audit_revision_details.type                'Initial release' 
_pdbx_audit_revision_details.description         ? 
_pdbx_audit_revision_details.details             ? 
# 
loop_
_pdbx_audit_revision_group.ordinal 
_pdbx_audit_revision_group.revision_ordinal 
_pdbx_audit_revision_group.data_content_type 
_pdbx_audit_revision_group.group 
1 2 'Structure model' 'Version format compliance' 
2 3 'Structure model' 'Data collection'           
3 3 'Structure model' 'Database references'       
4 4 'Structure model' 'Data collection'           
5 4 'Structure model' 'Database references'       
6 4 'Structure model' 'Structure summary'         
7 5 'Structure model' 'Source and taxonomy'       
# 
loop_
_pdbx_audit_revision_category.ordinal 
_pdbx_audit_revision_category.revision_ordinal 
_pdbx_audit_revision_category.data_content_type 
_pdbx_audit_revision_category.category 
1 3 'Structure model' chem_comp_atom  
2 3 'Structure model' chem_comp_bond  
3 3 'Structure model' database_2      
4 4 'Structure model' audit_author    
5 4 'Structure model' citation_author 
6 4 'Structure model' struct_biol     
7 5 'Structure model' entity_src_gen  
# 
loop_
_pdbx_audit_revision_item.ordinal 
_pdbx_audit_revision_item.revision_ordinal 
_pdbx_audit_revision_item.data_content_type 
_pdbx_audit_revision_item.item 
1 3 'Structure model' '_database_2.pdbx_DOI'                           
2 3 'Structure model' '_database_2.pdbx_database_accession'            
3 4 'Structure model' '_audit_author.name'                             
4 4 'Structure model' '_citation_author.name'                          
5 5 'Structure model' '_entity_src_gen.pdbx_description'               
6 5 'Structure model' '_entity_src_gen.pdbx_host_org_ncbi_taxonomy_id' 
# 
_pdbx_database_status.status_code                     REL 
_pdbx_database_status.entry_id                        2YY0 
_pdbx_database_status.recvd_initial_deposition_date   2007-04-27 
_pdbx_database_status.deposit_site                    PDBJ 
_pdbx_database_status.process_site                    PDBJ 
_pdbx_database_status.status_code_sf                  REL 
_pdbx_database_status.status_code_mr                  ? 
_pdbx_database_status.SG_entry                        Y 
_pdbx_database_status.pdb_format_compatible           Y 
_pdbx_database_status.status_code_cs                  ? 
_pdbx_database_status.status_code_nmr_data            ? 
_pdbx_database_status.methods_development_category    ? 
# 
_pdbx_database_related.db_name        TargetDB 
_pdbx_database_related.db_id          hsi002003381.1 
_pdbx_database_related.details        . 
_pdbx_database_related.content_type   unspecified 
# 
loop_
_audit_author.name 
_audit_author.pdbx_ordinal 
_audit_author.identifier_ORCID 
'Xie, Y.'                                                1 ? 
'Wang, H.'                                               2 ? 
'Ihsanawati, K.T.'                                       3 ? 
'Kishishita, S.'                                         4 ? 
'Takemoto, C.'                                           5 ? 
'Shirozu, M.'                                            6 ? 
'RIKEN Structural Genomics/Proteomics Initiative (RSGI)' 7 ? 
# 
_citation.id                        primary 
_citation.title                     'crystal structure of c-Myc-1 binding protein domain from Homo sapiens' 
_citation.journal_abbrev            'To be Published' 
_citation.journal_volume            ? 
_citation.page_first                ? 
_citation.page_last                 ? 
_citation.year                      ? 
_citation.journal_id_ASTM           ? 
_citation.country                   ? 
_citation.journal_id_ISSN           ? 
_citation.journal_id_CSD            0353 
_citation.book_publisher            ? 
_citation.pdbx_database_id_PubMed   ? 
_citation.pdbx_database_id_DOI      ? 
# 
loop_
_citation_author.citation_id 
_citation_author.name 
_citation_author.ordinal 
_citation_author.identifier_ORCID 
primary 'Xie, Y.'          1 ? 
primary 'Wang, H.'         2 ? 
primary 'Ihsanawati, K.T.' 3 ? 
primary 'Kishishita, S.'   4 ? 
primary 'Takemoto, C.'     5 ? 
primary 'Murayama, K.'     6 ? 
primary 'Shirozu, M.'      7 ? 
primary 'Yokoyama, S.'     8 ? 
# 
loop_
_entity.id 
_entity.type 
_entity.src_method 
_entity.pdbx_description 
_entity.formula_weight 
_entity.pdbx_number_of_molecules 
_entity.pdbx_ec 
_entity.pdbx_mutation 
_entity.pdbx_fragment 
_entity.details 
1 polymer man 'C-Myc-binding protein' 6118.013 4  ? ? 'UNP residues 42-94' ? 
2 water   nat water                   18.015   45 ? ? ?                    ? 
# 
_entity_name_com.entity_id   1 
_entity_name_com.name        'Associate of Myc 1, AMY-1' 
# 
_entity_poly.entity_id                      1 
_entity_poly.type                           'polypeptide(L)' 
_entity_poly.nstd_linkage                   no 
_entity_poly.nstd_monomer                   no 
_entity_poly.pdbx_seq_one_letter_code       NSALDFLKHHLGAATPENPEIELLRLELAEMKEKYEAIVEENKKLKAKLAQYE 
_entity_poly.pdbx_seq_one_letter_code_can   NSALDFLKHHLGAATPENPEIELLRLELAEMKEKYEAIVEENKKLKAKLAQYE 
_entity_poly.pdbx_strand_id                 A,B,C,D 
_entity_poly.pdbx_target_identifier         hsi002003381.1 
# 
_pdbx_entity_nonpoly.entity_id   2 
_pdbx_entity_nonpoly.name        water 
_pdbx_entity_nonpoly.comp_id     HOH 
# 
loop_
_entity_poly_seq.entity_id 
_entity_poly_seq.num 
_entity_poly_seq.mon_id 
_entity_poly_seq.hetero 
1 1  ASN n 
1 2  SER n 
1 3  ALA n 
1 4  LEU n 
1 5  ASP n 
1 6  PHE n 
1 7  LEU n 
1 8  LYS n 
1 9  HIS n 
1 10 HIS n 
1 11 LEU n 
1 12 GLY n 
1 13 ALA n 
1 14 ALA n 
1 15 THR n 
1 16 PRO n 
1 17 GLU n 
1 18 ASN n 
1 19 PRO n 
1 20 GLU n 
1 21 ILE n 
1 22 GLU n 
1 23 LEU n 
1 24 LEU n 
1 25 ARG n 
1 26 LEU n 
1 27 GLU n 
1 28 LEU n 
1 29 ALA n 
1 30 GLU n 
1 31 MET n 
1 32 LYS n 
1 33 GLU n 
1 34 LYS n 
1 35 TYR n 
1 36 GLU n 
1 37 ALA n 
1 38 ILE n 
1 39 VAL n 
1 40 GLU n 
1 41 GLU n 
1 42 ASN n 
1 43 LYS n 
1 44 LYS n 
1 45 LEU n 
1 46 LYS n 
1 47 ALA n 
1 48 LYS n 
1 49 LEU n 
1 50 ALA n 
1 51 GLN n 
1 52 TYR n 
1 53 GLU n 
# 
_entity_src_gen.entity_id                          1 
_entity_src_gen.pdbx_src_id                        1 
_entity_src_gen.pdbx_alt_source_flag               sample 
_entity_src_gen.pdbx_seq_type                      ? 
_entity_src_gen.pdbx_beg_seq_num                   ? 
_entity_src_gen.pdbx_end_seq_num                   ? 
_entity_src_gen.gene_src_common_name               human 
_entity_src_gen.gene_src_genus                     Homo 
_entity_src_gen.pdbx_gene_src_gene                 ? 
_entity_src_gen.gene_src_species                   ? 
_entity_src_gen.gene_src_strain                    ? 
_entity_src_gen.gene_src_tissue                    ? 
_entity_src_gen.gene_src_tissue_fraction           ? 
_entity_src_gen.gene_src_details                   ? 
_entity_src_gen.pdbx_gene_src_fragment             ? 
_entity_src_gen.pdbx_gene_src_scientific_name      'Homo sapiens' 
_entity_src_gen.pdbx_gene_src_ncbi_taxonomy_id     9606 
_entity_src_gen.pdbx_gene_src_variant              ? 
_entity_src_gen.pdbx_gene_src_cell_line            ? 
_entity_src_gen.pdbx_gene_src_atcc                 ? 
_entity_src_gen.pdbx_gene_src_organ                ? 
_entity_src_gen.pdbx_gene_src_organelle            ? 
_entity_src_gen.pdbx_gene_src_cell                 ? 
_entity_src_gen.pdbx_gene_src_cellular_location    ? 
_entity_src_gen.host_org_common_name               ? 
_entity_src_gen.pdbx_host_org_scientific_name      'cell free protein synthesis' 
_entity_src_gen.pdbx_host_org_ncbi_taxonomy_id     562 
_entity_src_gen.host_org_genus                     ? 
_entity_src_gen.pdbx_host_org_gene                 ? 
_entity_src_gen.pdbx_host_org_organ                ? 
_entity_src_gen.host_org_species                   ? 
_entity_src_gen.pdbx_host_org_tissue               ? 
_entity_src_gen.pdbx_host_org_tissue_fraction      ? 
_entity_src_gen.pdbx_host_org_strain               ? 
_entity_src_gen.pdbx_host_org_variant              ? 
_entity_src_gen.pdbx_host_org_cell_line            ? 
_entity_src_gen.pdbx_host_org_atcc                 ? 
_entity_src_gen.pdbx_host_org_culture_collection   ? 
_entity_src_gen.pdbx_host_org_cell                 ? 
_entity_src_gen.pdbx_host_org_organelle            ? 
_entity_src_gen.pdbx_host_org_cellular_location    ? 
_entity_src_gen.pdbx_host_org_vector_type          ? 
_entity_src_gen.pdbx_host_org_vector               plasmid 
_entity_src_gen.host_org_details                   ? 
_entity_src_gen.expression_system_id               ? 
_entity_src_gen.plasmid_name                       PK060110-05-MD01 
_entity_src_gen.plasmid_details                    ? 
_entity_src_gen.pdbx_description                   'E.coli extract' 
# 
loop_
_chem_comp.id 
_chem_comp.type 
_chem_comp.mon_nstd_flag 
_chem_comp.name 
_chem_comp.pdbx_synonyms 
_chem_comp.formula 
_chem_comp.formula_weight 
ALA 'L-peptide linking' y ALANINE         ? 'C3 H7 N O2'     89.093  
ARG 'L-peptide linking' y ARGININE        ? 'C6 H15 N4 O2 1' 175.209 
ASN 'L-peptide linking' y ASPARAGINE      ? 'C4 H8 N2 O3'    132.118 
ASP 'L-peptide linking' y 'ASPARTIC ACID' ? 'C4 H7 N O4'     133.103 
GLN 'L-peptide linking' y GLUTAMINE       ? 'C5 H10 N2 O3'   146.144 
GLU 'L-peptide linking' y 'GLUTAMIC ACID' ? 'C5 H9 N O4'     147.129 
GLY 'peptide linking'   y GLYCINE         ? 'C2 H5 N O2'     75.067  
HIS 'L-peptide linking' y HISTIDINE       ? 'C6 H10 N3 O2 1' 156.162 
HOH non-polymer         . WATER           ? 'H2 O'           18.015  
ILE 'L-peptide linking' y ISOLEUCINE      ? 'C6 H13 N O2'    131.173 
LEU 'L-peptide linking' y LEUCINE         ? 'C6 H13 N O2'    131.173 
LYS 'L-peptide linking' y LYSINE          ? 'C6 H15 N2 O2 1' 147.195 
MET 'L-peptide linking' y METHIONINE      ? 'C5 H11 N O2 S'  149.211 
PHE 'L-peptide linking' y PHENYLALANINE   ? 'C9 H11 N O2'    165.189 
PRO 'L-peptide linking' y PROLINE         ? 'C5 H9 N O2'     115.130 
SER 'L-peptide linking' y SERINE          ? 'C3 H7 N O3'     105.093 
THR 'L-peptide linking' y THREONINE       ? 'C4 H9 N O3'     119.119 
TYR 'L-peptide linking' y TYROSINE        ? 'C9 H11 N O3'    181.189 
VAL 'L-peptide linking' y VALINE          ? 'C5 H11 N O2'    117.146 
# 
loop_
_pdbx_poly_seq_scheme.asym_id 
_pdbx_poly_seq_scheme.entity_id 
_pdbx_poly_seq_scheme.seq_id 
_pdbx_poly_seq_scheme.mon_id 
_pdbx_poly_seq_scheme.ndb_seq_num 
_pdbx_poly_seq_scheme.pdb_seq_num 
_pdbx_poly_seq_scheme.auth_seq_num 
_pdbx_poly_seq_scheme.pdb_mon_id 
_pdbx_poly_seq_scheme.auth_mon_id 
_pdbx_poly_seq_scheme.pdb_strand_id 
_pdbx_poly_seq_scheme.pdb_ins_code 
_pdbx_poly_seq_scheme.hetero 
A 1 1  ASN 1  42 ?  ?   ?   A . n 
A 1 2  SER 2  43 ?  ?   ?   A . n 
A 1 3  ALA 3  44 ?  ?   ?   A . n 
A 1 4  LEU 4  45 ?  ?   ?   A . n 
A 1 5  ASP 5  46 ?  ?   ?   A . n 
A 1 6  PHE 6  47 ?  ?   ?   A . n 
A 1 7  LEU 7  48 ?  ?   ?   A . n 
A 1 8  LYS 8  49 ?  ?   ?   A . n 
A 1 9  HIS 9  50 ?  ?   ?   A . n 
A 1 10 HIS 10 51 ?  ?   ?   A . n 
A 1 11 LEU 11 52 ?  ?   ?   A . n 
A 1 12 GLY 12 53 ?  ?   ?   A . n 
A 1 13 ALA 13 54 ?  ?   ?   A . n 
A 1 14 ALA 14 55 ?  ?   ?   A . n 
A 1 15 THR 15 56 ?  ?   ?   A . n 
A 1 16 PRO 16 57 57 PRO PRO A . n 
A 1 17 GLU 17 58 58 GLU GLU A . n 
A 1 18 ASN 18 59 59 ASN ASN A . n 
A 1 19 PRO 19 60 60 PRO PRO A . n 
A 1 20 GLU 20 61 61 GLU GLU A . n 
A 1 21 ILE 21 62 62 ILE ILE A . n 
A 1 22 GLU 22 63 63 GLU GLU A . n 
A 1 23 LEU 23 64 64 LEU LEU A . n 
A 1 24 LEU 24 65 65 LEU LEU A . n 
A 1 25 ARG 25 66 66 ARG ARG A . n 
A 1 26 LEU 26 67 67 LEU LEU A . n 
A 1 27 GLU 27 68 68 GLU GLU A . n 
A 1 28 LEU 28 69 69 LEU LEU A . n 
A 1 29 ALA 29 70 70 ALA ALA A . n 
A 1 30 GLU 30 71 71 GLU GLU A . n 
A 1 31 MET 31 72 72 MET MET A . n 
A 1 32 LYS 32 73 73 LYS LYS A . n 
A 1 33 GLU 33 74 74 GLU GLU A . n 
A 1 34 LYS 34 75 75 LYS LYS A . n 
A 1 35 TYR 35 76 76 TYR TYR A . n 
A 1 36 GLU 36 77 77 GLU GLU A . n 
A 1 37 ALA 37 78 78 ALA ALA A . n 
A 1 38 ILE 38 79 79 ILE ILE A . n 
A 1 39 VAL 39 80 80 VAL VAL A . n 
A 1 40 GLU 40 81 81 GLU GLU A . n 
A 1 41 GLU 41 82 82 GLU GLU A . n 
A 1 42 ASN 42 83 83 ASN ASN A . n 
A 1 43 LYS 43 84 84 LYS LYS A . n 
A 1 44 LYS 44 85 85 LYS LYS A . n 
A 1 45 LEU 45 86 86 LEU LEU A . n 
A 1 46 LYS 46 87 87 LYS LYS A . n 
A 1 47 ALA 47 88 88 ALA ALA A . n 
A 1 48 LYS 48 89 89 LYS LYS A . n 
A 1 49 LEU 49 90 90 LEU LEU A . n 
A 1 50 ALA 50 91 91 ALA ALA A . n 
A 1 51 GLN 51 92 92 GLN GLN A . n 
A 1 52 TYR 52 93 93 TYR TYR A . n 
A 1 53 GLU 53 94 94 GLU GLU A . n 
B 1 1  ASN 1  42 42 ASN ASN B . n 
B 1 2  SER 2  43 43 SER SER B . n 
B 1 3  ALA 3  44 44 ALA ALA B . n 
B 1 4  LEU 4  45 45 LEU LEU B . n 
B 1 5  ASP 5  46 46 ASP ASP B . n 
B 1 6  PHE 6  47 47 PHE PHE B . n 
B 1 7  LEU 7  48 48 LEU LEU B . n 
B 1 8  LYS 8  49 49 LYS LYS B . n 
B 1 9  HIS 9  50 50 HIS HIS B . n 
B 1 10 HIS 10 51 51 HIS HIS B . n 
B 1 11 LEU 11 52 52 LEU LEU B . n 
B 1 12 GLY 12 53 53 GLY GLY B . n 
B 1 13 ALA 13 54 54 ALA ALA B . n 
B 1 14 ALA 14 55 55 ALA ALA B . n 
B 1 15 THR 15 56 56 THR THR B . n 
B 1 16 PRO 16 57 57 PRO PRO B . n 
B 1 17 GLU 17 58 58 GLU GLU B . n 
B 1 18 ASN 18 59 59 ASN ASN B . n 
B 1 19 PRO 19 60 60 PRO PRO B . n 
B 1 20 GLU 20 61 61 GLU GLU B . n 
B 1 21 ILE 21 62 62 ILE ILE B . n 
B 1 22 GLU 22 63 63 GLU GLU B . n 
B 1 23 LEU 23 64 64 LEU LEU B . n 
B 1 24 LEU 24 65 65 LEU LEU B . n 
B 1 25 ARG 25 66 66 ARG ARG B . n 
B 1 26 LEU 26 67 67 LEU LEU B . n 
B 1 27 GLU 27 68 68 GLU GLU B . n 
B 1 28 LEU 28 69 69 LEU LEU B . n 
B 1 29 ALA 29 70 70 ALA ALA B . n 
B 1 30 GLU 30 71 71 GLU GLU B . n 
B 1 31 MET 31 72 72 MET MET B . n 
B 1 32 LYS 32 73 73 LYS LYS B . n 
B 1 33 GLU 33 74 74 GLU GLU B . n 
B 1 34 LYS 34 75 75 LYS LYS B . n 
B 1 35 TYR 35 76 76 TYR TYR B . n 
B 1 36 GLU 36 77 77 GLU GLU B . n 
B 1 37 ALA 37 78 78 ALA ALA B . n 
B 1 38 ILE 38 79 79 ILE ILE B . n 
B 1 39 VAL 39 80 80 VAL VAL B . n 
B 1 40 GLU 40 81 81 GLU GLU B . n 
B 1 41 GLU 41 82 82 GLU GLU B . n 
B 1 42 ASN 42 83 83 ASN ASN B . n 
B 1 43 LYS 43 84 84 LYS LYS B . n 
B 1 44 LYS 44 85 85 LYS LYS B . n 
B 1 45 LEU 45 86 86 LEU LEU B . n 
B 1 46 LYS 46 87 87 LYS LYS B . n 
B 1 47 ALA 47 88 88 ALA ALA B . n 
B 1 48 LYS 48 89 89 LYS LYS B . n 
B 1 49 LEU 49 90 90 LEU LEU B . n 
B 1 50 ALA 50 91 91 ALA ALA B . n 
B 1 51 GLN 51 92 92 GLN GLN B . n 
B 1 52 TYR 52 93 93 TYR TYR B . n 
B 1 53 GLU 53 94 94 GLU GLU B . n 
C 1 1  ASN 1  42 ?  ?   ?   C . n 
C 1 2  SER 2  43 ?  ?   ?   C . n 
C 1 3  ALA 3  44 ?  ?   ?   C . n 
C 1 4  LEU 4  45 ?  ?   ?   C . n 
C 1 5  ASP 5  46 ?  ?   ?   C . n 
C 1 6  PHE 6  47 ?  ?   ?   C . n 
C 1 7  LEU 7  48 ?  ?   ?   C . n 
C 1 8  LYS 8  49 ?  ?   ?   C . n 
C 1 9  HIS 9  50 ?  ?   ?   C . n 
C 1 10 HIS 10 51 ?  ?   ?   C . n 
C 1 11 LEU 11 52 ?  ?   ?   C . n 
C 1 12 GLY 12 53 ?  ?   ?   C . n 
C 1 13 ALA 13 54 ?  ?   ?   C . n 
C 1 14 ALA 14 55 ?  ?   ?   C . n 
C 1 15 THR 15 56 ?  ?   ?   C . n 
C 1 16 PRO 16 57 ?  ?   ?   C . n 
C 1 17 GLU 17 58 58 GLU GLU C . n 
C 1 18 ASN 18 59 59 ASN ASN C . n 
C 1 19 PRO 19 60 60 PRO PRO C . n 
C 1 20 GLU 20 61 61 GLU GLU C . n 
C 1 21 ILE 21 62 62 ILE ILE C . n 
C 1 22 GLU 22 63 63 GLU GLU C . n 
C 1 23 LEU 23 64 64 LEU LEU C . n 
C 1 24 LEU 24 65 65 LEU LEU C . n 
C 1 25 ARG 25 66 66 ARG ARG C . n 
C 1 26 LEU 26 67 67 LEU LEU C . n 
C 1 27 GLU 27 68 68 GLU GLU C . n 
C 1 28 LEU 28 69 69 LEU LEU C . n 
C 1 29 ALA 29 70 70 ALA ALA C . n 
C 1 30 GLU 30 71 71 GLU GLU C . n 
C 1 31 MET 31 72 72 MET MET C . n 
C 1 32 LYS 32 73 73 LYS LYS C . n 
C 1 33 GLU 33 74 74 GLU GLU C . n 
C 1 34 LYS 34 75 75 LYS LYS C . n 
C 1 35 TYR 35 76 76 TYR TYR C . n 
C 1 36 GLU 36 77 77 GLU GLU C . n 
C 1 37 ALA 37 78 78 ALA ALA C . n 
C 1 38 ILE 38 79 79 ILE ILE C . n 
C 1 39 VAL 39 80 80 VAL VAL C . n 
C 1 40 GLU 40 81 81 GLU GLU C . n 
C 1 41 GLU 41 82 82 GLU GLU C . n 
C 1 42 ASN 42 83 83 ASN ASN C . n 
C 1 43 LYS 43 84 84 LYS LYS C . n 
C 1 44 LYS 44 85 85 LYS LYS C . n 
C 1 45 LEU 45 86 86 LEU LEU C . n 
C 1 46 LYS 46 87 87 LYS LYS C . n 
C 1 47 ALA 47 88 88 ALA ALA C . n 
C 1 48 LYS 48 89 89 LYS LYS C . n 
C 1 49 LEU 49 90 90 LEU LEU C . n 
C 1 50 ALA 50 91 91 ALA ALA C . n 
C 1 51 GLN 51 92 92 GLN GLN C . n 
C 1 52 TYR 52 93 93 TYR TYR C . n 
C 1 53 GLU 53 94 94 GLU GLU C . n 
D 1 1  ASN 1  42 42 ASN ASN D . n 
D 1 2  SER 2  43 43 SER SER D . n 
D 1 3  ALA 3  44 44 ALA ALA D . n 
D 1 4  LEU 4  45 45 LEU LEU D . n 
D 1 5  ASP 5  46 46 ASP ASP D . n 
D 1 6  PHE 6  47 47 PHE PHE D . n 
D 1 7  LEU 7  48 48 LEU LEU D . n 
D 1 8  LYS 8  49 49 LYS LYS D . n 
D 1 9  HIS 9  50 50 HIS HIS D . n 
D 1 10 HIS 10 51 51 HIS HIS D . n 
D 1 11 LEU 11 52 52 LEU LEU D . n 
D 1 12 GLY 12 53 53 GLY GLY D . n 
D 1 13 ALA 13 54 54 ALA ALA D . n 
D 1 14 ALA 14 55 55 ALA ALA D . n 
D 1 15 THR 15 56 56 THR THR D . n 
D 1 16 PRO 16 57 57 PRO PRO D . n 
D 1 17 GLU 17 58 58 GLU GLU D . n 
D 1 18 ASN 18 59 59 ASN ASN D . n 
D 1 19 PRO 19 60 60 PRO PRO D . n 
D 1 20 GLU 20 61 61 GLU GLU D . n 
D 1 21 ILE 21 62 62 ILE ILE D . n 
D 1 22 GLU 22 63 63 GLU GLU D . n 
D 1 23 LEU 23 64 64 LEU LEU D . n 
D 1 24 LEU 24 65 65 LEU LEU D . n 
D 1 25 ARG 25 66 66 ARG ARG D . n 
D 1 26 LEU 26 67 67 LEU LEU D . n 
D 1 27 GLU 27 68 68 GLU GLU D . n 
D 1 28 LEU 28 69 69 LEU LEU D . n 
D 1 29 ALA 29 70 70 ALA ALA D . n 
D 1 30 GLU 30 71 71 GLU GLU D . n 
D 1 31 MET 31 72 72 MET MET D . n 
D 1 32 LYS 32 73 73 LYS LYS D . n 
D 1 33 GLU 33 74 74 GLU GLU D . n 
D 1 34 LYS 34 75 75 LYS LYS D . n 
D 1 35 TYR 35 76 76 TYR TYR D . n 
D 1 36 GLU 36 77 77 GLU GLU D . n 
D 1 37 ALA 37 78 78 ALA ALA D . n 
D 1 38 ILE 38 79 79 ILE ILE D . n 
D 1 39 VAL 39 80 80 VAL VAL D . n 
D 1 40 GLU 40 81 81 GLU GLU D . n 
D 1 41 GLU 41 82 82 GLU GLU D . n 
D 1 42 ASN 42 83 83 ASN ASN D . n 
D 1 43 LYS 43 84 84 LYS LYS D . n 
D 1 44 LYS 44 85 85 LYS LYS D . n 
D 1 45 LEU 45 86 86 LEU LEU D . n 
D 1 46 LYS 46 87 87 LYS LYS D . n 
D 1 47 ALA 47 88 88 ALA ALA D . n 
D 1 48 LYS 48 89 89 LYS LYS D . n 
D 1 49 LEU 49 90 90 LEU LEU D . n 
D 1 50 ALA 50 91 91 ALA ALA D . n 
D 1 51 GLN 51 92 92 GLN GLN D . n 
D 1 52 TYR 52 93 93 TYR TYR D . n 
D 1 53 GLU 53 94 94 GLU GLU D . n 
# 
loop_
_pdbx_nonpoly_scheme.asym_id 
_pdbx_nonpoly_scheme.entity_id 
_pdbx_nonpoly_scheme.mon_id 
_pdbx_nonpoly_scheme.ndb_seq_num 
_pdbx_nonpoly_scheme.pdb_seq_num 
_pdbx_nonpoly_scheme.auth_seq_num 
_pdbx_nonpoly_scheme.pdb_mon_id 
_pdbx_nonpoly_scheme.auth_mon_id 
_pdbx_nonpoly_scheme.pdb_strand_id 
_pdbx_nonpoly_scheme.pdb_ins_code 
E 2 HOH 1  95  2  HOH HOH A . 
E 2 HOH 2  96  3  HOH HOH A . 
E 2 HOH 3  97  11 HOH HOH A . 
E 2 HOH 4  98  13 HOH HOH A . 
E 2 HOH 5  99  14 HOH HOH A . 
E 2 HOH 6  100 22 HOH HOH A . 
E 2 HOH 7  101 38 HOH HOH A . 
E 2 HOH 8  102 41 HOH HOH A . 
E 2 HOH 9  103 42 HOH HOH A . 
E 2 HOH 10 104 44 HOH HOH A . 
F 2 HOH 1  95  1  HOH HOH B . 
F 2 HOH 2  96  4  HOH HOH B . 
F 2 HOH 3  97  5  HOH HOH B . 
F 2 HOH 4  98  7  HOH HOH B . 
F 2 HOH 5  99  8  HOH HOH B . 
F 2 HOH 6  100 16 HOH HOH B . 
F 2 HOH 7  101 17 HOH HOH B . 
F 2 HOH 8  102 18 HOH HOH B . 
F 2 HOH 9  103 20 HOH HOH B . 
F 2 HOH 10 104 24 HOH HOH B . 
F 2 HOH 11 105 31 HOH HOH B . 
F 2 HOH 12 106 32 HOH HOH B . 
F 2 HOH 13 107 33 HOH HOH B . 
F 2 HOH 14 108 34 HOH HOH B . 
F 2 HOH 15 109 37 HOH HOH B . 
F 2 HOH 16 110 39 HOH HOH B . 
F 2 HOH 17 111 40 HOH HOH B . 
F 2 HOH 18 112 43 HOH HOH B . 
G 2 HOH 1  95  10 HOH HOH C . 
G 2 HOH 2  96  21 HOH HOH C . 
G 2 HOH 3  97  23 HOH HOH C . 
G 2 HOH 4  98  25 HOH HOH C . 
G 2 HOH 5  99  27 HOH HOH C . 
G 2 HOH 6  100 29 HOH HOH C . 
G 2 HOH 7  101 36 HOH HOH C . 
H 2 HOH 1  95  6  HOH HOH D . 
H 2 HOH 2  96  9  HOH HOH D . 
H 2 HOH 3  97  12 HOH HOH D . 
H 2 HOH 4  98  15 HOH HOH D . 
H 2 HOH 5  99  19 HOH HOH D . 
H 2 HOH 6  100 26 HOH HOH D . 
H 2 HOH 7  101 28 HOH HOH D . 
H 2 HOH 8  102 30 HOH HOH D . 
H 2 HOH 9  103 35 HOH HOH D . 
H 2 HOH 10 104 45 HOH HOH D . 
# 
loop_
_software.name 
_software.classification 
_software.version 
_software.citation_id 
_software.pdbx_ordinal 
CNS      refinement        1.1 ? 1 
HKL-2000 'data collection' .   ? 2 
HKL-2000 'data reduction'  .   ? 3 
HKL-2000 'data scaling'    .   ? 4 
SOLVE    phasing           .   ? 5 
# 
_cell.entry_id           2YY0 
_cell.length_a           59.634 
_cell.length_b           59.634 
_cell.length_c           194.868 
_cell.angle_alpha        90.00 
_cell.angle_beta         90.00 
_cell.angle_gamma        120.00 
_cell.Z_PDB              36 
_cell.pdbx_unique_axis   ? 
_cell.length_a_esd       ? 
_cell.length_b_esd       ? 
_cell.length_c_esd       ? 
_cell.angle_alpha_esd    ? 
_cell.angle_beta_esd     ? 
_cell.angle_gamma_esd    ? 
# 
_symmetry.entry_id                         2YY0 
_symmetry.space_group_name_H-M             'H 3' 
_symmetry.pdbx_full_space_group_name_H-M   ? 
_symmetry.cell_setting                     ? 
_symmetry.Int_Tables_number                146 
_symmetry.space_group_name_Hall            ? 
# 
_exptl.entry_id          2YY0 
_exptl.method            'X-RAY DIFFRACTION' 
_exptl.crystals_number   1 
# 
_exptl_crystal.id                    1 
_exptl_crystal.density_meas          ? 
_exptl_crystal.density_Matthews      2.72 
_exptl_crystal.density_percent_sol   54.86 
_exptl_crystal.description           ? 
_exptl_crystal.F_000                 ? 
_exptl_crystal.preparation           ? 
# 
_exptl_crystal_grow.crystal_id      1 
_exptl_crystal_grow.method          'VAPOR DIFFUSION, SITTING DROP' 
_exptl_crystal_grow.temp            293 
_exptl_crystal_grow.temp_details    ? 
_exptl_crystal_grow.pH              4.2 
_exptl_crystal_grow.pdbx_details    '0.1M Tris-HCl, 2M NH4H2PO4, pH 4.2, VAPOR DIFFUSION, SITTING DROP, temperature 293K' 
_exptl_crystal_grow.pdbx_pH_range   . 
# 
_diffrn.id                     1 
_diffrn.ambient_temp           100 
_diffrn.ambient_temp_details   ? 
_diffrn.crystal_id             1 
# 
_diffrn_detector.diffrn_id              1 
_diffrn_detector.detector               CCD 
_diffrn_detector.type                   'ADSC QUANTUM 315' 
_diffrn_detector.pdbx_collection_date   2006-05-27 
_diffrn_detector.details                Mirror 
# 
_diffrn_radiation.diffrn_id                        1 
_diffrn_radiation.wavelength_id                    1 
_diffrn_radiation.pdbx_monochromatic_or_laue_m_l   M 
_diffrn_radiation.monochromator                    silicon 
_diffrn_radiation.pdbx_diffrn_protocol             'SINGLE WAVELENGTH' 
_diffrn_radiation.pdbx_scattering_type             x-ray 
# 
_diffrn_radiation_wavelength.id           1 
_diffrn_radiation_wavelength.wavelength   0.9790 
_diffrn_radiation_wavelength.wt           1.0 
# 
_diffrn_source.diffrn_id                   1 
_diffrn_source.source                      SYNCHROTRON 
_diffrn_source.type                        'PHOTON FACTORY BEAMLINE AR-NW12A' 
_diffrn_source.pdbx_synchrotron_site       'Photon Factory' 
_diffrn_source.pdbx_synchrotron_beamline   AR-NW12A 
_diffrn_source.pdbx_wavelength             ? 
_diffrn_source.pdbx_wavelength_list        0.9790 
# 
_reflns.entry_id                     2YY0 
_reflns.observed_criterion_sigma_I   -3 
_reflns.observed_criterion_sigma_F   ? 
_reflns.d_resolution_low             50 
_reflns.d_resolution_high            2.4 
_reflns.number_obs                   10097 
_reflns.number_all                   10097 
_reflns.percent_possible_obs         99.5 
_reflns.pdbx_Rmerge_I_obs            ? 
_reflns.pdbx_Rsym_value              0.070 
_reflns.pdbx_netI_over_sigmaI        21.63 
_reflns.B_iso_Wilson_estimate        30.9 
_reflns.pdbx_redundancy              6.02 
_reflns.R_free_details               ? 
_reflns.limit_h_max                  ? 
_reflns.limit_h_min                  ? 
_reflns.limit_k_max                  ? 
_reflns.limit_k_min                  ? 
_reflns.limit_l_max                  ? 
_reflns.limit_l_min                  ? 
_reflns.observed_criterion_F_max     ? 
_reflns.observed_criterion_F_min     ? 
_reflns.pdbx_chi_squared             ? 
_reflns.pdbx_scaling_rejects         ? 
_reflns.pdbx_diffrn_id               1 
_reflns.pdbx_ordinal                 1 
# 
_reflns_shell.d_res_high             2.40 
_reflns_shell.d_res_low              2.53 
_reflns_shell.percent_possible_all   100 
_reflns_shell.Rmerge_I_obs           ? 
_reflns_shell.pdbx_Rsym_value        0.265 
_reflns_shell.meanI_over_sigI_obs    9.83 
_reflns_shell.pdbx_redundancy        6.3 
_reflns_shell.percent_possible_obs   ? 
_reflns_shell.number_unique_all      1444 
_reflns_shell.number_measured_all    ? 
_reflns_shell.number_measured_obs    ? 
_reflns_shell.number_unique_obs      ? 
_reflns_shell.pdbx_chi_squared       ? 
_reflns_shell.pdbx_diffrn_id         ? 
_reflns_shell.pdbx_ordinal           1 
# 
_refine.entry_id                                 2YY0 
_refine.ls_number_reflns_obs                     9646 
_refine.ls_number_reflns_all                     10097 
_refine.pdbx_ls_sigma_I                          ? 
_refine.pdbx_ls_sigma_F                          2.0 
_refine.pdbx_data_cutoff_high_absF               1024080.90 
_refine.pdbx_data_cutoff_low_absF                0.000000 
_refine.pdbx_data_cutoff_high_rms_absF           ? 
_refine.ls_d_res_low                             31.11 
_refine.ls_d_res_high                            2.40 
_refine.ls_percent_reflns_obs                    95.3 
_refine.ls_R_factor_obs                          0.244 
_refine.ls_R_factor_all                          ? 
_refine.ls_R_factor_R_work                       0.244 
_refine.ls_R_factor_R_free                       0.289 
_refine.ls_R_factor_R_free_error                 0.009 
_refine.ls_R_factor_R_free_error_details         ? 
_refine.ls_percent_reflns_R_free                 10.3 
_refine.ls_number_reflns_R_free                  995 
_refine.ls_number_parameters                     ? 
_refine.ls_number_restraints                     ? 
_refine.occupancy_min                            ? 
_refine.occupancy_max                            ? 
_refine.correlation_coeff_Fo_to_Fc               ? 
_refine.correlation_coeff_Fo_to_Fc_free          ? 
_refine.B_iso_mean                               58.3 
_refine.aniso_B[1][1]                            7.57 
_refine.aniso_B[2][2]                            7.57 
_refine.aniso_B[3][3]                            -15.15 
_refine.aniso_B[1][2]                            10.63 
_refine.aniso_B[1][3]                            0.00 
_refine.aniso_B[2][3]                            0.00 
_refine.solvent_model_details                    'FLAT MODEL' 
_refine.solvent_model_param_ksol                 0.397029 
_refine.solvent_model_param_bsol                 61.9749 
_refine.pdbx_solvent_vdw_probe_radii             ? 
_refine.pdbx_solvent_ion_probe_radii             ? 
_refine.pdbx_solvent_shrinkage_radii             ? 
_refine.pdbx_ls_cross_valid_method               THROUGHOUT 
_refine.details                                  ? 
_refine.pdbx_starting_model                      ? 
_refine.pdbx_method_to_determine_struct          SAD 
_refine.pdbx_isotropic_thermal_model             RESTRAINED 
_refine.pdbx_stereochemistry_target_values       ? 
_refine.pdbx_stereochem_target_val_spec_case     ? 
_refine.pdbx_R_Free_selection_details            RANDOM 
_refine.pdbx_overall_ESU_R                       ? 
_refine.pdbx_overall_ESU_R_Free                  ? 
_refine.overall_SU_ML                            ? 
_refine.overall_SU_B                             ? 
_refine.ls_redundancy_reflns_obs                 ? 
_refine.B_iso_min                                ? 
_refine.B_iso_max                                ? 
_refine.overall_SU_R_Cruickshank_DPI             ? 
_refine.overall_SU_R_free                        ? 
_refine.ls_wR_factor_R_free                      ? 
_refine.ls_wR_factor_R_work                      ? 
_refine.overall_FOM_free_R_set                   ? 
_refine.overall_FOM_work_R_set                   ? 
_refine.pdbx_overall_phase_error                 ? 
_refine.pdbx_refine_id                           'X-RAY DIFFRACTION' 
_refine.pdbx_diffrn_id                           1 
_refine.pdbx_TLS_residual_ADP_flag               ? 
_refine.pdbx_overall_SU_R_free_Cruickshank_DPI   ? 
_refine.pdbx_overall_SU_R_Blow_DPI               ? 
_refine.pdbx_overall_SU_R_free_Blow_DPI          ? 
# 
_refine_analyze.entry_id                        2YY0 
_refine_analyze.Luzzati_coordinate_error_obs    0.33 
_refine_analyze.Luzzati_sigma_a_obs             0.25 
_refine_analyze.Luzzati_d_res_low_obs           5.00 
_refine_analyze.Luzzati_coordinate_error_free   0.42 
_refine_analyze.Luzzati_sigma_a_free            0.36 
_refine_analyze.Luzzati_d_res_low_free          ? 
_refine_analyze.number_disordered_residues      ? 
_refine_analyze.occupancy_sum_hydrogen          ? 
_refine_analyze.occupancy_sum_non_hydrogen      ? 
_refine_analyze.pdbx_Luzzati_d_res_high_obs     ? 
_refine_analyze.pdbx_refine_id                  'X-RAY DIFFRACTION' 
# 
_refine_hist.pdbx_refine_id                   'X-RAY DIFFRACTION' 
_refine_hist.cycle_id                         LAST 
_refine_hist.pdbx_number_atoms_protein        1489 
_refine_hist.pdbx_number_atoms_nucleic_acid   0 
_refine_hist.pdbx_number_atoms_ligand         0 
_refine_hist.number_atoms_solvent             45 
_refine_hist.number_atoms_total               1534 
_refine_hist.d_res_high                       2.40 
_refine_hist.d_res_low                        31.11 
# 
loop_
_refine_ls_restr.type 
_refine_ls_restr.dev_ideal 
_refine_ls_restr.dev_ideal_target 
_refine_ls_restr.weight 
_refine_ls_restr.number 
_refine_ls_restr.pdbx_refine_id 
_refine_ls_restr.pdbx_restraint_function 
c_bond_d                0.007 ?    ? ? 'X-RAY DIFFRACTION' ? 
c_bond_d_na             ?     ?    ? ? 'X-RAY DIFFRACTION' ? 
c_bond_d_prot           ?     ?    ? ? 'X-RAY DIFFRACTION' ? 
c_angle_d               ?     ?    ? ? 'X-RAY DIFFRACTION' ? 
c_angle_d_na            ?     ?    ? ? 'X-RAY DIFFRACTION' ? 
c_angle_d_prot          ?     ?    ? ? 'X-RAY DIFFRACTION' ? 
c_angle_deg             1.1   ?    ? ? 'X-RAY DIFFRACTION' ? 
c_angle_deg_na          ?     ?    ? ? 'X-RAY DIFFRACTION' ? 
c_angle_deg_prot        ?     ?    ? ? 'X-RAY DIFFRACTION' ? 
c_dihedral_angle_d      17.5  ?    ? ? 'X-RAY DIFFRACTION' ? 
c_dihedral_angle_d_na   ?     ?    ? ? 'X-RAY DIFFRACTION' ? 
c_dihedral_angle_d_prot ?     ?    ? ? 'X-RAY DIFFRACTION' ? 
c_improper_angle_d      0.71  ?    ? ? 'X-RAY DIFFRACTION' ? 
c_improper_angle_d_na   ?     ?    ? ? 'X-RAY DIFFRACTION' ? 
c_improper_angle_d_prot ?     ?    ? ? 'X-RAY DIFFRACTION' ? 
c_mcbond_it             1.72  1.50 ? ? 'X-RAY DIFFRACTION' ? 
c_mcangle_it            2.91  2.00 ? ? 'X-RAY DIFFRACTION' ? 
c_scbond_it             2.49  2.00 ? ? 'X-RAY DIFFRACTION' ? 
c_scangle_it            3.96  2.50 ? ? 'X-RAY DIFFRACTION' ? 
# 
_refine_ls_shell.pdbx_total_number_of_bins_used   6 
_refine_ls_shell.d_res_high                       2.40 
_refine_ls_shell.d_res_low                        2.55 
_refine_ls_shell.number_reflns_R_work             1330 
_refine_ls_shell.R_factor_R_work                  0.254 
_refine_ls_shell.percent_reflns_obs               88.1 
_refine_ls_shell.R_factor_R_free                  0.342 
_refine_ls_shell.R_factor_R_free_error            0.028 
_refine_ls_shell.percent_reflns_R_free            10.3 
_refine_ls_shell.number_reflns_R_free             152 
_refine_ls_shell.number_reflns_all                ? 
_refine_ls_shell.R_factor_all                     ? 
_refine_ls_shell.redundancy_reflns_obs            ? 
_refine_ls_shell.number_reflns_obs                ? 
_refine_ls_shell.pdbx_refine_id                   'X-RAY DIFFRACTION' 
# 
loop_
_pdbx_xplor_file.serial_no 
_pdbx_xplor_file.param_file 
_pdbx_xplor_file.topol_file 
_pdbx_xplor_file.pdbx_refine_id 
1 protein_rep.param protein.top 'X-RAY DIFFRACTION' 
2 water_rep.param   ?           'X-RAY DIFFRACTION' 
# 
_struct.entry_id                  2YY0 
_struct.title                     'Crystal Structure of MS0802, c-Myc-1 binding protein domain from Homo sapiens' 
_struct.pdbx_model_details        ? 
_struct.pdbx_CASP_flag            ? 
_struct.pdbx_model_type_details   ? 
# 
_struct_keywords.entry_id        2YY0 
_struct_keywords.pdbx_keywords   TRANSCRIPTION 
_struct_keywords.text            
;conserved hypothetical protein, Structural Genomics, NPPSFA, National Project on Protein Structural and Functional Analyses, RIKEN Structural Genomics/Proteomics Initiative, RSGI, TRANSCRIPTION
;
# 
loop_
_struct_asym.id 
_struct_asym.pdbx_blank_PDB_chainid_flag 
_struct_asym.pdbx_modified 
_struct_asym.entity_id 
_struct_asym.details 
A N N 1 ? 
B N N 1 ? 
C N N 1 ? 
D N N 1 ? 
E N N 2 ? 
F N N 2 ? 
G N N 2 ? 
H N N 2 ? 
# 
_struct_ref.id                         1 
_struct_ref.db_name                    UNP 
_struct_ref.db_code                    MYCBP_HUMAN 
_struct_ref.pdbx_db_accession          Q99417 
_struct_ref.entity_id                  1 
_struct_ref.pdbx_seq_one_letter_code   NSALDFLKHHLGAATPENPEIELLRLELAEMKEKYEAIVEENKKLKAKLAQYE 
_struct_ref.pdbx_align_begin           42 
_struct_ref.pdbx_db_isoform            ? 
# 
loop_
_struct_ref_seq.align_id 
_struct_ref_seq.ref_id 
_struct_ref_seq.pdbx_PDB_id_code 
_struct_ref_seq.pdbx_strand_id 
_struct_ref_seq.seq_align_beg 
_struct_ref_seq.pdbx_seq_align_beg_ins_code 
_struct_ref_seq.seq_align_end 
_struct_ref_seq.pdbx_seq_align_end_ins_code 
_struct_ref_seq.pdbx_db_accession 
_struct_ref_seq.db_align_beg 
_struct_ref_seq.pdbx_db_align_beg_ins_code 
_struct_ref_seq.db_align_end 
_struct_ref_seq.pdbx_db_align_end_ins_code 
_struct_ref_seq.pdbx_auth_seq_align_beg 
_struct_ref_seq.pdbx_auth_seq_align_end 
1 1 2YY0 A 1 ? 53 ? Q99417 42 ? 94 ? 42 94 
2 1 2YY0 B 1 ? 53 ? Q99417 42 ? 94 ? 42 94 
3 1 2YY0 C 1 ? 53 ? Q99417 42 ? 94 ? 42 94 
4 1 2YY0 D 1 ? 53 ? Q99417 42 ? 94 ? 42 94 
# 
loop_
_pdbx_struct_assembly.id 
_pdbx_struct_assembly.details 
_pdbx_struct_assembly.method_details 
_pdbx_struct_assembly.oligomeric_details 
_pdbx_struct_assembly.oligomeric_count 
1 author_and_software_defined_assembly PISA dimeric     2  
2 author_and_software_defined_assembly PISA dimeric     2  
3 software_defined_assembly            PISA dodecameric 12 
# 
loop_
_pdbx_struct_assembly_prop.biol_id 
_pdbx_struct_assembly_prop.type 
_pdbx_struct_assembly_prop.value 
_pdbx_struct_assembly_prop.details 
1 'ABSA (A^2)' 2230   ? 
1 MORE         -22.0  ? 
1 'SSA (A^2)'  7260   ? 
2 'ABSA (A^2)' 2040   ? 
2 MORE         -22.3  ? 
2 'SSA (A^2)'  7360   ? 
3 'ABSA (A^2)' 21490  ? 
3 MORE         -191.8 ? 
3 'SSA (A^2)'  35190  ? 
# 
loop_
_pdbx_struct_assembly_gen.assembly_id 
_pdbx_struct_assembly_gen.oper_expression 
_pdbx_struct_assembly_gen.asym_id_list 
1 1     A,B,E,F         
2 1     C,D,G,H         
3 1,2,3 A,B,C,D,E,F,G,H 
# 
loop_
_pdbx_struct_oper_list.id 
_pdbx_struct_oper_list.type 
_pdbx_struct_oper_list.name 
_pdbx_struct_oper_list.symmetry_operation 
_pdbx_struct_oper_list.matrix[1][1] 
_pdbx_struct_oper_list.matrix[1][2] 
_pdbx_struct_oper_list.matrix[1][3] 
_pdbx_struct_oper_list.vector[1] 
_pdbx_struct_oper_list.matrix[2][1] 
_pdbx_struct_oper_list.matrix[2][2] 
_pdbx_struct_oper_list.matrix[2][3] 
_pdbx_struct_oper_list.vector[2] 
_pdbx_struct_oper_list.matrix[3][1] 
_pdbx_struct_oper_list.matrix[3][2] 
_pdbx_struct_oper_list.matrix[3][3] 
_pdbx_struct_oper_list.vector[3] 
1 'identity operation'         1_555 x,y,z        1.0000000000  0.0000000000  0.0000000000 0.0000000000  0.0000000000  1.0000000000  0.0000000000  0.0000000000  0.0000000000 0.0000000000  1.0000000000 0.0000000000  
2 'crystal symmetry operation' 2_665 -y+1,x-y+1,z -0.4029984629 0.7298323852  0.5522109456 17.5897802957 -0.9000763225 -0.4253027347 -0.0947639043 20.9439877137 0.1656950590 -0.5352217049 0.8283011976 0.2132806795  
3 'crystal symmetry operation' 3_565 -x+y,-x+1,z  -0.4029984629 -0.9000763225 0.1656950590 25.9045023067 0.7298323852  -0.4253027347 -0.5352217049 -3.8159036079 0.5522109456 -0.0947639043 0.8283011976 -7.9051958058 
# 
_struct_biol.id        1 
_struct_biol.details   'in this crystal packing, it looks like dimer. But, there is no experimental evidence.' 
# 
loop_
_struct_conf.conf_type_id 
_struct_conf.id 
_struct_conf.pdbx_PDB_helix_id 
_struct_conf.beg_label_comp_id 
_struct_conf.beg_label_asym_id 
_struct_conf.beg_label_seq_id 
_struct_conf.pdbx_beg_PDB_ins_code 
_struct_conf.end_label_comp_id 
_struct_conf.end_label_asym_id 
_struct_conf.end_label_seq_id 
_struct_conf.pdbx_end_PDB_ins_code 
_struct_conf.beg_auth_comp_id 
_struct_conf.beg_auth_asym_id 
_struct_conf.beg_auth_seq_id 
_struct_conf.end_auth_comp_id 
_struct_conf.end_auth_asym_id 
_struct_conf.end_auth_seq_id 
_struct_conf.pdbx_PDB_helix_class 
_struct_conf.details 
_struct_conf.pdbx_PDB_helix_length 
HELX_P HELX_P1 1 ASN A 18 ? ALA A 50 ? ASN A 59 ALA A 91 1 ? 33 
HELX_P HELX_P2 2 ASN B 1  ? HIS B 10 ? ASN B 42 HIS B 51 1 ? 10 
HELX_P HELX_P3 3 ASN B 18 ? TYR B 52 ? ASN B 59 TYR B 93 1 ? 35 
HELX_P HELX_P4 4 ASN C 18 ? TYR C 52 ? ASN C 59 TYR C 93 1 ? 35 
HELX_P HELX_P5 5 ASN D 1  ? HIS D 10 ? ASN D 42 HIS D 51 1 ? 10 
HELX_P HELX_P6 6 ASN D 18 ? TYR D 52 ? ASN D 59 TYR D 93 1 ? 35 
# 
_struct_conf_type.id          HELX_P 
_struct_conf_type.criteria    ? 
_struct_conf_type.reference   ? 
# 
loop_
_pdbx_validate_torsion.id 
_pdbx_validate_torsion.PDB_model_num 
_pdbx_validate_torsion.auth_comp_id 
_pdbx_validate_torsion.auth_asym_id 
_pdbx_validate_torsion.auth_seq_id 
_pdbx_validate_torsion.PDB_ins_code 
_pdbx_validate_torsion.label_alt_id 
_pdbx_validate_torsion.phi 
_pdbx_validate_torsion.psi 
1 1 TYR B 93 ? ? -105.84 -167.46 
2 1 HIS D 51 ? ? -66.40  13.11   
3 1 LEU D 52 ? ? -154.26 74.14   
4 1 ALA D 55 ? ? -44.12  100.83  
5 1 THR D 56 ? ? 38.02   118.57  
# 
_pdbx_SG_project.id                    1 
_pdbx_SG_project.project_name          'NPPSFA, National Project on Protein Structural and Functional Analyses' 
_pdbx_SG_project.full_name_of_center   'RIKEN Structural Genomics/Proteomics Initiative' 
_pdbx_SG_project.initial_of_center     RSGI 
# 
loop_
_pdbx_unobs_or_zero_occ_residues.id 
_pdbx_unobs_or_zero_occ_residues.PDB_model_num 
_pdbx_unobs_or_zero_occ_residues.polymer_flag 
_pdbx_unobs_or_zero_occ_residues.occupancy_flag 
_pdbx_unobs_or_zero_occ_residues.auth_asym_id 
_pdbx_unobs_or_zero_occ_residues.auth_comp_id 
_pdbx_unobs_or_zero_occ_residues.auth_seq_id 
_pdbx_unobs_or_zero_occ_residues.PDB_ins_code 
_pdbx_unobs_or_zero_occ_residues.label_asym_id 
_pdbx_unobs_or_zero_occ_residues.label_comp_id 
_pdbx_unobs_or_zero_occ_residues.label_seq_id 
1  1 Y 1 A ASN 42 ? A ASN 1  
2  1 Y 1 A SER 43 ? A SER 2  
3  1 Y 1 A ALA 44 ? A ALA 3  
4  1 Y 1 A LEU 45 ? A LEU 4  
5  1 Y 1 A ASP 46 ? A ASP 5  
6  1 Y 1 A PHE 47 ? A PHE 6  
7  1 Y 1 A LEU 48 ? A LEU 7  
8  1 Y 1 A LYS 49 ? A LYS 8  
9  1 Y 1 A HIS 50 ? A HIS 9  
10 1 Y 1 A HIS 51 ? A HIS 10 
11 1 Y 1 A LEU 52 ? A LEU 11 
12 1 Y 1 A GLY 53 ? A GLY 12 
13 1 Y 1 A ALA 54 ? A ALA 13 
14 1 Y 1 A ALA 55 ? A ALA 14 
15 1 Y 1 A THR 56 ? A THR 15 
16 1 Y 1 C ASN 42 ? C ASN 1  
17 1 Y 1 C SER 43 ? C SER 2  
18 1 Y 1 C ALA 44 ? C ALA 3  
19 1 Y 1 C LEU 45 ? C LEU 4  
20 1 Y 1 C ASP 46 ? C ASP 5  
21 1 Y 1 C PHE 47 ? C PHE 6  
22 1 Y 1 C LEU 48 ? C LEU 7  
23 1 Y 1 C LYS 49 ? C LYS 8  
24 1 Y 1 C HIS 50 ? C HIS 9  
25 1 Y 1 C HIS 51 ? C HIS 10 
26 1 Y 1 C LEU 52 ? C LEU 11 
27 1 Y 1 C GLY 53 ? C GLY 12 
28 1 Y 1 C ALA 54 ? C ALA 13 
29 1 Y 1 C ALA 55 ? C ALA 14 
30 1 Y 1 C THR 56 ? C THR 15 
31 1 Y 1 C PRO 57 ? C PRO 16 
# 
loop_
_chem_comp_atom.comp_id 
_chem_comp_atom.atom_id 
_chem_comp_atom.type_symbol 
_chem_comp_atom.pdbx_aromatic_flag 
_chem_comp_atom.pdbx_stereo_config 
_chem_comp_atom.pdbx_ordinal 
ALA N    N N N 1   
ALA CA   C N S 2   
ALA C    C N N 3   
ALA O    O N N 4   
ALA CB   C N N 5   
ALA OXT  O N N 6   
ALA H    H N N 7   
ALA H2   H N N 8   
ALA HA   H N N 9   
ALA HB1  H N N 10  
ALA HB2  H N N 11  
ALA HB3  H N N 12  
ALA HXT  H N N 13  
ARG N    N N N 14  
ARG CA   C N S 15  
ARG C    C N N 16  
ARG O    O N N 17  
ARG CB   C N N 18  
ARG CG   C N N 19  
ARG CD   C N N 20  
ARG NE   N N N 21  
ARG CZ   C N N 22  
ARG NH1  N N N 23  
ARG NH2  N N N 24  
ARG OXT  O N N 25  
ARG H    H N N 26  
ARG H2   H N N 27  
ARG HA   H N N 28  
ARG HB2  H N N 29  
ARG HB3  H N N 30  
ARG HG2  H N N 31  
ARG HG3  H N N 32  
ARG HD2  H N N 33  
ARG HD3  H N N 34  
ARG HE   H N N 35  
ARG HH11 H N N 36  
ARG HH12 H N N 37  
ARG HH21 H N N 38  
ARG HH22 H N N 39  
ARG HXT  H N N 40  
ASN N    N N N 41  
ASN CA   C N S 42  
ASN C    C N N 43  
ASN O    O N N 44  
ASN CB   C N N 45  
ASN CG   C N N 46  
ASN OD1  O N N 47  
ASN ND2  N N N 48  
ASN OXT  O N N 49  
ASN H    H N N 50  
ASN H2   H N N 51  
ASN HA   H N N 52  
ASN HB2  H N N 53  
ASN HB3  H N N 54  
ASN HD21 H N N 55  
ASN HD22 H N N 56  
ASN HXT  H N N 57  
ASP N    N N N 58  
ASP CA   C N S 59  
ASP C    C N N 60  
ASP O    O N N 61  
ASP CB   C N N 62  
ASP CG   C N N 63  
ASP OD1  O N N 64  
ASP OD2  O N N 65  
ASP OXT  O N N 66  
ASP H    H N N 67  
ASP H2   H N N 68  
ASP HA   H N N 69  
ASP HB2  H N N 70  
ASP HB3  H N N 71  
ASP HD2  H N N 72  
ASP HXT  H N N 73  
GLN N    N N N 74  
GLN CA   C N S 75  
GLN C    C N N 76  
GLN O    O N N 77  
GLN CB   C N N 78  
GLN CG   C N N 79  
GLN CD   C N N 80  
GLN OE1  O N N 81  
GLN NE2  N N N 82  
GLN OXT  O N N 83  
GLN H    H N N 84  
GLN H2   H N N 85  
GLN HA   H N N 86  
GLN HB2  H N N 87  
GLN HB3  H N N 88  
GLN HG2  H N N 89  
GLN HG3  H N N 90  
GLN HE21 H N N 91  
GLN HE22 H N N 92  
GLN HXT  H N N 93  
GLU N    N N N 94  
GLU CA   C N S 95  
GLU C    C N N 96  
GLU O    O N N 97  
GLU CB   C N N 98  
GLU CG   C N N 99  
GLU CD   C N N 100 
GLU OE1  O N N 101 
GLU OE2  O N N 102 
GLU OXT  O N N 103 
GLU H    H N N 104 
GLU H2   H N N 105 
GLU HA   H N N 106 
GLU HB2  H N N 107 
GLU HB3  H N N 108 
GLU HG2  H N N 109 
GLU HG3  H N N 110 
GLU HE2  H N N 111 
GLU HXT  H N N 112 
GLY N    N N N 113 
GLY CA   C N N 114 
GLY C    C N N 115 
GLY O    O N N 116 
GLY OXT  O N N 117 
GLY H    H N N 118 
GLY H2   H N N 119 
GLY HA2  H N N 120 
GLY HA3  H N N 121 
GLY HXT  H N N 122 
HIS N    N N N 123 
HIS CA   C N S 124 
HIS C    C N N 125 
HIS O    O N N 126 
HIS CB   C N N 127 
HIS CG   C Y N 128 
HIS ND1  N Y N 129 
HIS CD2  C Y N 130 
HIS CE1  C Y N 131 
HIS NE2  N Y N 132 
HIS OXT  O N N 133 
HIS H    H N N 134 
HIS H2   H N N 135 
HIS HA   H N N 136 
HIS HB2  H N N 137 
HIS HB3  H N N 138 
HIS HD1  H N N 139 
HIS HD2  H N N 140 
HIS HE1  H N N 141 
HIS HE2  H N N 142 
HIS HXT  H N N 143 
HOH O    O N N 144 
HOH H1   H N N 145 
HOH H2   H N N 146 
ILE N    N N N 147 
ILE CA   C N S 148 
ILE C    C N N 149 
ILE O    O N N 150 
ILE CB   C N S 151 
ILE CG1  C N N 152 
ILE CG2  C N N 153 
ILE CD1  C N N 154 
ILE OXT  O N N 155 
ILE H    H N N 156 
ILE H2   H N N 157 
ILE HA   H N N 158 
ILE HB   H N N 159 
ILE HG12 H N N 160 
ILE HG13 H N N 161 
ILE HG21 H N N 162 
ILE HG22 H N N 163 
ILE HG23 H N N 164 
ILE HD11 H N N 165 
ILE HD12 H N N 166 
ILE HD13 H N N 167 
ILE HXT  H N N 168 
LEU N    N N N 169 
LEU CA   C N S 170 
LEU C    C N N 171 
LEU O    O N N 172 
LEU CB   C N N 173 
LEU CG   C N N 174 
LEU CD1  C N N 175 
LEU CD2  C N N 176 
LEU OXT  O N N 177 
LEU H    H N N 178 
LEU H2   H N N 179 
LEU HA   H N N 180 
LEU HB2  H N N 181 
LEU HB3  H N N 182 
LEU HG   H N N 183 
LEU HD11 H N N 184 
LEU HD12 H N N 185 
LEU HD13 H N N 186 
LEU HD21 H N N 187 
LEU HD22 H N N 188 
LEU HD23 H N N 189 
LEU HXT  H N N 190 
LYS N    N N N 191 
LYS CA   C N S 192 
LYS C    C N N 193 
LYS O    O N N 194 
LYS CB   C N N 195 
LYS CG   C N N 196 
LYS CD   C N N 197 
LYS CE   C N N 198 
LYS NZ   N N N 199 
LYS OXT  O N N 200 
LYS H    H N N 201 
LYS H2   H N N 202 
LYS HA   H N N 203 
LYS HB2  H N N 204 
LYS HB3  H N N 205 
LYS HG2  H N N 206 
LYS HG3  H N N 207 
LYS HD2  H N N 208 
LYS HD3  H N N 209 
LYS HE2  H N N 210 
LYS HE3  H N N 211 
LYS HZ1  H N N 212 
LYS HZ2  H N N 213 
LYS HZ3  H N N 214 
LYS HXT  H N N 215 
MET N    N N N 216 
MET CA   C N S 217 
MET C    C N N 218 
MET O    O N N 219 
MET CB   C N N 220 
MET CG   C N N 221 
MET SD   S N N 222 
MET CE   C N N 223 
MET OXT  O N N 224 
MET H    H N N 225 
MET H2   H N N 226 
MET HA   H N N 227 
MET HB2  H N N 228 
MET HB3  H N N 229 
MET HG2  H N N 230 
MET HG3  H N N 231 
MET HE1  H N N 232 
MET HE2  H N N 233 
MET HE3  H N N 234 
MET HXT  H N N 235 
PHE N    N N N 236 
PHE CA   C N S 237 
PHE C    C N N 238 
PHE O    O N N 239 
PHE CB   C N N 240 
PHE CG   C Y N 241 
PHE CD1  C Y N 242 
PHE CD2  C Y N 243 
PHE CE1  C Y N 244 
PHE CE2  C Y N 245 
PHE CZ   C Y N 246 
PHE OXT  O N N 247 
PHE H    H N N 248 
PHE H2   H N N 249 
PHE HA   H N N 250 
PHE HB2  H N N 251 
PHE HB3  H N N 252 
PHE HD1  H N N 253 
PHE HD2  H N N 254 
PHE HE1  H N N 255 
PHE HE2  H N N 256 
PHE HZ   H N N 257 
PHE HXT  H N N 258 
PRO N    N N N 259 
PRO CA   C N S 260 
PRO C    C N N 261 
PRO O    O N N 262 
PRO CB   C N N 263 
PRO CG   C N N 264 
PRO CD   C N N 265 
PRO OXT  O N N 266 
PRO H    H N N 267 
PRO HA   H N N 268 
PRO HB2  H N N 269 
PRO HB3  H N N 270 
PRO HG2  H N N 271 
PRO HG3  H N N 272 
PRO HD2  H N N 273 
PRO HD3  H N N 274 
PRO HXT  H N N 275 
SER N    N N N 276 
SER CA   C N S 277 
SER C    C N N 278 
SER O    O N N 279 
SER CB   C N N 280 
SER OG   O N N 281 
SER OXT  O N N 282 
SER H    H N N 283 
SER H2   H N N 284 
SER HA   H N N 285 
SER HB2  H N N 286 
SER HB3  H N N 287 
SER HG   H N N 288 
SER HXT  H N N 289 
THR N    N N N 290 
THR CA   C N S 291 
THR C    C N N 292 
THR O    O N N 293 
THR CB   C N R 294 
THR OG1  O N N 295 
THR CG2  C N N 296 
THR OXT  O N N 297 
THR H    H N N 298 
THR H2   H N N 299 
THR HA   H N N 300 
THR HB   H N N 301 
THR HG1  H N N 302 
THR HG21 H N N 303 
THR HG22 H N N 304 
THR HG23 H N N 305 
THR HXT  H N N 306 
TYR N    N N N 307 
TYR CA   C N S 308 
TYR C    C N N 309 
TYR O    O N N 310 
TYR CB   C N N 311 
TYR CG   C Y N 312 
TYR CD1  C Y N 313 
TYR CD2  C Y N 314 
TYR CE1  C Y N 315 
TYR CE2  C Y N 316 
TYR CZ   C Y N 317 
TYR OH   O N N 318 
TYR OXT  O N N 319 
TYR H    H N N 320 
TYR H2   H N N 321 
TYR HA   H N N 322 
TYR HB2  H N N 323 
TYR HB3  H N N 324 
TYR HD1  H N N 325 
TYR HD2  H N N 326 
TYR HE1  H N N 327 
TYR HE2  H N N 328 
TYR HH   H N N 329 
TYR HXT  H N N 330 
VAL N    N N N 331 
VAL CA   C N S 332 
VAL C    C N N 333 
VAL O    O N N 334 
VAL CB   C N N 335 
VAL CG1  C N N 336 
VAL CG2  C N N 337 
VAL OXT  O N N 338 
VAL H    H N N 339 
VAL H2   H N N 340 
VAL HA   H N N 341 
VAL HB   H N N 342 
VAL HG11 H N N 343 
VAL HG12 H N N 344 
VAL HG13 H N N 345 
VAL HG21 H N N 346 
VAL HG22 H N N 347 
VAL HG23 H N N 348 
VAL HXT  H N N 349 
# 
loop_
_chem_comp_bond.comp_id 
_chem_comp_bond.atom_id_1 
_chem_comp_bond.atom_id_2 
_chem_comp_bond.value_order 
_chem_comp_bond.pdbx_aromatic_flag 
_chem_comp_bond.pdbx_stereo_config 
_chem_comp_bond.pdbx_ordinal 
ALA N   CA   sing N N 1   
ALA N   H    sing N N 2   
ALA N   H2   sing N N 3   
ALA CA  C    sing N N 4   
ALA CA  CB   sing N N 5   
ALA CA  HA   sing N N 6   
ALA C   O    doub N N 7   
ALA C   OXT  sing N N 8   
ALA CB  HB1  sing N N 9   
ALA CB  HB2  sing N N 10  
ALA CB  HB3  sing N N 11  
ALA OXT HXT  sing N N 12  
ARG N   CA   sing N N 13  
ARG N   H    sing N N 14  
ARG N   H2   sing N N 15  
ARG CA  C    sing N N 16  
ARG CA  CB   sing N N 17  
ARG CA  HA   sing N N 18  
ARG C   O    doub N N 19  
ARG C   OXT  sing N N 20  
ARG CB  CG   sing N N 21  
ARG CB  HB2  sing N N 22  
ARG CB  HB3  sing N N 23  
ARG CG  CD   sing N N 24  
ARG CG  HG2  sing N N 25  
ARG CG  HG3  sing N N 26  
ARG CD  NE   sing N N 27  
ARG CD  HD2  sing N N 28  
ARG CD  HD3  sing N N 29  
ARG NE  CZ   sing N N 30  
ARG NE  HE   sing N N 31  
ARG CZ  NH1  sing N N 32  
ARG CZ  NH2  doub N N 33  
ARG NH1 HH11 sing N N 34  
ARG NH1 HH12 sing N N 35  
ARG NH2 HH21 sing N N 36  
ARG NH2 HH22 sing N N 37  
ARG OXT HXT  sing N N 38  
ASN N   CA   sing N N 39  
ASN N   H    sing N N 40  
ASN N   H2   sing N N 41  
ASN CA  C    sing N N 42  
ASN CA  CB   sing N N 43  
ASN CA  HA   sing N N 44  
ASN C   O    doub N N 45  
ASN C   OXT  sing N N 46  
ASN CB  CG   sing N N 47  
ASN CB  HB2  sing N N 48  
ASN CB  HB3  sing N N 49  
ASN CG  OD1  doub N N 50  
ASN CG  ND2  sing N N 51  
ASN ND2 HD21 sing N N 52  
ASN ND2 HD22 sing N N 53  
ASN OXT HXT  sing N N 54  
ASP N   CA   sing N N 55  
ASP N   H    sing N N 56  
ASP N   H2   sing N N 57  
ASP CA  C    sing N N 58  
ASP CA  CB   sing N N 59  
ASP CA  HA   sing N N 60  
ASP C   O    doub N N 61  
ASP C   OXT  sing N N 62  
ASP CB  CG   sing N N 63  
ASP CB  HB2  sing N N 64  
ASP CB  HB3  sing N N 65  
ASP CG  OD1  doub N N 66  
ASP CG  OD2  sing N N 67  
ASP OD2 HD2  sing N N 68  
ASP OXT HXT  sing N N 69  
GLN N   CA   sing N N 70  
GLN N   H    sing N N 71  
GLN N   H2   sing N N 72  
GLN CA  C    sing N N 73  
GLN CA  CB   sing N N 74  
GLN CA  HA   sing N N 75  
GLN C   O    doub N N 76  
GLN C   OXT  sing N N 77  
GLN CB  CG   sing N N 78  
GLN CB  HB2  sing N N 79  
GLN CB  HB3  sing N N 80  
GLN CG  CD   sing N N 81  
GLN CG  HG2  sing N N 82  
GLN CG  HG3  sing N N 83  
GLN CD  OE1  doub N N 84  
GLN CD  NE2  sing N N 85  
GLN NE2 HE21 sing N N 86  
GLN NE2 HE22 sing N N 87  
GLN OXT HXT  sing N N 88  
GLU N   CA   sing N N 89  
GLU N   H    sing N N 90  
GLU N   H2   sing N N 91  
GLU CA  C    sing N N 92  
GLU CA  CB   sing N N 93  
GLU CA  HA   sing N N 94  
GLU C   O    doub N N 95  
GLU C   OXT  sing N N 96  
GLU CB  CG   sing N N 97  
GLU CB  HB2  sing N N 98  
GLU CB  HB3  sing N N 99  
GLU CG  CD   sing N N 100 
GLU CG  HG2  sing N N 101 
GLU CG  HG3  sing N N 102 
GLU CD  OE1  doub N N 103 
GLU CD  OE2  sing N N 104 
GLU OE2 HE2  sing N N 105 
GLU OXT HXT  sing N N 106 
GLY N   CA   sing N N 107 
GLY N   H    sing N N 108 
GLY N   H2   sing N N 109 
GLY CA  C    sing N N 110 
GLY CA  HA2  sing N N 111 
GLY CA  HA3  sing N N 112 
GLY C   O    doub N N 113 
GLY C   OXT  sing N N 114 
GLY OXT HXT  sing N N 115 
HIS N   CA   sing N N 116 
HIS N   H    sing N N 117 
HIS N   H2   sing N N 118 
HIS CA  C    sing N N 119 
HIS CA  CB   sing N N 120 
HIS CA  HA   sing N N 121 
HIS C   O    doub N N 122 
HIS C   OXT  sing N N 123 
HIS CB  CG   sing N N 124 
HIS CB  HB2  sing N N 125 
HIS CB  HB3  sing N N 126 
HIS CG  ND1  sing Y N 127 
HIS CG  CD2  doub Y N 128 
HIS ND1 CE1  doub Y N 129 
HIS ND1 HD1  sing N N 130 
HIS CD2 NE2  sing Y N 131 
HIS CD2 HD2  sing N N 132 
HIS CE1 NE2  sing Y N 133 
HIS CE1 HE1  sing N N 134 
HIS NE2 HE2  sing N N 135 
HIS OXT HXT  sing N N 136 
HOH O   H1   sing N N 137 
HOH O   H2   sing N N 138 
ILE N   CA   sing N N 139 
ILE N   H    sing N N 140 
ILE N   H2   sing N N 141 
ILE CA  C    sing N N 142 
ILE CA  CB   sing N N 143 
ILE CA  HA   sing N N 144 
ILE C   O    doub N N 145 
ILE C   OXT  sing N N 146 
ILE CB  CG1  sing N N 147 
ILE CB  CG2  sing N N 148 
ILE CB  HB   sing N N 149 
ILE CG1 CD1  sing N N 150 
ILE CG1 HG12 sing N N 151 
ILE CG1 HG13 sing N N 152 
ILE CG2 HG21 sing N N 153 
ILE CG2 HG22 sing N N 154 
ILE CG2 HG23 sing N N 155 
ILE CD1 HD11 sing N N 156 
ILE CD1 HD12 sing N N 157 
ILE CD1 HD13 sing N N 158 
ILE OXT HXT  sing N N 159 
LEU N   CA   sing N N 160 
LEU N   H    sing N N 161 
LEU N   H2   sing N N 162 
LEU CA  C    sing N N 163 
LEU CA  CB   sing N N 164 
LEU CA  HA   sing N N 165 
LEU C   O    doub N N 166 
LEU C   OXT  sing N N 167 
LEU CB  CG   sing N N 168 
LEU CB  HB2  sing N N 169 
LEU CB  HB3  sing N N 170 
LEU CG  CD1  sing N N 171 
LEU CG  CD2  sing N N 172 
LEU CG  HG   sing N N 173 
LEU CD1 HD11 sing N N 174 
LEU CD1 HD12 sing N N 175 
LEU CD1 HD13 sing N N 176 
LEU CD2 HD21 sing N N 177 
LEU CD2 HD22 sing N N 178 
LEU CD2 HD23 sing N N 179 
LEU OXT HXT  sing N N 180 
LYS N   CA   sing N N 181 
LYS N   H    sing N N 182 
LYS N   H2   sing N N 183 
LYS CA  C    sing N N 184 
LYS CA  CB   sing N N 185 
LYS CA  HA   sing N N 186 
LYS C   O    doub N N 187 
LYS C   OXT  sing N N 188 
LYS CB  CG   sing N N 189 
LYS CB  HB2  sing N N 190 
LYS CB  HB3  sing N N 191 
LYS CG  CD   sing N N 192 
LYS CG  HG2  sing N N 193 
LYS CG  HG3  sing N N 194 
LYS CD  CE   sing N N 195 
LYS CD  HD2  sing N N 196 
LYS CD  HD3  sing N N 197 
LYS CE  NZ   sing N N 198 
LYS CE  HE2  sing N N 199 
LYS CE  HE3  sing N N 200 
LYS NZ  HZ1  sing N N 201 
LYS NZ  HZ2  sing N N 202 
LYS NZ  HZ3  sing N N 203 
LYS OXT HXT  sing N N 204 
MET N   CA   sing N N 205 
MET N   H    sing N N 206 
MET N   H2   sing N N 207 
MET CA  C    sing N N 208 
MET CA  CB   sing N N 209 
MET CA  HA   sing N N 210 
MET C   O    doub N N 211 
MET C   OXT  sing N N 212 
MET CB  CG   sing N N 213 
MET CB  HB2  sing N N 214 
MET CB  HB3  sing N N 215 
MET CG  SD   sing N N 216 
MET CG  HG2  sing N N 217 
MET CG  HG3  sing N N 218 
MET SD  CE   sing N N 219 
MET CE  HE1  sing N N 220 
MET CE  HE2  sing N N 221 
MET CE  HE3  sing N N 222 
MET OXT HXT  sing N N 223 
PHE N   CA   sing N N 224 
PHE N   H    sing N N 225 
PHE N   H2   sing N N 226 
PHE CA  C    sing N N 227 
PHE CA  CB   sing N N 228 
PHE CA  HA   sing N N 229 
PHE C   O    doub N N 230 
PHE C   OXT  sing N N 231 
PHE CB  CG   sing N N 232 
PHE CB  HB2  sing N N 233 
PHE CB  HB3  sing N N 234 
PHE CG  CD1  doub Y N 235 
PHE CG  CD2  sing Y N 236 
PHE CD1 CE1  sing Y N 237 
PHE CD1 HD1  sing N N 238 
PHE CD2 CE2  doub Y N 239 
PHE CD2 HD2  sing N N 240 
PHE CE1 CZ   doub Y N 241 
PHE CE1 HE1  sing N N 242 
PHE CE2 CZ   sing Y N 243 
PHE CE2 HE2  sing N N 244 
PHE CZ  HZ   sing N N 245 
PHE OXT HXT  sing N N 246 
PRO N   CA   sing N N 247 
PRO N   CD   sing N N 248 
PRO N   H    sing N N 249 
PRO CA  C    sing N N 250 
PRO CA  CB   sing N N 251 
PRO CA  HA   sing N N 252 
PRO C   O    doub N N 253 
PRO C   OXT  sing N N 254 
PRO CB  CG   sing N N 255 
PRO CB  HB2  sing N N 256 
PRO CB  HB3  sing N N 257 
PRO CG  CD   sing N N 258 
PRO CG  HG2  sing N N 259 
PRO CG  HG3  sing N N 260 
PRO CD  HD2  sing N N 261 
PRO CD  HD3  sing N N 262 
PRO OXT HXT  sing N N 263 
SER N   CA   sing N N 264 
SER N   H    sing N N 265 
SER N   H2   sing N N 266 
SER CA  C    sing N N 267 
SER CA  CB   sing N N 268 
SER CA  HA   sing N N 269 
SER C   O    doub N N 270 
SER C   OXT  sing N N 271 
SER CB  OG   sing N N 272 
SER CB  HB2  sing N N 273 
SER CB  HB3  sing N N 274 
SER OG  HG   sing N N 275 
SER OXT HXT  sing N N 276 
THR N   CA   sing N N 277 
THR N   H    sing N N 278 
THR N   H2   sing N N 279 
THR CA  C    sing N N 280 
THR CA  CB   sing N N 281 
THR CA  HA   sing N N 282 
THR C   O    doub N N 283 
THR C   OXT  sing N N 284 
THR CB  OG1  sing N N 285 
THR CB  CG2  sing N N 286 
THR CB  HB   sing N N 287 
THR OG1 HG1  sing N N 288 
THR CG2 HG21 sing N N 289 
THR CG2 HG22 sing N N 290 
THR CG2 HG23 sing N N 291 
THR OXT HXT  sing N N 292 
TYR N   CA   sing N N 293 
TYR N   H    sing N N 294 
TYR N   H2   sing N N 295 
TYR CA  C    sing N N 296 
TYR CA  CB   sing N N 297 
TYR CA  HA   sing N N 298 
TYR C   O    doub N N 299 
TYR C   OXT  sing N N 300 
TYR CB  CG   sing N N 301 
TYR CB  HB2  sing N N 302 
TYR CB  HB3  sing N N 303 
TYR CG  CD1  doub Y N 304 
TYR CG  CD2  sing Y N 305 
TYR CD1 CE1  sing Y N 306 
TYR CD1 HD1  sing N N 307 
TYR CD2 CE2  doub Y N 308 
TYR CD2 HD2  sing N N 309 
TYR CE1 CZ   doub Y N 310 
TYR CE1 HE1  sing N N 311 
TYR CE2 CZ   sing Y N 312 
TYR CE2 HE2  sing N N 313 
TYR CZ  OH   sing N N 314 
TYR OH  HH   sing N N 315 
TYR OXT HXT  sing N N 316 
VAL N   CA   sing N N 317 
VAL N   H    sing N N 318 
VAL N   H2   sing N N 319 
VAL CA  C    sing N N 320 
VAL CA  CB   sing N N 321 
VAL CA  HA   sing N N 322 
VAL C   O    doub N N 323 
VAL C   OXT  sing N N 324 
VAL CB  CG1  sing N N 325 
VAL CB  CG2  sing N N 326 
VAL CB  HB   sing N N 327 
VAL CG1 HG11 sing N N 328 
VAL CG1 HG12 sing N N 329 
VAL CG1 HG13 sing N N 330 
VAL CG2 HG21 sing N N 331 
VAL CG2 HG22 sing N N 332 
VAL CG2 HG23 sing N N 333 
VAL OXT HXT  sing N N 334 
# 
_atom_sites.entry_id                    2YY0 
_atom_sites.fract_transf_matrix[1][1]   -0.00433442 
_atom_sites.fract_transf_matrix[1][2]   0.01806628 
_atom_sites.fract_transf_matrix[1][3]   0.00545554 
_atom_sites.fract_transf_matrix[2][1]   0.01360981 
_atom_sites.fract_transf_matrix[2][2]   0.01376693 
_atom_sites.fract_transf_matrix[2][3]   -0.00041316 
_atom_sites.fract_transf_matrix[3][1]   -0.00130506 
_atom_sites.fract_transf_matrix[3][2]   0.00114523 
_atom_sites.fract_transf_matrix[3][3]   -0.00482936 
_atom_sites.fract_transf_vector[1]      0.307030 
_atom_sites.fract_transf_vector[2]      0.389686 
_atom_sites.fract_transf_vector[3]      0.394659 
# 
loop_
_atom_type.symbol 
C 
N 
O 
S 
# 
loop_
_atom_site.group_PDB 
_atom_site.id 
_atom_site.type_symbol 
_atom_site.label_atom_id 
_atom_site.label_alt_id 
_atom_site.label_comp_id 
_atom_site.label_asym_id 
_atom_site.label_entity_id 
_atom_site.label_seq_id 
_atom_site.pdbx_PDB_ins_code 
_atom_site.Cartn_x 
_atom_site.Cartn_y 
_atom_site.Cartn_z 
_atom_site.occupancy 
_atom_site.B_iso_or_equiv 
_atom_site.pdbx_formal_charge 
_atom_site.auth_seq_id 
_atom_site.auth_comp_id 
_atom_site.auth_asym_id 
_atom_site.auth_atom_id 
_atom_site.pdbx_PDB_model_num 
ATOM   1    N N   . PRO A 1 16 ? -5.697  -5.846  -9.666  1.00 74.07  ? 57  PRO A N   1 
ATOM   2    C CA  . PRO A 1 16 ? -6.580  -4.762  -10.177 1.00 73.05  ? 57  PRO A CA  1 
ATOM   3    C C   . PRO A 1 16 ? -6.285  -3.437  -9.480  1.00 71.61  ? 57  PRO A C   1 
ATOM   4    O O   . PRO A 1 16 ? -6.092  -3.406  -8.272  1.00 71.25  ? 57  PRO A O   1 
ATOM   5    C CB  . PRO A 1 16 ? -8.018  -5.199  -9.911  1.00 74.07  ? 57  PRO A CB  1 
ATOM   6    C CG  . PRO A 1 16 ? -7.870  -6.740  -9.854  1.00 74.38  ? 57  PRO A CG  1 
ATOM   7    C CD  . PRO A 1 16 ? -6.510  -6.978  -9.176  1.00 74.23  ? 57  PRO A CD  1 
ATOM   8    N N   . GLU A 1 17 ? -6.252  -2.346  -10.242 1.00 72.19  ? 58  GLU A N   1 
ATOM   9    C CA  . GLU A 1 17 ? -5.987  -1.012  -9.680  1.00 71.04  ? 58  GLU A CA  1 
ATOM   10   C C   . GLU A 1 17 ? -7.188  -0.489  -8.879  1.00 68.71  ? 58  GLU A C   1 
ATOM   11   O O   . GLU A 1 17 ? -7.713  0.604   -9.134  1.00 68.59  ? 58  GLU A O   1 
ATOM   12   C CB  . GLU A 1 17 ? -5.634  -0.009  -10.787 1.00 73.34  ? 58  GLU A CB  1 
ATOM   13   C CG  . GLU A 1 17 ? -4.350  -0.324  -11.554 1.00 75.99  ? 58  GLU A CG  1 
ATOM   14   C CD  . GLU A 1 17 ? -3.110  -0.286  -10.678 1.00 78.02  ? 58  GLU A CD  1 
ATOM   15   O OE1 . GLU A 1 17 ? -1.995  -0.412  -11.225 1.00 77.73  ? 58  GLU A OE1 1 
ATOM   16   O OE2 . GLU A 1 17 ? -3.242  -0.136  -9.446  1.00 78.85  ? 58  GLU A OE2 1 
ATOM   17   N N   . ASN A 1 18 ? -7.611  -1.291  -7.910  1.00 64.36  ? 59  ASN A N   1 
ATOM   18   C CA  . ASN A 1 18 ? -8.723  -0.961  -7.036  1.00 59.97  ? 59  ASN A CA  1 
ATOM   19   C C   . ASN A 1 18 ? -8.088  -0.581  -5.713  1.00 55.94  ? 59  ASN A C   1 
ATOM   20   O O   . ASN A 1 18 ? -7.207  -1.281  -5.221  1.00 55.27  ? 59  ASN A O   1 
ATOM   21   C CB  . ASN A 1 18 ? -9.629  -2.193  -6.861  1.00 60.42  ? 59  ASN A CB  1 
ATOM   22   C CG  . ASN A 1 18 ? -10.734 -1.993  -5.822  1.00 59.65  ? 59  ASN A CG  1 
ATOM   23   O OD1 . ASN A 1 18 ? -11.610 -2.840  -5.687  1.00 60.52  ? 59  ASN A OD1 1 
ATOM   24   N ND2 . ASN A 1 18 ? -10.692 -0.889  -5.087  1.00 60.04  ? 59  ASN A ND2 1 
ATOM   25   N N   . PRO A 1 19 ? -8.500  0.553   -5.139  1.00 52.70  ? 60  PRO A N   1 
ATOM   26   C CA  . PRO A 1 19 ? -7.920  0.954   -3.862  1.00 51.03  ? 60  PRO A CA  1 
ATOM   27   C C   . PRO A 1 19 ? -8.115  -0.105  -2.765  1.00 49.95  ? 60  PRO A C   1 
ATOM   28   O O   . PRO A 1 19 ? -7.166  -0.451  -2.063  1.00 50.18  ? 60  PRO A O   1 
ATOM   29   C CB  . PRO A 1 19 ? -8.631  2.271   -3.579  1.00 51.56  ? 60  PRO A CB  1 
ATOM   30   C CG  . PRO A 1 19 ? -8.786  2.845   -4.968  1.00 48.11  ? 60  PRO A CG  1 
ATOM   31   C CD  . PRO A 1 19 ? -9.283  1.655   -5.727  1.00 52.00  ? 60  PRO A CD  1 
ATOM   32   N N   . GLU A 1 20 ? -9.320  -0.651  -2.639  1.00 49.33  ? 61  GLU A N   1 
ATOM   33   C CA  . GLU A 1 20 ? -9.581  -1.665  -1.612  1.00 48.44  ? 61  GLU A CA  1 
ATOM   34   C C   . GLU A 1 20 ? -8.720  -2.923  -1.762  1.00 45.12  ? 61  GLU A C   1 
ATOM   35   O O   . GLU A 1 20 ? -8.210  -3.468  -0.778  1.00 44.82  ? 61  GLU A O   1 
ATOM   36   C CB  . GLU A 1 20 ? -11.058 -2.059  -1.615  1.00 52.04  ? 61  GLU A CB  1 
ATOM   37   C CG  . GLU A 1 20 ? -11.434 -2.985  -0.473  1.00 56.72  ? 61  GLU A CG  1 
ATOM   38   C CD  . GLU A 1 20 ? -10.959 -2.448  0.870   1.00 63.16  ? 61  GLU A CD  1 
ATOM   39   O OE1 . GLU A 1 20 ? -11.152 -1.233  1.120   1.00 65.37  ? 61  GLU A OE1 1 
ATOM   40   O OE2 . GLU A 1 20 ? -10.399 -3.236  1.670   1.00 62.67  ? 61  GLU A OE2 1 
ATOM   41   N N   . ILE A 1 21 ? -8.581  -3.389  -2.996  1.00 41.67  ? 62  ILE A N   1 
ATOM   42   C CA  . ILE A 1 21 ? -7.774  -4.559  -3.302  1.00 37.81  ? 62  ILE A CA  1 
ATOM   43   C C   . ILE A 1 21 ? -6.302  -4.272  -2.995  1.00 37.74  ? 62  ILE A C   1 
ATOM   44   O O   . ILE A 1 21 ? -5.643  -5.056  -2.299  1.00 37.01  ? 62  ILE A O   1 
ATOM   45   C CB  . ILE A 1 21 ? -7.961  -4.941  -4.788  1.00 39.28  ? 62  ILE A CB  1 
ATOM   46   C CG1 . ILE A 1 21 ? -9.323  -5.627  -4.941  1.00 40.05  ? 62  ILE A CG1 1 
ATOM   47   C CG2 . ILE A 1 21 ? -6.788  -5.798  -5.301  1.00 35.39  ? 62  ILE A CG2 1 
ATOM   48   C CD1 . ILE A 1 21 ? -9.758  -5.877  -6.368  1.00 43.78  ? 62  ILE A CD1 1 
ATOM   49   N N   . GLU A 1 22 ? -5.794  -3.144  -3.500  1.00 36.15  ? 63  GLU A N   1 
ATOM   50   C CA  . GLU A 1 22 ? -4.414  -2.751  -3.264  1.00 34.68  ? 63  GLU A CA  1 
ATOM   51   C C   . GLU A 1 22 ? -4.149  -2.562  -1.778  1.00 35.37  ? 63  GLU A C   1 
ATOM   52   O O   . GLU A 1 22 ? -3.070  -2.899  -1.302  1.00 35.26  ? 63  GLU A O   1 
ATOM   53   C CB  . GLU A 1 22 ? -4.076  -1.454  -4.014  1.00 39.20  ? 63  GLU A CB  1 
ATOM   54   C CG  . GLU A 1 22 ? -3.906  -1.605  -5.524  1.00 41.17  ? 63  GLU A CG  1 
ATOM   55   C CD  . GLU A 1 22 ? -3.179  -2.892  -5.931  1.00 46.52  ? 63  GLU A CD  1 
ATOM   56   O OE1 . GLU A 1 22 ? -2.226  -3.321  -5.235  1.00 49.28  ? 63  GLU A OE1 1 
ATOM   57   O OE2 . GLU A 1 22 ? -3.560  -3.474  -6.966  1.00 48.31  ? 63  GLU A OE2 1 
ATOM   58   N N   . LEU A 1 23 ? -5.119  -2.014  -1.046  1.00 34.09  ? 64  LEU A N   1 
ATOM   59   C CA  . LEU A 1 23 ? -4.971  -1.826  0.406   1.00 35.24  ? 64  LEU A CA  1 
ATOM   60   C C   . LEU A 1 23 ? -4.809  -3.225  1.034   1.00 36.63  ? 64  LEU A C   1 
ATOM   61   O O   . LEU A 1 23 ? -3.913  -3.463  1.853   1.00 37.73  ? 64  LEU A O   1 
ATOM   62   C CB  . LEU A 1 23 ? -6.216  -1.128  1.002   1.00 35.11  ? 64  LEU A CB  1 
ATOM   63   C CG  . LEU A 1 23 ? -6.242  -0.795  2.505   1.00 35.33  ? 64  LEU A CG  1 
ATOM   64   C CD1 . LEU A 1 23 ? -7.581  -0.221  2.885   1.00 37.14  ? 64  LEU A CD1 1 
ATOM   65   C CD2 . LEU A 1 23 ? -6.023  -2.036  3.324   1.00 41.02  ? 64  LEU A CD2 1 
ATOM   66   N N   . LEU A 1 24 ? -5.677  -4.150  0.657   1.00 35.01  ? 65  LEU A N   1 
ATOM   67   C CA  . LEU A 1 24 ? -5.555  -5.509  1.184   1.00 36.73  ? 65  LEU A CA  1 
ATOM   68   C C   . LEU A 1 24 ? -4.190  -6.115  0.870   1.00 35.26  ? 65  LEU A C   1 
ATOM   69   O O   . LEU A 1 24 ? -3.629  -6.828  1.697   1.00 35.00  ? 65  LEU A O   1 
ATOM   70   C CB  . LEU A 1 24 ? -6.639  -6.411  0.600   1.00 35.24  ? 65  LEU A CB  1 
ATOM   71   C CG  . LEU A 1 24 ? -7.788  -6.800  1.523   1.00 39.11  ? 65  LEU A CG  1 
ATOM   72   C CD1 . LEU A 1 24 ? -8.225  -5.638  2.374   1.00 39.81  ? 65  LEU A CD1 1 
ATOM   73   C CD2 . LEU A 1 24 ? -8.937  -7.302  0.669   1.00 40.61  ? 65  LEU A CD2 1 
ATOM   74   N N   . ARG A 1 25 ? -3.657  -5.847  -0.322  1.00 35.13  ? 66  ARG A N   1 
ATOM   75   C CA  . ARG A 1 25 ? -2.357  -6.416  -0.671  1.00 36.92  ? 66  ARG A CA  1 
ATOM   76   C C   . ARG A 1 25 ? -1.272  -5.801  0.182   1.00 36.41  ? 66  ARG A C   1 
ATOM   77   O O   . ARG A 1 25 ? -0.277  -6.453  0.490   1.00 38.76  ? 66  ARG A O   1 
ATOM   78   C CB  . ARG A 1 25 ? -2.011  -6.185  -2.141  1.00 34.71  ? 66  ARG A CB  1 
ATOM   79   C CG  . ARG A 1 25 ? -2.821  -6.982  -3.119  1.00 37.50  ? 66  ARG A CG  1 
ATOM   80   C CD  . ARG A 1 25 ? -2.290  -6.728  -4.533  1.00 43.71  ? 66  ARG A CD  1 
ATOM   81   N NE  . ARG A 1 25 ? -3.227  -7.171  -5.557  1.00 46.91  ? 66  ARG A NE  1 
ATOM   82   C CZ  . ARG A 1 25 ? -3.511  -8.443  -5.810  1.00 49.94  ? 66  ARG A CZ  1 
ATOM   83   N NH1 . ARG A 1 25 ? -2.920  -9.411  -5.117  1.00 50.37  ? 66  ARG A NH1 1 
ATOM   84   N NH2 . ARG A 1 25 ? -4.409  -8.745  -6.740  1.00 49.18  ? 66  ARG A NH2 1 
ATOM   85   N N   . LEU A 1 26 ? -1.470  -4.546  0.570   1.00 37.87  ? 67  LEU A N   1 
ATOM   86   C CA  . LEU A 1 26 ? -0.492  -3.846  1.393   1.00 38.76  ? 67  LEU A CA  1 
ATOM   87   C C   . LEU A 1 26 ? -0.468  -4.439  2.798   1.00 36.01  ? 67  LEU A C   1 
ATOM   88   O O   . LEU A 1 26 ? 0.595   -4.629  3.386   1.00 36.97  ? 67  LEU A O   1 
ATOM   89   C CB  . LEU A 1 26 ? -0.799  -2.343  1.438   1.00 37.40  ? 67  LEU A CB  1 
ATOM   90   C CG  . LEU A 1 26 ? 0.060   -1.517  2.401   1.00 38.76  ? 67  LEU A CG  1 
ATOM   91   C CD1 . LEU A 1 26 ? 1.546   -1.783  2.129   1.00 35.17  ? 67  LEU A CD1 1 
ATOM   92   C CD2 . LEU A 1 26 ? -0.269  -0.027  2.236   1.00 39.00  ? 67  LEU A CD2 1 
ATOM   93   N N   . GLU A 1 27 ? -1.636  -4.744  3.329   1.00 36.84  ? 68  GLU A N   1 
ATOM   94   C CA  . GLU A 1 27 ? -1.726  -5.354  4.651   1.00 38.54  ? 68  GLU A CA  1 
ATOM   95   C C   . GLU A 1 27 ? -1.149  -6.763  4.594   1.00 35.54  ? 68  GLU A C   1 
ATOM   96   O O   . GLU A 1 27 ? -0.425  -7.172  5.492   1.00 35.06  ? 68  GLU A O   1 
ATOM   97   C CB  . GLU A 1 27 ? -3.176  -5.419  5.121   1.00 39.15  ? 68  GLU A CB  1 
ATOM   98   C CG  . GLU A 1 27 ? -3.704  -4.123  5.705   1.00 43.17  ? 68  GLU A CG  1 
ATOM   99   C CD  . GLU A 1 27 ? -5.222  -4.066  5.683   1.00 48.03  ? 68  GLU A CD  1 
ATOM   100  O OE1 . GLU A 1 27 ? -5.844  -5.006  5.145   1.00 49.11  ? 68  GLU A OE1 1 
ATOM   101  O OE2 . GLU A 1 27 ? -5.796  -3.081  6.189   1.00 51.67  ? 68  GLU A OE2 1 
ATOM   102  N N   . LEU A 1 28 ? -1.447  -7.498  3.532   1.00 33.15  ? 69  LEU A N   1 
ATOM   103  C CA  . LEU A 1 28 ? -0.912  -8.861  3.426   1.00 36.17  ? 69  LEU A CA  1 
ATOM   104  C C   . LEU A 1 28 ? 0.623   -8.825  3.406   1.00 35.14  ? 69  LEU A C   1 
ATOM   105  O O   . LEU A 1 28 ? 1.296   -9.621  4.066   1.00 34.37  ? 69  LEU A O   1 
ATOM   106  C CB  . LEU A 1 28 ? -1.449  -9.538  2.162   1.00 34.25  ? 69  LEU A CB  1 
ATOM   107  C CG  . LEU A 1 28 ? -1.053  -10.993 1.924   1.00 38.43  ? 69  LEU A CG  1 
ATOM   108  C CD1 . LEU A 1 28 ? -1.380  -11.823 3.167   1.00 36.80  ? 69  LEU A CD1 1 
ATOM   109  C CD2 . LEU A 1 28 ? -1.754  -11.526 0.665   1.00 33.22  ? 69  LEU A CD2 1 
ATOM   110  N N   . ALA A 1 29 ? 1.164   -7.863  2.673   1.00 36.01  ? 70  ALA A N   1 
ATOM   111  C CA  . ALA A 1 29 ? 2.608   -7.699  2.557   1.00 35.76  ? 70  ALA A CA  1 
ATOM   112  C C   . ALA A 1 29 ? 3.260   -7.305  3.878   1.00 35.97  ? 70  ALA A C   1 
ATOM   113  O O   . ALA A 1 29 ? 4.385   -7.718  4.166   1.00 35.45  ? 70  ALA A O   1 
ATOM   114  C CB  . ALA A 1 29 ? 2.912   -6.652  1.482   1.00 37.16  ? 70  ALA A CB  1 
ATOM   115  N N   . GLU A 1 30 ? 2.560   -6.496  4.673   1.00 37.95  ? 71  GLU A N   1 
ATOM   116  C CA  . GLU A 1 30 ? 3.063   -6.055  5.977   1.00 40.22  ? 71  GLU A CA  1 
ATOM   117  C C   . GLU A 1 30 ? 3.093   -7.215  6.964   1.00 40.17  ? 71  GLU A C   1 
ATOM   118  O O   . GLU A 1 30 ? 4.078   -7.413  7.682   1.00 38.36  ? 71  GLU A O   1 
ATOM   119  C CB  . GLU A 1 30 ? 2.180   -4.951  6.567   1.00 43.44  ? 71  GLU A CB  1 
ATOM   120  C CG  . GLU A 1 30 ? 2.501   -3.553  6.083   1.00 51.21  ? 71  GLU A CG  1 
ATOM   121  C CD  . GLU A 1 30 ? 1.829   -2.493  6.935   1.00 56.18  ? 71  GLU A CD  1 
ATOM   122  O OE1 . GLU A 1 30 ? 0.597   -2.311  6.806   1.00 59.96  ? 71  GLU A OE1 1 
ATOM   123  O OE2 . GLU A 1 30 ? 2.530   -1.848  7.747   1.00 57.24  ? 71  GLU A OE2 1 
ATOM   124  N N   . MET A 1 31 ? 1.992   -7.959  7.015   1.00 39.00  ? 72  MET A N   1 
ATOM   125  C CA  . MET A 1 31 ? 1.899   -9.112  7.910   1.00 40.63  ? 72  MET A CA  1 
ATOM   126  C C   . MET A 1 31 ? 2.994   -10.116 7.558   1.00 39.50  ? 72  MET A C   1 
ATOM   127  O O   . MET A 1 31 ? 3.562   -10.747 8.436   1.00 41.65  ? 72  MET A O   1 
ATOM   128  C CB  . MET A 1 31 ? 0.526   -9.796  7.787   1.00 39.44  ? 72  MET A CB  1 
ATOM   129  C CG  . MET A 1 31 ? 0.288   -10.921 8.811   1.00 38.27  ? 72  MET A CG  1 
ATOM   130  S SD  . MET A 1 31 ? 0.346   -10.341 10.539  1.00 38.28  ? 72  MET A SD  1 
ATOM   131  C CE  . MET A 1 31 ? -1.314  -9.820  10.761  1.00 42.70  ? 72  MET A CE  1 
ATOM   132  N N   . LYS A 1 32 ? 3.284   -10.250 6.272   1.00 39.62  ? 73  LYS A N   1 
ATOM   133  C CA  . LYS A 1 32 ? 4.298   -11.183 5.823   1.00 44.10  ? 73  LYS A CA  1 
ATOM   134  C C   . LYS A 1 32 ? 5.688   -10.684 6.235   1.00 45.80  ? 73  LYS A C   1 
ATOM   135  O O   . LYS A 1 32 ? 6.566   -11.475 6.570   1.00 46.73  ? 73  LYS A O   1 
ATOM   136  C CB  . LYS A 1 32 ? 4.223   -11.338 4.302   1.00 44.82  ? 73  LYS A CB  1 
ATOM   137  C CG  . LYS A 1 32 ? 4.650   -12.709 3.789   1.00 50.36  ? 73  LYS A CG  1 
ATOM   138  C CD  . LYS A 1 32 ? 6.061   -13.094 4.256   1.00 53.95  ? 73  LYS A CD  1 
ATOM   139  C CE  . LYS A 1 32 ? 6.425   -14.550 3.900   1.00 53.56  ? 73  LYS A CE  1 
ATOM   140  N NZ  . LYS A 1 32 ? 6.466   -14.804 2.426   1.00 54.23  ? 73  LYS A NZ  1 
ATOM   141  N N   . GLU A 1 33 ? 5.879   -9.368  6.205   1.00 47.85  ? 74  GLU A N   1 
ATOM   142  C CA  . GLU A 1 33 ? 7.149   -8.769  6.582   1.00 47.88  ? 74  GLU A CA  1 
ATOM   143  C C   . GLU A 1 33 ? 7.319   -8.929  8.085   1.00 47.06  ? 74  GLU A C   1 
ATOM   144  O O   . GLU A 1 33 ? 8.423   -9.173  8.566   1.00 44.70  ? 74  GLU A O   1 
ATOM   145  C CB  . GLU A 1 33 ? 7.170   -7.287  6.210   1.00 51.50  ? 74  GLU A CB  1 
ATOM   146  C CG  . GLU A 1 33 ? 8.491   -6.578  6.493   1.00 56.67  ? 74  GLU A CG  1 
ATOM   147  C CD  . GLU A 1 33 ? 8.325   -5.061  6.616   1.00 62.71  ? 74  GLU A CD  1 
ATOM   148  O OE1 . GLU A 1 33 ? 7.559   -4.621  7.510   1.00 65.72  ? 74  GLU A OE1 1 
ATOM   149  O OE2 . GLU A 1 33 ? 8.954   -4.310  5.832   1.00 62.81  ? 74  GLU A OE2 1 
ATOM   150  N N   . LYS A 1 34 ? 6.231   -8.788  8.834   1.00 47.21  ? 75  LYS A N   1 
ATOM   151  C CA  . LYS A 1 34 ? 6.303   -8.954  10.283  1.00 49.40  ? 75  LYS A CA  1 
ATOM   152  C C   . LYS A 1 34 ? 6.584   -10.422 10.593  1.00 50.96  ? 75  LYS A C   1 
ATOM   153  O O   . LYS A 1 34 ? 7.184   -10.756 11.609  1.00 53.68  ? 75  LYS A O   1 
ATOM   154  C CB  . LYS A 1 34 ? 4.989   -8.557  10.954  1.00 48.23  ? 75  LYS A CB  1 
ATOM   155  C CG  . LYS A 1 34 ? 4.743   -7.062  11.072  1.00 49.07  ? 75  LYS A CG  1 
ATOM   156  C CD  . LYS A 1 34 ? 3.339   -6.773  11.606  1.00 49.35  ? 75  LYS A CD  1 
ATOM   157  C CE  . LYS A 1 34 ? 3.098   -7.436  12.957  1.00 51.41  ? 75  LYS A CE  1 
ATOM   158  N NZ  . LYS A 1 34 ? 1.692   -7.263  13.432  1.00 51.78  ? 75  LYS A NZ  1 
ATOM   159  N N   . TYR A 1 35 ? 6.159   -11.301 9.705   1.00 50.40  ? 76  TYR A N   1 
ATOM   160  C CA  . TYR A 1 35 ? 6.364   -12.713 9.932   1.00 51.38  ? 76  TYR A CA  1 
ATOM   161  C C   . TYR A 1 35 ? 7.761   -13.163 9.588   1.00 52.35  ? 76  TYR A C   1 
ATOM   162  O O   . TYR A 1 35 ? 8.304   -14.039 10.248  1.00 52.54  ? 76  TYR A O   1 
ATOM   163  C CB  . TYR A 1 35 ? 5.340   -13.518 9.146   1.00 47.85  ? 76  TYR A CB  1 
ATOM   164  C CG  . TYR A 1 35 ? 5.643   -14.988 9.095   1.00 46.30  ? 76  TYR A CG  1 
ATOM   165  C CD1 . TYR A 1 35 ? 6.444   -15.515 8.081   1.00 47.38  ? 76  TYR A CD1 1 
ATOM   166  C CD2 . TYR A 1 35 ? 5.124   -15.857 10.048  1.00 43.60  ? 76  TYR A CD2 1 
ATOM   167  C CE1 . TYR A 1 35 ? 6.714   -16.868 8.015   1.00 45.92  ? 76  TYR A CE1 1 
ATOM   168  C CE2 . TYR A 1 35 ? 5.387   -17.215 9.991   1.00 44.23  ? 76  TYR A CE2 1 
ATOM   169  C CZ  . TYR A 1 35 ? 6.178   -17.714 8.974   1.00 46.83  ? 76  TYR A CZ  1 
ATOM   170  O OH  . TYR A 1 35 ? 6.419   -19.067 8.889   1.00 51.37  ? 76  TYR A OH  1 
ATOM   171  N N   . GLU A 1 36 ? 8.340   -12.575 8.549   1.00 55.69  ? 77  GLU A N   1 
ATOM   172  C CA  . GLU A 1 36 ? 9.703   -12.924 8.141   1.00 57.99  ? 77  GLU A CA  1 
ATOM   173  C C   . GLU A 1 36 ? 10.735  -12.394 9.142   1.00 57.29  ? 77  GLU A C   1 
ATOM   174  O O   . GLU A 1 36 ? 11.882  -12.832 9.155   1.00 58.37  ? 77  GLU A O   1 
ATOM   175  C CB  . GLU A 1 36 ? 10.018  -12.352 6.754   1.00 60.05  ? 77  GLU A CB  1 
ATOM   176  C CG  . GLU A 1 36 ? 9.407   -13.117 5.590   1.00 63.54  ? 77  GLU A CG  1 
ATOM   177  C CD  . GLU A 1 36 ? 9.856   -14.565 5.547   1.00 65.41  ? 77  GLU A CD  1 
ATOM   178  O OE1 . GLU A 1 36 ? 11.070  -14.820 5.731   1.00 65.22  ? 77  GLU A OE1 1 
ATOM   179  O OE2 . GLU A 1 36 ? 8.998   -15.444 5.319   1.00 65.82  ? 77  GLU A OE2 1 
ATOM   180  N N   . ALA A 1 37 ? 10.320  -11.453 9.979   1.00 56.88  ? 78  ALA A N   1 
ATOM   181  C CA  . ALA A 1 37 ? 11.212  -10.869 10.968  1.00 57.91  ? 78  ALA A CA  1 
ATOM   182  C C   . ALA A 1 37 ? 11.349  -11.761 12.200  1.00 57.98  ? 78  ALA A C   1 
ATOM   183  O O   . ALA A 1 37 ? 12.408  -11.812 12.823  1.00 58.37  ? 78  ALA A O   1 
ATOM   184  C CB  . ALA A 1 37 ? 10.711  -9.487  11.372  1.00 57.30  ? 78  ALA A CB  1 
ATOM   185  N N   . ILE A 1 38 ? 10.278  -12.456 12.561  1.00 58.29  ? 79  ILE A N   1 
ATOM   186  C CA  . ILE A 1 38 ? 10.333  -13.338 13.715  1.00 58.76  ? 79  ILE A CA  1 
ATOM   187  C C   . ILE A 1 38 ? 11.035  -14.609 13.262  1.00 59.71  ? 79  ILE A C   1 
ATOM   188  O O   . ILE A 1 38 ? 11.813  -15.191 14.014  1.00 60.08  ? 79  ILE A O   1 
ATOM   189  C CB  . ILE A 1 38 ? 8.922   -13.687 14.247  1.00 58.74  ? 79  ILE A CB  1 
ATOM   190  C CG1 . ILE A 1 38 ? 8.144   -12.412 14.565  1.00 57.37  ? 79  ILE A CG1 1 
ATOM   191  C CG2 . ILE A 1 38 ? 9.041   -14.518 15.512  1.00 59.58  ? 79  ILE A CG2 1 
ATOM   192  C CD1 . ILE A 1 38 ? 8.860   -11.485 15.527  1.00 58.46  ? 79  ILE A CD1 1 
ATOM   193  N N   . VAL A 1 39 ? 10.763  -15.029 12.026  1.00 60.52  ? 80  VAL A N   1 
ATOM   194  C CA  . VAL A 1 39 ? 11.398  -16.223 11.471  1.00 61.09  ? 80  VAL A CA  1 
ATOM   195  C C   . VAL A 1 39 ? 12.895  -15.977 11.524  1.00 62.28  ? 80  VAL A C   1 
ATOM   196  O O   . VAL A 1 39 ? 13.677  -16.890 11.763  1.00 62.80  ? 80  VAL A O   1 
ATOM   197  C CB  . VAL A 1 39 ? 11.026  -16.463 9.986   1.00 60.41  ? 80  VAL A CB  1 
ATOM   198  C CG1 . VAL A 1 39 ? 11.884  -17.588 9.417   1.00 59.31  ? 80  VAL A CG1 1 
ATOM   199  C CG2 . VAL A 1 39 ? 9.555   -16.812 9.848   1.00 60.67  ? 80  VAL A CG2 1 
ATOM   200  N N   . GLU A 1 40 ? 13.275  -14.728 11.285  1.00 63.02  ? 81  GLU A N   1 
ATOM   201  C CA  . GLU A 1 40 ? 14.669  -14.321 11.290  1.00 65.12  ? 81  GLU A CA  1 
ATOM   202  C C   . GLU A 1 40 ? 15.112  -14.122 12.729  1.00 65.97  ? 81  GLU A C   1 
ATOM   203  O O   . GLU A 1 40 ? 16.254  -14.397 13.086  1.00 65.45  ? 81  GLU A O   1 
ATOM   204  C CB  . GLU A 1 40 ? 14.833  -13.015 10.505  1.00 66.13  ? 81  GLU A CB  1 
ATOM   205  C CG  . GLU A 1 40 ? 16.266  -12.548 10.371  1.00 67.38  ? 81  GLU A CG  1 
ATOM   206  C CD  . GLU A 1 40 ? 17.199  -13.670 9.968   1.00 68.94  ? 81  GLU A CD  1 
ATOM   207  O OE1 . GLU A 1 40 ? 16.847  -14.444 9.050   1.00 69.86  ? 81  GLU A OE1 1 
ATOM   208  O OE2 . GLU A 1 40 ? 18.289  -13.777 10.567  1.00 71.27  ? 81  GLU A OE2 1 
ATOM   209  N N   . GLU A 1 41 ? 14.188  -13.645 13.551  1.00 66.83  ? 82  GLU A N   1 
ATOM   210  C CA  . GLU A 1 41 ? 14.466  -13.402 14.955  1.00 69.13  ? 82  GLU A CA  1 
ATOM   211  C C   . GLU A 1 41 ? 14.785  -14.719 15.670  1.00 69.99  ? 82  GLU A C   1 
ATOM   212  O O   . GLU A 1 41 ? 15.717  -14.791 16.472  1.00 70.58  ? 82  GLU A O   1 
ATOM   213  C CB  . GLU A 1 41 ? 13.261  -12.716 15.597  1.00 70.49  ? 82  GLU A CB  1 
ATOM   214  C CG  . GLU A 1 41 ? 13.507  -12.141 16.977  1.00 72.80  ? 82  GLU A CG  1 
ATOM   215  C CD  . GLU A 1 41 ? 12.330  -11.316 17.464  1.00 75.27  ? 82  GLU A CD  1 
ATOM   216  O OE1 . GLU A 1 41 ? 11.990  -10.311 16.796  1.00 74.75  ? 82  GLU A OE1 1 
ATOM   217  O OE2 . GLU A 1 41 ? 11.744  -11.674 18.510  1.00 77.99  ? 82  GLU A OE2 1 
ATOM   218  N N   . ASN A 1 42 ? 14.019  -15.763 15.371  1.00 70.08  ? 83  ASN A N   1 
ATOM   219  C CA  . ASN A 1 42 ? 14.250  -17.059 15.989  1.00 71.80  ? 83  ASN A CA  1 
ATOM   220  C C   . ASN A 1 42 ? 15.544  -17.687 15.483  1.00 73.37  ? 83  ASN A C   1 
ATOM   221  O O   . ASN A 1 42 ? 16.221  -18.399 16.220  1.00 75.52  ? 83  ASN A O   1 
ATOM   222  C CB  . ASN A 1 42 ? 13.079  -18.002 15.713  1.00 70.52  ? 83  ASN A CB  1 
ATOM   223  C CG  . ASN A 1 42 ? 11.762  -17.453 16.216  1.00 70.26  ? 83  ASN A CG  1 
ATOM   224  O OD1 . ASN A 1 42 ? 11.713  -16.722 17.212  1.00 68.11  ? 83  ASN A OD1 1 
ATOM   225  N ND2 . ASN A 1 42 ? 10.679  -17.815 15.539  1.00 70.41  ? 83  ASN A ND2 1 
ATOM   226  N N   . LYS A 1 43 ? 15.882  -17.429 14.224  1.00 74.80  ? 84  LYS A N   1 
ATOM   227  C CA  . LYS A 1 43 ? 17.107  -17.962 13.640  1.00 75.92  ? 84  LYS A CA  1 
ATOM   228  C C   . LYS A 1 43 ? 18.249  -17.616 14.587  1.00 75.57  ? 84  LYS A C   1 
ATOM   229  O O   . LYS A 1 43 ? 19.039  -18.475 14.966  1.00 75.44  ? 84  LYS A O   1 
ATOM   230  C CB  . LYS A 1 43 ? 17.363  -17.327 12.266  1.00 77.51  ? 84  LYS A CB  1 
ATOM   231  C CG  . LYS A 1 43 ? 18.657  -17.770 11.581  1.00 78.90  ? 84  LYS A CG  1 
ATOM   232  C CD  . LYS A 1 43 ? 18.898  -16.971 10.300  1.00 80.86  ? 84  LYS A CD  1 
ATOM   233  C CE  . LYS A 1 43 ? 20.126  -17.457 9.535   1.00 81.37  ? 84  LYS A CE  1 
ATOM   234  N NZ  . LYS A 1 43 ? 19.954  -18.840 9.005   1.00 80.74  ? 84  LYS A NZ  1 
ATOM   235  N N   . LYS A 1 44 ? 18.319  -16.350 14.973  1.00 75.14  ? 85  LYS A N   1 
ATOM   236  C CA  . LYS A 1 44 ? 19.356  -15.900 15.876  1.00 75.13  ? 85  LYS A CA  1 
ATOM   237  C C   . LYS A 1 44 ? 19.217  -16.564 17.237  1.00 75.04  ? 85  LYS A C   1 
ATOM   238  O O   . LYS A 1 44 ? 20.211  -16.971 17.834  1.00 76.31  ? 85  LYS A O   1 
ATOM   239  C CB  . LYS A 1 44 ? 19.301  -14.384 16.035  1.00 76.10  ? 85  LYS A CB  1 
ATOM   240  C CG  . LYS A 1 44 ? 19.690  -13.623 14.780  1.00 77.50  ? 85  LYS A CG  1 
ATOM   241  C CD  . LYS A 1 44 ? 19.860  -12.140 15.078  1.00 79.09  ? 85  LYS A CD  1 
ATOM   242  C CE  . LYS A 1 44 ? 20.953  -11.904 16.117  1.00 80.08  ? 85  LYS A CE  1 
ATOM   243  N NZ  . LYS A 1 44 ? 21.082  -10.464 16.477  1.00 80.74  ? 85  LYS A NZ  1 
ATOM   244  N N   . LEU A 1 45 ? 17.989  -16.681 17.728  1.00 73.55  ? 86  LEU A N   1 
ATOM   245  C CA  . LEU A 1 45 ? 17.769  -17.310 19.025  1.00 73.43  ? 86  LEU A CA  1 
ATOM   246  C C   . LEU A 1 45 ? 18.269  -18.757 19.060  1.00 73.06  ? 86  LEU A C   1 
ATOM   247  O O   . LEU A 1 45 ? 19.151  -19.087 19.843  1.00 72.40  ? 86  LEU A O   1 
ATOM   248  C CB  . LEU A 1 45 ? 16.284  -17.253 19.410  1.00 72.47  ? 86  LEU A CB  1 
ATOM   249  C CG  . LEU A 1 45 ? 15.746  -15.904 19.900  1.00 70.81  ? 86  LEU A CG  1 
ATOM   250  C CD1 . LEU A 1 45 ? 14.271  -16.028 20.199  1.00 69.99  ? 86  LEU A CD1 1 
ATOM   251  C CD2 . LEU A 1 45 ? 16.495  -15.464 21.148  1.00 70.17  ? 86  LEU A CD2 1 
ATOM   252  N N   . LYS A 1 46 ? 17.715  -19.613 18.210  1.00 73.63  ? 87  LYS A N   1 
ATOM   253  C CA  . LYS A 1 46 ? 18.122  -21.015 18.166  1.00 75.19  ? 87  LYS A CA  1 
ATOM   254  C C   . LYS A 1 46 ? 19.639  -21.151 18.082  1.00 76.02  ? 87  LYS A C   1 
ATOM   255  O O   . LYS A 1 46 ? 20.238  -21.983 18.763  1.00 75.73  ? 87  LYS A O   1 
ATOM   256  C CB  . LYS A 1 46 ? 17.494  -21.715 16.960  1.00 76.14  ? 87  LYS A CB  1 
ATOM   257  C CG  . LYS A 1 46 ? 15.977  -21.814 16.995  1.00 76.78  ? 87  LYS A CG  1 
ATOM   258  C CD  . LYS A 1 46 ? 15.452  -22.407 15.697  1.00 77.54  ? 87  LYS A CD  1 
ATOM   259  C CE  . LYS A 1 46 ? 13.932  -22.419 15.658  1.00 77.71  ? 87  LYS A CE  1 
ATOM   260  N NZ  . LYS A 1 46 ? 13.363  -23.347 16.673  1.00 78.46  ? 87  LYS A NZ  1 
ATOM   261  N N   . ALA A 1 47 ? 20.256  -20.326 17.242  1.00 76.70  ? 88  ALA A N   1 
ATOM   262  C CA  . ALA A 1 47 ? 21.703  -20.361 17.055  1.00 77.95  ? 88  ALA A CA  1 
ATOM   263  C C   . ALA A 1 47 ? 22.476  -19.896 18.286  1.00 78.16  ? 88  ALA A C   1 
ATOM   264  O O   . ALA A 1 47 ? 23.533  -20.445 18.604  1.00 78.41  ? 88  ALA A O   1 
ATOM   265  C CB  . ALA A 1 47 ? 22.091  -19.506 15.854  1.00 77.94  ? 88  ALA A CB  1 
ATOM   266  N N   . LYS A 1 48 ? 21.951  -18.883 18.968  1.00 77.78  ? 89  LYS A N   1 
ATOM   267  C CA  . LYS A 1 48 ? 22.593  -18.338 20.160  1.00 77.80  ? 89  LYS A CA  1 
ATOM   268  C C   . LYS A 1 48 ? 22.328  -19.234 21.359  1.00 78.69  ? 89  LYS A C   1 
ATOM   269  O O   . LYS A 1 48 ? 23.098  -19.261 22.317  1.00 78.90  ? 89  LYS A O   1 
ATOM   270  C CB  . LYS A 1 48 ? 22.055  -16.933 20.431  1.00 77.23  ? 89  LYS A CB  1 
ATOM   271  C CG  . LYS A 1 48 ? 22.607  -16.255 21.676  1.00 76.54  ? 89  LYS A CG  1 
ATOM   272  C CD  . LYS A 1 48 ? 22.208  -14.783 21.706  1.00 75.81  ? 89  LYS A CD  1 
ATOM   273  C CE  . LYS A 1 48 ? 22.821  -14.015 20.536  1.00 75.02  ? 89  LYS A CE  1 
ATOM   274  N NZ  . LYS A 1 48 ? 22.286  -12.631 20.401  1.00 73.86  ? 89  LYS A NZ  1 
ATOM   275  N N   . LEU A 1 49 ? 21.230  -19.973 21.284  1.00 80.20  ? 90  LEU A N   1 
ATOM   276  C CA  . LEU A 1 49 ? 20.803  -20.881 22.340  1.00 81.08  ? 90  LEU A CA  1 
ATOM   277  C C   . LEU A 1 49 ? 21.731  -22.093 22.455  1.00 81.94  ? 90  LEU A C   1 
ATOM   278  O O   . LEU A 1 49 ? 21.971  -22.602 23.549  1.00 82.08  ? 90  LEU A O   1 
ATOM   279  C CB  . LEU A 1 49 ? 19.375  -21.332 22.036  1.00 80.64  ? 90  LEU A CB  1 
ATOM   280  C CG  . LEU A 1 49 ? 18.460  -21.892 23.116  1.00 81.13  ? 90  LEU A CG  1 
ATOM   281  C CD1 . LEU A 1 49 ? 18.461  -20.997 24.349  1.00 80.17  ? 90  LEU A CD1 1 
ATOM   282  C CD2 . LEU A 1 49 ? 17.056  -22.006 22.522  1.00 80.80  ? 90  LEU A CD2 1 
ATOM   283  N N   . ALA A 1 50 ? 22.252  -22.545 21.317  1.00 82.83  ? 91  ALA A N   1 
ATOM   284  C CA  . ALA A 1 50 ? 23.150  -23.691 21.272  1.00 83.94  ? 91  ALA A CA  1 
ATOM   285  C C   . ALA A 1 50 ? 24.582  -23.276 21.586  1.00 84.78  ? 91  ALA A C   1 
ATOM   286  O O   . ALA A 1 50 ? 25.537  -23.947 21.204  1.00 83.95  ? 91  ALA A O   1 
ATOM   287  C CB  . ALA A 1 50 ? 23.083  -24.345 19.903  1.00 84.12  ? 91  ALA A CB  1 
ATOM   288  N N   . GLN A 1 51 ? 24.713  -22.150 22.276  1.00 86.95  ? 92  GLN A N   1 
ATOM   289  C CA  . GLN A 1 51 ? 26.011  -21.619 22.677  1.00 88.63  ? 92  GLN A CA  1 
ATOM   290  C C   . GLN A 1 51 ? 26.047  -21.818 24.191  1.00 90.34  ? 92  GLN A C   1 
ATOM   291  O O   . GLN A 1 51 ? 27.049  -21.537 24.855  1.00 90.61  ? 92  GLN A O   1 
ATOM   292  C CB  . GLN A 1 51 ? 26.100  -20.127 22.337  1.00 88.16  ? 92  GLN A CB  1 
ATOM   293  C CG  . GLN A 1 51 ? 27.513  -19.577 22.191  1.00 87.51  ? 92  GLN A CG  1 
ATOM   294  C CD  . GLN A 1 51 ? 28.187  -20.019 20.901  1.00 87.08  ? 92  GLN A CD  1 
ATOM   295  O OE1 . GLN A 1 51 ? 27.629  -19.859 19.814  1.00 86.05  ? 92  GLN A OE1 1 
ATOM   296  N NE2 . GLN A 1 51 ? 29.396  -20.565 21.014  1.00 85.54  ? 92  GLN A NE2 1 
ATOM   297  N N   . TYR A 1 52 ? 24.924  -22.296 24.721  1.00 91.84  ? 93  TYR A N   1 
ATOM   298  C CA  . TYR A 1 52 ? 24.775  -22.576 26.142  1.00 94.00  ? 93  TYR A CA  1 
ATOM   299  C C   . TYR A 1 52 ? 24.307  -24.017 26.288  1.00 95.40  ? 93  TYR A C   1 
ATOM   300  O O   . TYR A 1 52 ? 24.569  -24.674 27.298  1.00 95.54  ? 93  TYR A O   1 
ATOM   301  C CB  . TYR A 1 52 ? 23.755  -21.635 26.780  1.00 94.19  ? 93  TYR A CB  1 
ATOM   302  C CG  . TYR A 1 52 ? 24.182  -20.187 26.774  1.00 95.44  ? 93  TYR A CG  1 
ATOM   303  C CD1 . TYR A 1 52 ? 23.886  -19.355 25.697  1.00 95.45  ? 93  TYR A CD1 1 
ATOM   304  C CD2 . TYR A 1 52 ? 24.912  -19.656 27.838  1.00 95.60  ? 93  TYR A CD2 1 
ATOM   305  C CE1 . TYR A 1 52 ? 24.307  -18.027 25.679  1.00 96.18  ? 93  TYR A CE1 1 
ATOM   306  C CE2 . TYR A 1 52 ? 25.340  -18.331 27.829  1.00 95.84  ? 93  TYR A CE2 1 
ATOM   307  C CZ  . TYR A 1 52 ? 25.035  -17.525 26.748  1.00 96.04  ? 93  TYR A CZ  1 
ATOM   308  O OH  . TYR A 1 52 ? 25.460  -16.216 26.735  1.00 96.16  ? 93  TYR A OH  1 
ATOM   309  N N   . GLU A 1 53 ? 23.609  -24.499 25.264  1.00 96.66  ? 94  GLU A N   1 
ATOM   310  C CA  . GLU A 1 53 ? 23.110  -25.866 25.249  1.00 98.01  ? 94  GLU A CA  1 
ATOM   311  C C   . GLU A 1 53 ? 23.888  -26.675 24.213  1.00 98.95  ? 94  GLU A C   1 
ATOM   312  O O   . GLU A 1 53 ? 24.571  -27.641 24.614  1.00 99.23  ? 94  GLU A O   1 
ATOM   313  C CB  . GLU A 1 53 ? 21.617  -25.887 24.905  1.00 98.25  ? 94  GLU A CB  1 
ATOM   314  C CG  . GLU A 1 53 ? 20.717  -25.313 25.989  1.00 98.93  ? 94  GLU A CG  1 
ATOM   315  C CD  . GLU A 1 53 ? 19.240  -25.462 25.662  1.00 99.63  ? 94  GLU A CD  1 
ATOM   316  O OE1 . GLU A 1 53 ? 18.393  -25.161 26.534  1.00 99.54  ? 94  GLU A OE1 1 
ATOM   317  O OE2 . GLU A 1 53 ? 18.928  -25.878 24.528  1.00 99.86  ? 94  GLU A OE2 1 
ATOM   318  O OXT . GLU A 1 53 ? 23.809  -26.326 23.013  1.00 99.89  ? 94  GLU A OXT 1 
ATOM   319  N N   . ASN B 1 1  ? -27.718 14.032  11.474  1.00 65.26  ? 42  ASN B N   1 
ATOM   320  C CA  . ASN B 1 1  ? -28.323 13.069  12.443  1.00 64.82  ? 42  ASN B CA  1 
ATOM   321  C C   . ASN B 1 1  ? -27.664 11.686  12.342  1.00 64.05  ? 42  ASN B C   1 
ATOM   322  O O   . ASN B 1 1  ? -27.694 11.047  11.290  1.00 62.85  ? 42  ASN B O   1 
ATOM   323  C CB  . ASN B 1 1  ? -29.827 12.951  12.177  1.00 66.58  ? 42  ASN B CB  1 
ATOM   324  C CG  . ASN B 1 1  ? -30.513 12.010  13.137  1.00 66.26  ? 42  ASN B CG  1 
ATOM   325  O OD1 . ASN B 1 1  ? -30.737 12.340  14.304  1.00 67.53  ? 42  ASN B OD1 1 
ATOM   326  N ND2 . ASN B 1 1  ? -30.839 10.817  12.656  1.00 66.51  ? 42  ASN B ND2 1 
ATOM   327  N N   . SER B 1 2  ? -27.077 11.223  13.443  1.00 64.18  ? 43  SER B N   1 
ATOM   328  C CA  . SER B 1 2  ? -26.402 9.927   13.453  1.00 64.04  ? 43  SER B CA  1 
ATOM   329  C C   . SER B 1 2  ? -27.339 8.787   13.063  1.00 62.51  ? 43  SER B C   1 
ATOM   330  O O   . SER B 1 2  ? -26.920 7.812   12.435  1.00 63.58  ? 43  SER B O   1 
ATOM   331  C CB  . SER B 1 2  ? -25.793 9.654   14.830  1.00 64.70  ? 43  SER B CB  1 
ATOM   332  O OG  . SER B 1 2  ? -26.802 9.539   15.814  1.00 69.97  ? 43  SER B OG  1 
ATOM   333  N N   . ALA B 1 3  ? -28.606 8.903   13.433  1.00 60.52  ? 44  ALA B N   1 
ATOM   334  C CA  . ALA B 1 3  ? -29.571 7.867   13.085  1.00 59.02  ? 44  ALA B CA  1 
ATOM   335  C C   . ALA B 1 3  ? -29.746 7.831   11.568  1.00 57.47  ? 44  ALA B C   1 
ATOM   336  O O   . ALA B 1 3  ? -29.669 6.768   10.956  1.00 56.39  ? 44  ALA B O   1 
ATOM   337  C CB  . ALA B 1 3  ? -30.893 8.144   13.754  1.00 57.29  ? 44  ALA B CB  1 
ATOM   338  N N   . LEU B 1 4  ? -29.961 9.001   10.967  1.00 56.22  ? 45  LEU B N   1 
ATOM   339  C CA  . LEU B 1 4  ? -30.141 9.095   9.520   1.00 56.84  ? 45  LEU B CA  1 
ATOM   340  C C   . LEU B 1 4  ? -28.873 8.717   8.770   1.00 58.00  ? 45  LEU B C   1 
ATOM   341  O O   . LEU B 1 4  ? -28.932 8.090   7.708   1.00 56.82  ? 45  LEU B O   1 
ATOM   342  C CB  . LEU B 1 4  ? -30.568 10.507  9.117   1.00 55.42  ? 45  LEU B CB  1 
ATOM   343  C CG  . LEU B 1 4  ? -31.984 10.899  9.548   1.00 56.96  ? 45  LEU B CG  1 
ATOM   344  C CD1 . LEU B 1 4  ? -32.283 12.305  9.069   1.00 55.02  ? 45  LEU B CD1 1 
ATOM   345  C CD2 . LEU B 1 4  ? -33.003 9.898   8.990   1.00 55.51  ? 45  LEU B CD2 1 
ATOM   346  N N   . ASP B 1 5  ? -27.728 9.110   9.323   1.00 57.86  ? 46  ASP B N   1 
ATOM   347  C CA  . ASP B 1 5  ? -26.450 8.798   8.715   1.00 56.29  ? 46  ASP B CA  1 
ATOM   348  C C   . ASP B 1 5  ? -26.318 7.301   8.576   1.00 55.11  ? 46  ASP B C   1 
ATOM   349  O O   . ASP B 1 5  ? -26.096 6.791   7.485   1.00 55.98  ? 46  ASP B O   1 
ATOM   350  C CB  . ASP B 1 5  ? -25.312 9.342   9.568   1.00 59.90  ? 46  ASP B CB  1 
ATOM   351  C CG  . ASP B 1 5  ? -24.759 10.637  9.028   1.00 63.01  ? 46  ASP B CG  1 
ATOM   352  O OD1 . ASP B 1 5  ? -25.551 11.583  8.818   1.00 64.96  ? 46  ASP B OD1 1 
ATOM   353  O OD2 . ASP B 1 5  ? -23.530 10.704  8.810   1.00 64.89  ? 46  ASP B OD2 1 
ATOM   354  N N   . PHE B 1 6  ? -26.460 6.588   9.684   1.00 54.14  ? 47  PHE B N   1 
ATOM   355  C CA  . PHE B 1 6  ? -26.357 5.137   9.646   1.00 52.80  ? 47  PHE B CA  1 
ATOM   356  C C   . PHE B 1 6  ? -27.320 4.574   8.613   1.00 52.65  ? 47  PHE B C   1 
ATOM   357  O O   . PHE B 1 6  ? -26.970 3.668   7.854   1.00 51.42  ? 47  PHE B O   1 
ATOM   358  C CB  . PHE B 1 6  ? -26.673 4.551   11.018  1.00 52.27  ? 47  PHE B CB  1 
ATOM   359  C CG  . PHE B 1 6  ? -26.708 3.046   11.049  1.00 52.33  ? 47  PHE B CG  1 
ATOM   360  C CD1 . PHE B 1 6  ? -27.808 2.350   10.559  1.00 51.62  ? 47  PHE B CD1 1 
ATOM   361  C CD2 . PHE B 1 6  ? -25.647 2.328   11.588  1.00 52.45  ? 47  PHE B CD2 1 
ATOM   362  C CE1 . PHE B 1 6  ? -27.852 0.967   10.607  1.00 50.72  ? 47  PHE B CE1 1 
ATOM   363  C CE2 . PHE B 1 6  ? -25.681 0.944   11.639  1.00 53.33  ? 47  PHE B CE2 1 
ATOM   364  C CZ  . PHE B 1 6  ? -26.786 0.261   11.149  1.00 52.76  ? 47  PHE B CZ  1 
ATOM   365  N N   . LEU B 1 7  ? -28.535 5.111   8.580   1.00 52.63  ? 48  LEU B N   1 
ATOM   366  C CA  . LEU B 1 7  ? -29.522 4.624   7.624   1.00 53.07  ? 48  LEU B CA  1 
ATOM   367  C C   . LEU B 1 7  ? -29.040 4.842   6.194   1.00 52.60  ? 48  LEU B C   1 
ATOM   368  O O   . LEU B 1 7  ? -29.159 3.952   5.354   1.00 50.78  ? 48  LEU B O   1 
ATOM   369  C CB  . LEU B 1 7  ? -30.866 5.329   7.817   1.00 52.99  ? 48  LEU B CB  1 
ATOM   370  C CG  . LEU B 1 7  ? -32.035 4.638   7.098   1.00 54.51  ? 48  LEU B CG  1 
ATOM   371  C CD1 . LEU B 1 7  ? -32.389 3.351   7.833   1.00 53.13  ? 48  LEU B CD1 1 
ATOM   372  C CD2 . LEU B 1 7  ? -33.235 5.557   7.037   1.00 54.21  ? 48  LEU B CD2 1 
ATOM   373  N N   . LYS B 1 8  ? -28.493 6.028   5.937   1.00 55.55  ? 49  LYS B N   1 
ATOM   374  C CA  . LYS B 1 8  ? -27.986 6.412   4.619   1.00 58.37  ? 49  LYS B CA  1 
ATOM   375  C C   . LYS B 1 8  ? -26.830 5.540   4.105   1.00 59.59  ? 49  LYS B C   1 
ATOM   376  O O   . LYS B 1 8  ? -26.628 5.425   2.895   1.00 59.92  ? 49  LYS B O   1 
ATOM   377  C CB  . LYS B 1 8  ? -27.543 7.881   4.643   1.00 58.80  ? 49  LYS B CB  1 
ATOM   378  C CG  . LYS B 1 8  ? -27.041 8.404   3.311   1.00 62.21  ? 49  LYS B CG  1 
ATOM   379  C CD  . LYS B 1 8  ? -26.371 9.769   3.441   1.00 66.92  ? 49  LYS B CD  1 
ATOM   380  C CE  . LYS B 1 8  ? -27.338 10.829  3.960   1.00 70.14  ? 49  LYS B CE  1 
ATOM   381  N NZ  . LYS B 1 8  ? -28.526 10.995  3.066   1.00 72.86  ? 49  LYS B NZ  1 
ATOM   382  N N   . HIS B 1 9  ? -26.077 4.929   5.014   1.00 60.71  ? 50  HIS B N   1 
ATOM   383  C CA  . HIS B 1 9  ? -24.960 4.076   4.622   1.00 63.37  ? 50  HIS B CA  1 
ATOM   384  C C   . HIS B 1 9  ? -25.387 2.632   4.450   1.00 63.67  ? 50  HIS B C   1 
ATOM   385  O O   . HIS B 1 9  ? -24.842 1.918   3.609   1.00 65.88  ? 50  HIS B O   1 
ATOM   386  C CB  . HIS B 1 9  ? -23.840 4.124   5.665   1.00 64.31  ? 50  HIS B CB  1 
ATOM   387  C CG  . HIS B 1 9  ? -23.192 5.465   5.794   1.00 67.74  ? 50  HIS B CG  1 
ATOM   388  N ND1 . HIS B 1 9  ? -22.189 5.722   6.703   1.00 69.22  ? 50  HIS B ND1 1 
ATOM   389  C CD2 . HIS B 1 9  ? -23.411 6.626   5.134   1.00 68.32  ? 50  HIS B CD2 1 
ATOM   390  C CE1 . HIS B 1 9  ? -21.818 6.986   6.599   1.00 69.94  ? 50  HIS B CE1 1 
ATOM   391  N NE2 . HIS B 1 9  ? -22.544 7.557   5.655   1.00 69.59  ? 50  HIS B NE2 1 
ATOM   392  N N   . HIS B 1 10 ? -26.358 2.198   5.246   1.00 62.91  ? 51  HIS B N   1 
ATOM   393  C CA  . HIS B 1 10 ? -26.817 0.816   5.180   1.00 62.50  ? 51  HIS B CA  1 
ATOM   394  C C   . HIS B 1 10 ? -27.970 0.584   4.231   1.00 61.59  ? 51  HIS B C   1 
ATOM   395  O O   . HIS B 1 10 ? -28.630 -0.455  4.287   1.00 62.63  ? 51  HIS B O   1 
ATOM   396  C CB  . HIS B 1 10 ? -27.193 0.314   6.572   1.00 64.13  ? 51  HIS B CB  1 
ATOM   397  C CG  . HIS B 1 10 ? -26.015 0.076   7.461   1.00 66.22  ? 51  HIS B CG  1 
ATOM   398  N ND1 . HIS B 1 10 ? -25.172 1.089   7.869   1.00 66.54  ? 51  HIS B ND1 1 
ATOM   399  C CD2 . HIS B 1 10 ? -25.519 -1.065  7.996   1.00 67.49  ? 51  HIS B CD2 1 
ATOM   400  C CE1 . HIS B 1 10 ? -24.208 0.582   8.615   1.00 68.10  ? 51  HIS B CE1 1 
ATOM   401  N NE2 . HIS B 1 10 ? -24.394 -0.724  8.708   1.00 68.61  ? 51  HIS B NE2 1 
ATOM   402  N N   . LEU B 1 11 ? -28.217 1.554   3.360   1.00 59.39  ? 52  LEU B N   1 
ATOM   403  C CA  . LEU B 1 11 ? -29.278 1.431   2.378   1.00 59.56  ? 52  LEU B CA  1 
ATOM   404  C C   . LEU B 1 11 ? -28.702 1.760   1.011   1.00 60.89  ? 52  LEU B C   1 
ATOM   405  O O   . LEU B 1 11 ? -27.860 2.643   0.886   1.00 59.86  ? 52  LEU B O   1 
ATOM   406  C CB  . LEU B 1 11 ? -30.421 2.381   2.716   1.00 58.31  ? 52  LEU B CB  1 
ATOM   407  C CG  . LEU B 1 11 ? -31.788 1.754   2.980   1.00 56.04  ? 52  LEU B CG  1 
ATOM   408  C CD1 . LEU B 1 11 ? -31.656 0.398   3.640   1.00 55.70  ? 52  LEU B CD1 1 
ATOM   409  C CD2 . LEU B 1 11 ? -32.558 2.694   3.862   1.00 55.97  ? 52  LEU B CD2 1 
ATOM   410  N N   . GLY B 1 12 ? -29.145 1.036   -0.010  1.00 63.96  ? 53  GLY B N   1 
ATOM   411  C CA  . GLY B 1 12 ? -28.646 1.275   -1.353  1.00 67.86  ? 53  GLY B CA  1 
ATOM   412  C C   . GLY B 1 12 ? -28.022 0.032   -1.954  1.00 70.91  ? 53  GLY B C   1 
ATOM   413  O O   . GLY B 1 12 ? -28.238 -1.080  -1.474  1.00 71.17  ? 53  GLY B O   1 
ATOM   414  N N   . ALA B 1 13 ? -27.239 0.219   -3.008  1.00 74.11  ? 54  ALA B N   1 
ATOM   415  C CA  . ALA B 1 13 ? -26.590 -0.901  -3.677  1.00 76.95  ? 54  ALA B CA  1 
ATOM   416  C C   . ALA B 1 13 ? -25.494 -1.505  -2.814  1.00 79.17  ? 54  ALA B C   1 
ATOM   417  O O   . ALA B 1 13 ? -24.461 -0.874  -2.582  1.00 79.86  ? 54  ALA B O   1 
ATOM   418  C CB  . ALA B 1 13 ? -26.007 -0.442  -5.003  1.00 75.87  ? 54  ALA B CB  1 
ATOM   419  N N   . ALA B 1 14 ? -25.717 -2.726  -2.337  1.00 81.53  ? 55  ALA B N   1 
ATOM   420  C CA  . ALA B 1 14 ? -24.719 -3.405  -1.516  1.00 83.56  ? 55  ALA B CA  1 
ATOM   421  C C   . ALA B 1 14 ? -23.490 -3.638  -2.389  1.00 84.82  ? 55  ALA B C   1 
ATOM   422  O O   . ALA B 1 14 ? -23.544 -3.459  -3.608  1.00 85.12  ? 55  ALA B O   1 
ATOM   423  C CB  . ALA B 1 14 ? -25.266 -4.734  -1.006  1.00 83.28  ? 55  ALA B CB  1 
ATOM   424  N N   . THR B 1 15 ? -22.383 -4.035  -1.774  1.00 85.77  ? 56  THR B N   1 
ATOM   425  C CA  . THR B 1 15 ? -21.155 -4.283  -2.525  1.00 86.16  ? 56  THR B CA  1 
ATOM   426  C C   . THR B 1 15 ? -21.140 -5.700  -3.118  1.00 85.69  ? 56  THR B C   1 
ATOM   427  O O   . THR B 1 15 ? -21.286 -6.689  -2.395  1.00 85.93  ? 56  THR B O   1 
ATOM   428  C CB  . THR B 1 15 ? -19.907 -4.098  -1.621  1.00 86.39  ? 56  THR B CB  1 
ATOM   429  O OG1 . THR B 1 15 ? -19.963 -2.819  -0.975  1.00 86.53  ? 56  THR B OG1 1 
ATOM   430  C CG2 . THR B 1 15 ? -18.630 -4.181  -2.448  1.00 86.56  ? 56  THR B CG2 1 
ATOM   431  N N   . PRO B 1 16 ? -20.984 -5.815  -4.449  1.00 84.66  ? 57  PRO B N   1 
ATOM   432  C CA  . PRO B 1 16 ? -20.959 -7.140  -5.076  1.00 83.25  ? 57  PRO B CA  1 
ATOM   433  C C   . PRO B 1 16 ? -19.759 -7.914  -4.546  1.00 81.87  ? 57  PRO B C   1 
ATOM   434  O O   . PRO B 1 16 ? -18.666 -7.358  -4.410  1.00 81.95  ? 57  PRO B O   1 
ATOM   435  C CB  . PRO B 1 16 ? -20.815 -6.819  -6.562  1.00 83.60  ? 57  PRO B CB  1 
ATOM   436  C CG  . PRO B 1 16 ? -21.462 -5.475  -6.685  1.00 84.25  ? 57  PRO B CG  1 
ATOM   437  C CD  . PRO B 1 16 ? -20.939 -4.754  -5.470  1.00 84.68  ? 57  PRO B CD  1 
ATOM   438  N N   . GLU B 1 17 ? -19.962 -9.190  -4.242  1.00 79.60  ? 58  GLU B N   1 
ATOM   439  C CA  . GLU B 1 17 ? -18.881 -10.019 -3.722  1.00 76.81  ? 58  GLU B CA  1 
ATOM   440  C C   . GLU B 1 17 ? -17.763 -10.203 -4.740  1.00 72.44  ? 58  GLU B C   1 
ATOM   441  O O   . GLU B 1 17 ? -17.924 -10.925 -5.719  1.00 73.02  ? 58  GLU B O   1 
ATOM   442  C CB  . GLU B 1 17 ? -19.419 -11.390 -3.296  1.00 78.75  ? 58  GLU B CB  1 
ATOM   443  C CG  . GLU B 1 17 ? -19.624 -11.559 -1.782  1.00 81.15  ? 58  GLU B CG  1 
ATOM   444  C CD  . GLU B 1 17 ? -20.633 -10.584 -1.191  1.00 81.59  ? 58  GLU B CD  1 
ATOM   445  O OE1 . GLU B 1 17 ? -20.367 -9.359  -1.215  1.00 81.27  ? 58  GLU B OE1 1 
ATOM   446  O OE2 . GLU B 1 17 ? -21.689 -11.049 -0.702  1.00 80.08  ? 58  GLU B OE2 1 
ATOM   447  N N   . ASN B 1 18 ? -16.636 -9.537  -4.512  1.00 66.94  ? 59  ASN B N   1 
ATOM   448  C CA  . ASN B 1 18 ? -15.497 -9.662  -5.412  1.00 62.61  ? 59  ASN B CA  1 
ATOM   449  C C   . ASN B 1 18 ? -14.628 -10.832 -4.948  1.00 58.46  ? 59  ASN B C   1 
ATOM   450  O O   . ASN B 1 18 ? -14.156 -10.853 -3.811  1.00 56.97  ? 59  ASN B O   1 
ATOM   451  C CB  . ASN B 1 18 ? -14.665 -8.378  -5.418  1.00 63.71  ? 59  ASN B CB  1 
ATOM   452  C CG  . ASN B 1 18 ? -13.504 -8.445  -6.403  1.00 64.99  ? 59  ASN B CG  1 
ATOM   453  O OD1 . ASN B 1 18 ? -12.760 -9.421  -6.429  1.00 63.88  ? 59  ASN B OD1 1 
ATOM   454  N ND2 . ASN B 1 18 ? -13.346 -7.403  -7.213  1.00 66.67  ? 59  ASN B ND2 1 
ATOM   455  N N   . PRO B 1 19 ? -14.413 -11.823 -5.823  1.00 54.12  ? 60  PRO B N   1 
ATOM   456  C CA  . PRO B 1 19 ? -13.609 -13.019 -5.546  1.00 50.83  ? 60  PRO B CA  1 
ATOM   457  C C   . PRO B 1 19 ? -12.140 -12.745 -5.172  1.00 48.01  ? 60  PRO B C   1 
ATOM   458  O O   . PRO B 1 19 ? -11.534 -13.501 -4.407  1.00 44.41  ? 60  PRO B O   1 
ATOM   459  C CB  . PRO B 1 19 ? -13.737 -13.821 -6.837  1.00 50.88  ? 60  PRO B CB  1 
ATOM   460  C CG  . PRO B 1 19 ? -15.069 -13.434 -7.343  1.00 53.29  ? 60  PRO B CG  1 
ATOM   461  C CD  . PRO B 1 19 ? -15.078 -11.942 -7.127  1.00 53.78  ? 60  PRO B CD  1 
ATOM   462  N N   . GLU B 1 20 ? -11.571 -11.673 -5.716  1.00 45.85  ? 61  GLU B N   1 
ATOM   463  C CA  . GLU B 1 20 ? -10.191 -11.328 -5.415  1.00 44.43  ? 61  GLU B CA  1 
ATOM   464  C C   . GLU B 1 20 ? -10.100 -10.857 -3.983  1.00 42.93  ? 61  GLU B C   1 
ATOM   465  O O   . GLU B 1 20 ? -9.166  -11.209 -3.270  1.00 44.36  ? 61  GLU B O   1 
ATOM   466  C CB  . GLU B 1 20 ? -9.677  -10.236 -6.362  1.00 46.53  ? 61  GLU B CB  1 
ATOM   467  C CG  . GLU B 1 20 ? -8.244  -9.800  -6.090  1.00 51.19  ? 61  GLU B CG  1 
ATOM   468  C CD  . GLU B 1 20 ? -7.264  -10.975 -6.001  1.00 57.37  ? 61  GLU B CD  1 
ATOM   469  O OE1 . GLU B 1 20 ? -6.063  -10.741 -5.717  1.00 59.08  ? 61  GLU B OE1 1 
ATOM   470  O OE2 . GLU B 1 20 ? -7.685  -12.136 -6.210  1.00 60.61  ? 61  GLU B OE2 1 
ATOM   471  N N   . ILE B 1 21 ? -11.084 -10.076 -3.550  1.00 42.31  ? 62  ILE B N   1 
ATOM   472  C CA  . ILE B 1 21 ? -11.092 -9.563  -2.188  1.00 40.68  ? 62  ILE B CA  1 
ATOM   473  C C   . ILE B 1 21 ? -11.260 -10.700 -1.174  1.00 42.50  ? 62  ILE B C   1 
ATOM   474  O O   . ILE B 1 21 ? -10.598 -10.720 -0.136  1.00 42.94  ? 62  ILE B O   1 
ATOM   475  C CB  . ILE B 1 21 ? -12.206 -8.524  -2.019  1.00 40.14  ? 62  ILE B CB  1 
ATOM   476  C CG1 . ILE B 1 21 ? -11.881 -7.308  -2.884  1.00 40.15  ? 62  ILE B CG1 1 
ATOM   477  C CG2 . ILE B 1 21 ? -12.360 -8.120  -0.547  1.00 37.81  ? 62  ILE B CG2 1 
ATOM   478  C CD1 . ILE B 1 21 ? -12.906 -6.212  -2.797  1.00 40.99  ? 62  ILE B CD1 1 
ATOM   479  N N   . GLU B 1 22 ? -12.125 -11.661 -1.481  1.00 42.00  ? 63  GLU B N   1 
ATOM   480  C CA  . GLU B 1 22 ? -12.346 -12.789 -0.574  1.00 42.32  ? 63  GLU B CA  1 
ATOM   481  C C   . GLU B 1 22 ? -11.059 -13.606 -0.426  1.00 39.89  ? 63  GLU B C   1 
ATOM   482  O O   . GLU B 1 22 ? -10.721 -14.038 0.677   1.00 39.29  ? 63  GLU B O   1 
ATOM   483  C CB  . GLU B 1 22 ? -13.487 -13.654 -1.102  1.00 45.93  ? 63  GLU B CB  1 
ATOM   484  C CG  . GLU B 1 22 ? -14.763 -12.854 -1.316  1.00 53.12  ? 63  GLU B CG  1 
ATOM   485  C CD  . GLU B 1 22 ? -15.840 -13.636 -2.033  1.00 59.93  ? 63  GLU B CD  1 
ATOM   486  O OE1 . GLU B 1 22 ? -15.538 -14.185 -3.117  1.00 62.92  ? 63  GLU B OE1 1 
ATOM   487  O OE2 . GLU B 1 22 ? -16.985 -13.694 -1.520  1.00 62.19  ? 63  GLU B OE2 1 
ATOM   488  N N   . LEU B 1 23 ? -10.345 -13.803 -1.534  1.00 35.70  ? 64  LEU B N   1 
ATOM   489  C CA  . LEU B 1 23 ? -9.088  -14.528 -1.506  1.00 34.70  ? 64  LEU B CA  1 
ATOM   490  C C   . LEU B 1 23 ? -8.123  -13.831 -0.567  1.00 32.06  ? 64  LEU B C   1 
ATOM   491  O O   . LEU B 1 23 ? -7.682  -14.414 0.419   1.00 33.75  ? 64  LEU B O   1 
ATOM   492  C CB  . LEU B 1 23 ? -8.451  -14.579 -2.891  1.00 35.03  ? 64  LEU B CB  1 
ATOM   493  C CG  . LEU B 1 23 ? -8.551  -15.843 -3.749  1.00 39.54  ? 64  LEU B CG  1 
ATOM   494  C CD1 . LEU B 1 23 ? -7.644  -15.635 -4.969  1.00 42.16  ? 64  LEU B CD1 1 
ATOM   495  C CD2 . LEU B 1 23 ? -8.117  -17.105 -2.988  1.00 34.57  ? 64  LEU B CD2 1 
ATOM   496  N N   . LEU B 1 24 ? -7.809  -12.576 -0.883  1.00 30.60  ? 65  LEU B N   1 
ATOM   497  C CA  . LEU B 1 24 ? -6.893  -11.763 -0.094  1.00 29.23  ? 65  LEU B CA  1 
ATOM   498  C C   . LEU B 1 24 ? -7.263  -11.748 1.393   1.00 30.68  ? 65  LEU B C   1 
ATOM   499  O O   . LEU B 1 24 ? -6.385  -11.825 2.279   1.00 29.78  ? 65  LEU B O   1 
ATOM   500  C CB  . LEU B 1 24 ? -6.862  -10.331 -0.649  1.00 31.11  ? 65  LEU B CB  1 
ATOM   501  C CG  . LEU B 1 24 ? -6.011  -10.069 -1.890  1.00 32.56  ? 65  LEU B CG  1 
ATOM   502  C CD1 . LEU B 1 24 ? -6.342  -8.731  -2.483  1.00 34.40  ? 65  LEU B CD1 1 
ATOM   503  C CD2 . LEU B 1 24 ? -4.524  -10.111 -1.496  1.00 35.82  ? 65  LEU B CD2 1 
ATOM   504  N N   . ARG B 1 25 ? -8.548  -11.622 1.692   1.00 26.68  ? 66  ARG B N   1 
ATOM   505  C CA  . ARG B 1 25 ? -8.923  -11.651 3.092   1.00 32.12  ? 66  ARG B CA  1 
ATOM   506  C C   . ARG B 1 25 ? -8.518  -13.010 3.698   1.00 33.10  ? 66  ARG B C   1 
ATOM   507  O O   . ARG B 1 25 ? -8.045  -13.053 4.841   1.00 31.39  ? 66  ARG B O   1 
ATOM   508  C CB  . ARG B 1 25 ? -10.431 -11.427 3.279   1.00 34.55  ? 66  ARG B CB  1 
ATOM   509  C CG  . ARG B 1 25 ? -10.897 -9.999  3.041   1.00 41.49  ? 66  ARG B CG  1 
ATOM   510  C CD  . ARG B 1 25 ? -12.291 -9.786  3.634   1.00 47.85  ? 66  ARG B CD  1 
ATOM   511  N NE  . ARG B 1 25 ? -12.880 -8.515  3.221   1.00 50.65  ? 66  ARG B NE  1 
ATOM   512  C CZ  . ARG B 1 25 ? -12.430 -7.318  3.584   1.00 52.59  ? 66  ARG B CZ  1 
ATOM   513  N NH1 . ARG B 1 25 ? -11.379 -7.203  4.385   1.00 52.89  ? 66  ARG B NH1 1 
ATOM   514  N NH2 . ARG B 1 25 ? -13.025 -6.229  3.123   1.00 54.11  ? 66  ARG B NH2 1 
ATOM   515  N N   . LEU B 1 26 ? -8.688  -14.106 2.946   1.00 30.30  ? 67  LEU B N   1 
ATOM   516  C CA  . LEU B 1 26 ? -8.313  -15.429 3.462   1.00 31.60  ? 67  LEU B CA  1 
ATOM   517  C C   . LEU B 1 26 ? -6.796  -15.576 3.547   1.00 31.16  ? 67  LEU B C   1 
ATOM   518  O O   . LEU B 1 26 ? -6.281  -16.344 4.377   1.00 28.83  ? 67  LEU B O   1 
ATOM   519  C CB  . LEU B 1 26 ? -8.883  -16.568 2.600   1.00 32.43  ? 67  LEU B CB  1 
ATOM   520  C CG  . LEU B 1 26 ? -10.403 -16.807 2.653   1.00 35.13  ? 67  LEU B CG  1 
ATOM   521  C CD1 . LEU B 1 26 ? -10.781 -17.867 1.646   1.00 38.08  ? 67  LEU B CD1 1 
ATOM   522  C CD2 . LEU B 1 26 ? -10.830 -17.249 4.039   1.00 38.05  ? 67  LEU B CD2 1 
ATOM   523  N N   . GLU B 1 27 ? -6.069  -14.864 2.694   1.00 28.79  ? 68  GLU B N   1 
ATOM   524  C CA  . GLU B 1 27 ? -4.606  -14.965 2.759   1.00 31.39  ? 68  GLU B CA  1 
ATOM   525  C C   . GLU B 1 27 ? -4.153  -14.193 3.984   1.00 30.83  ? 68  GLU B C   1 
ATOM   526  O O   . GLU B 1 27 ? -3.272  -14.633 4.715   1.00 29.11  ? 68  GLU B O   1 
ATOM   527  C CB  . GLU B 1 27 ? -3.958  -14.418 1.489   1.00 33.42  ? 68  GLU B CB  1 
ATOM   528  C CG  . GLU B 1 27 ? -3.946  -15.427 0.347   1.00 37.77  ? 68  GLU B CG  1 
ATOM   529  C CD  . GLU B 1 27 ? -3.913  -14.774 -1.022  1.00 42.40  ? 68  GLU B CD  1 
ATOM   530  O OE1 . GLU B 1 27 ? -3.812  -15.497 -2.037  1.00 48.81  ? 68  GLU B OE1 1 
ATOM   531  O OE2 . GLU B 1 27 ? -4.003  -13.538 -1.089  1.00 44.69  ? 68  GLU B OE2 1 
ATOM   532  N N   . LEU B 1 28 ? -4.807  -13.063 4.236   1.00 31.44  ? 69  LEU B N   1 
ATOM   533  C CA  . LEU B 1 28 ? -4.482  -12.255 5.387   1.00 29.57  ? 69  LEU B CA  1 
ATOM   534  C C   . LEU B 1 28 ? -4.718  -13.055 6.644   1.00 28.73  ? 69  LEU B C   1 
ATOM   535  O O   . LEU B 1 28 ? -3.841  -13.156 7.493   1.00 30.01  ? 69  LEU B O   1 
ATOM   536  C CB  . LEU B 1 28 ? -5.321  -10.992 5.403   1.00 31.47  ? 69  LEU B CB  1 
ATOM   537  C CG  . LEU B 1 28 ? -4.721  -9.865  6.247   1.00 35.06  ? 69  LEU B CG  1 
ATOM   538  C CD1 . LEU B 1 28 ? -3.278  -9.624  5.783   1.00 34.53  ? 69  LEU B CD1 1 
ATOM   539  C CD2 . LEU B 1 28 ? -5.584  -8.600  6.134   1.00 34.34  ? 69  LEU B CD2 1 
ATOM   540  N N   . ALA B 1 29 ? -5.906  -13.626 6.778   1.00 31.87  ? 70  ALA B N   1 
ATOM   541  C CA  . ALA B 1 29 ? -6.229  -14.469 7.944   1.00 33.58  ? 70  ALA B CA  1 
ATOM   542  C C   . ALA B 1 29 ? -5.225  -15.599 8.097   1.00 33.25  ? 70  ALA B C   1 
ATOM   543  O O   . ALA B 1 29 ? -4.750  -15.880 9.174   1.00 36.20  ? 70  ALA B O   1 
ATOM   544  C CB  . ALA B 1 29 ? -7.618  -15.072 7.791   1.00 34.96  ? 70  ALA B CB  1 
ATOM   545  N N   . GLU B 1 30 ? -4.914  -16.259 6.996   1.00 36.34  ? 71  GLU B N   1 
ATOM   546  C CA  . GLU B 1 30 ? -3.968  -17.363 6.988   1.00 37.74  ? 71  GLU B CA  1 
ATOM   547  C C   . GLU B 1 30 ? -2.569  -16.902 7.469   1.00 38.39  ? 71  GLU B C   1 
ATOM   548  O O   . GLU B 1 30 ? -1.949  -17.517 8.355   1.00 35.98  ? 71  GLU B O   1 
ATOM   549  C CB  . GLU B 1 30 ? -3.903  -17.898 5.558   1.00 45.29  ? 71  GLU B CB  1 
ATOM   550  C CG  . GLU B 1 30 ? -3.411  -19.310 5.411   1.00 51.37  ? 71  GLU B CG  1 
ATOM   551  C CD  . GLU B 1 30 ? -2.014  -19.447 5.910   1.00 55.66  ? 71  GLU B CD  1 
ATOM   552  O OE1 . GLU B 1 30 ? -1.159  -18.687 5.409   1.00 57.51  ? 71  GLU B OE1 1 
ATOM   553  O OE2 . GLU B 1 30 ? -1.776  -20.298 6.801   1.00 58.87  ? 71  GLU B OE2 1 
ATOM   554  N N   . MET B 1 31 ? -2.083  -15.808 6.889   1.00 38.05  ? 72  MET B N   1 
ATOM   555  C CA  . MET B 1 31 ? -0.772  -15.267 7.240   1.00 37.31  ? 72  MET B CA  1 
ATOM   556  C C   . MET B 1 31 ? -0.744  -14.877 8.715   1.00 37.32  ? 72  MET B C   1 
ATOM   557  O O   . MET B 1 31 ? 0.248   -15.105 9.397   1.00 36.37  ? 72  MET B O   1 
ATOM   558  C CB  . MET B 1 31 ? -0.460  -14.052 6.357   1.00 39.30  ? 72  MET B CB  1 
ATOM   559  C CG  . MET B 1 31 ? 0.945   -13.440 6.546   1.00 43.09  ? 72  MET B CG  1 
ATOM   560  S SD  . MET B 1 31 ? 2.333   -14.610 6.317   1.00 45.97  ? 72  MET B SD  1 
ATOM   561  C CE  . MET B 1 31 ? 1.735   -15.642 5.039   1.00 42.81  ? 72  MET B CE  1 
ATOM   562  N N   . LYS B 1 32 ? -1.839  -14.302 9.209   1.00 37.97  ? 73  LYS B N   1 
ATOM   563  C CA  . LYS B 1 32 ? -1.913  -13.905 10.604  1.00 40.72  ? 73  LYS B CA  1 
ATOM   564  C C   . LYS B 1 32 ? -1.866  -15.139 11.507  1.00 44.38  ? 73  LYS B C   1 
ATOM   565  O O   . LYS B 1 32 ? -1.328  -15.093 12.612  1.00 45.08  ? 73  LYS B O   1 
ATOM   566  C CB  . LYS B 1 32 ? -3.199  -13.132 10.856  1.00 42.56  ? 73  LYS B CB  1 
ATOM   567  C CG  . LYS B 1 32 ? -3.261  -12.481 12.226  1.00 44.78  ? 73  LYS B CG  1 
ATOM   568  C CD  . LYS B 1 32 ? -4.523  -11.669 12.406  1.00 45.38  ? 73  LYS B CD  1 
ATOM   569  C CE  . LYS B 1 32 ? -4.530  -10.994 13.770  1.00 49.11  ? 73  LYS B CE  1 
ATOM   570  N NZ  . LYS B 1 32 ? -4.388  -11.990 14.867  1.00 49.14  ? 73  LYS B NZ  1 
ATOM   571  N N   . GLU B 1 33 ? -2.439  -16.243 11.041  1.00 46.19  ? 74  GLU B N   1 
ATOM   572  C CA  . GLU B 1 33 ? -2.414  -17.472 11.815  1.00 47.78  ? 74  GLU B CA  1 
ATOM   573  C C   . GLU B 1 33 ? -0.966  -17.899 11.973  1.00 46.55  ? 74  GLU B C   1 
ATOM   574  O O   . GLU B 1 33 ? -0.522  -18.165 13.075  1.00 46.29  ? 74  GLU B O   1 
ATOM   575  C CB  . GLU B 1 33 ? -3.172  -18.589 11.095  1.00 52.97  ? 74  GLU B CB  1 
ATOM   576  C CG  . GLU B 1 33 ? -4.678  -18.531 11.225  1.00 62.44  ? 74  GLU B CG  1 
ATOM   577  C CD  . GLU B 1 33 ? -5.190  -19.349 12.398  1.00 68.06  ? 74  GLU B CD  1 
ATOM   578  O OE1 . GLU B 1 33 ? -4.744  -19.088 13.537  1.00 70.78  ? 74  GLU B OE1 1 
ATOM   579  O OE2 . GLU B 1 33 ? -6.035  -20.251 12.181  1.00 69.72  ? 74  GLU B OE2 1 
ATOM   580  N N   . LYS B 1 34 ? -0.233  -17.963 10.864  1.00 45.81  ? 75  LYS B N   1 
ATOM   581  C CA  . LYS B 1 34 ? 1.161   -18.388 10.898  1.00 47.88  ? 75  LYS B CA  1 
ATOM   582  C C   . LYS B 1 34 ? 2.032   -17.488 11.751  1.00 49.62  ? 75  LYS B C   1 
ATOM   583  O O   . LYS B 1 34 ? 2.893   -17.956 12.487  1.00 49.79  ? 75  LYS B O   1 
ATOM   584  C CB  . LYS B 1 34 ? 1.753   -18.463 9.482   1.00 47.18  ? 75  LYS B CB  1 
ATOM   585  C CG  . LYS B 1 34 ? 1.376   -19.729 8.710   1.00 50.30  ? 75  LYS B CG  1 
ATOM   586  C CD  . LYS B 1 34 ? 2.351   -20.023 7.552   1.00 51.62  ? 75  LYS B CD  1 
ATOM   587  C CE  . LYS B 1 34 ? 2.405   -18.884 6.541   1.00 53.78  ? 75  LYS B CE  1 
ATOM   588  N NZ  . LYS B 1 34 ? 3.576   -18.984 5.611   1.00 55.41  ? 75  LYS B NZ  1 
ATOM   589  N N   . TYR B 1 35 ? 1.803   -16.188 11.642  1.00 50.45  ? 76  TYR B N   1 
ATOM   590  C CA  . TYR B 1 35 ? 2.566   -15.215 12.401  1.00 49.49  ? 76  TYR B CA  1 
ATOM   591  C C   . TYR B 1 35 ? 2.396   -15.409 13.904  1.00 48.77  ? 76  TYR B C   1 
ATOM   592  O O   . TYR B 1 35 ? 3.374   -15.443 14.650  1.00 49.18  ? 76  TYR B O   1 
ATOM   593  C CB  . TYR B 1 35 ? 2.127   -13.809 12.012  1.00 48.01  ? 76  TYR B CB  1 
ATOM   594  C CG  . TYR B 1 35 ? 2.618   -12.754 12.949  1.00 46.42  ? 76  TYR B CG  1 
ATOM   595  C CD1 . TYR B 1 35 ? 3.897   -12.211 12.814  1.00 46.30  ? 76  TYR B CD1 1 
ATOM   596  C CD2 . TYR B 1 35 ? 1.801   -12.295 13.984  1.00 45.53  ? 76  TYR B CD2 1 
ATOM   597  C CE1 . TYR B 1 35 ? 4.348   -11.229 13.686  1.00 48.02  ? 76  TYR B CE1 1 
ATOM   598  C CE2 . TYR B 1 35 ? 2.238   -11.320 14.862  1.00 48.04  ? 76  TYR B CE2 1 
ATOM   599  C CZ  . TYR B 1 35 ? 3.514   -10.787 14.709  1.00 49.07  ? 76  TYR B CZ  1 
ATOM   600  O OH  . TYR B 1 35 ? 3.943   -9.812  15.585  1.00 50.41  ? 76  TYR B OH  1 
ATOM   601  N N   . GLU B 1 36 ? 1.156   -15.516 14.352  1.00 48.19  ? 77  GLU B N   1 
ATOM   602  C CA  . GLU B 1 36 ? 0.886   -15.710 15.772  1.00 50.29  ? 77  GLU B CA  1 
ATOM   603  C C   . GLU B 1 36 ? 1.496   -17.024 16.315  1.00 49.45  ? 77  GLU B C   1 
ATOM   604  O O   . GLU B 1 36 ? 1.853   -17.115 17.486  1.00 46.85  ? 77  GLU B O   1 
ATOM   605  C CB  . GLU B 1 36 ? -0.631  -15.689 16.024  1.00 53.81  ? 77  GLU B CB  1 
ATOM   606  C CG  . GLU B 1 36 ? -1.332  -14.360 15.687  1.00 58.49  ? 77  GLU B CG  1 
ATOM   607  C CD  . GLU B 1 36 ? -0.966  -13.214 16.637  1.00 62.61  ? 77  GLU B CD  1 
ATOM   608  O OE1 . GLU B 1 36 ? -1.485  -12.088 16.446  1.00 65.02  ? 77  GLU B OE1 1 
ATOM   609  O OE2 . GLU B 1 36 ? -0.166  -13.435 17.572  1.00 63.54  ? 77  GLU B OE2 1 
ATOM   610  N N   . ALA B 1 37 ? 1.616   -18.043 15.471  1.00 48.44  ? 78  ALA B N   1 
ATOM   611  C CA  . ALA B 1 37 ? 2.194   -19.307 15.918  1.00 48.50  ? 78  ALA B CA  1 
ATOM   612  C C   . ALA B 1 37 ? 3.663   -19.091 16.255  1.00 49.82  ? 78  ALA B C   1 
ATOM   613  O O   . ALA B 1 37 ? 4.142   -19.487 17.317  1.00 50.45  ? 78  ALA B O   1 
ATOM   614  C CB  . ALA B 1 37 ? 2.078   -20.364 14.831  1.00 45.11  ? 78  ALA B CB  1 
ATOM   615  N N   . ILE B 1 38 ? 4.370   -18.458 15.333  1.00 50.61  ? 79  ILE B N   1 
ATOM   616  C CA  . ILE B 1 38 ? 5.785   -18.199 15.488  1.00 52.30  ? 79  ILE B CA  1 
ATOM   617  C C   . ILE B 1 38 ? 6.057   -17.221 16.623  1.00 53.02  ? 79  ILE B C   1 
ATOM   618  O O   . ILE B 1 38 ? 7.148   -17.186 17.182  1.00 54.37  ? 79  ILE B O   1 
ATOM   619  C CB  . ILE B 1 38 ? 6.364   -17.658 14.172  1.00 52.36  ? 79  ILE B CB  1 
ATOM   620  C CG1 . ILE B 1 38 ? 7.767   -18.216 13.961  1.00 52.67  ? 79  ILE B CG1 1 
ATOM   621  C CG2 . ILE B 1 38 ? 6.380   -16.131 14.192  1.00 53.56  ? 79  ILE B CG2 1 
ATOM   622  C CD1 . ILE B 1 38 ? 8.334   -17.914 12.586  1.00 52.55  ? 79  ILE B CD1 1 
ATOM   623  N N   . VAL B 1 39 ? 5.069   -16.407 16.964  1.00 53.71  ? 80  VAL B N   1 
ATOM   624  C CA  . VAL B 1 39 ? 5.264   -15.471 18.056  1.00 52.44  ? 80  VAL B CA  1 
ATOM   625  C C   . VAL B 1 39 ? 5.294   -16.305 19.328  1.00 52.50  ? 80  VAL B C   1 
ATOM   626  O O   . VAL B 1 39 ? 5.989   -15.973 20.283  1.00 51.81  ? 80  VAL B O   1 
ATOM   627  C CB  . VAL B 1 39 ? 4.120   -14.440 18.125  1.00 52.79  ? 80  VAL B CB  1 
ATOM   628  C CG1 . VAL B 1 39 ? 4.219   -13.609 19.420  1.00 53.58  ? 80  VAL B CG1 1 
ATOM   629  C CG2 . VAL B 1 39 ? 4.197   -13.530 16.917  1.00 53.98  ? 80  VAL B CG2 1 
ATOM   630  N N   . GLU B 1 40 ? 4.536   -17.400 19.329  1.00 54.51  ? 81  GLU B N   1 
ATOM   631  C CA  . GLU B 1 40 ? 4.487   -18.306 20.474  1.00 55.26  ? 81  GLU B CA  1 
ATOM   632  C C   . GLU B 1 40 ? 5.844   -18.985 20.609  1.00 54.38  ? 81  GLU B C   1 
ATOM   633  O O   . GLU B 1 40 ? 6.431   -19.012 21.690  1.00 53.55  ? 81  GLU B O   1 
ATOM   634  C CB  . GLU B 1 40 ? 3.395   -19.359 20.278  1.00 58.22  ? 81  GLU B CB  1 
ATOM   635  C CG  . GLU B 1 40 ? 1.987   -18.822 20.460  1.00 65.91  ? 81  GLU B CG  1 
ATOM   636  C CD  . GLU B 1 40 ? 1.698   -18.414 21.898  1.00 69.58  ? 81  GLU B CD  1 
ATOM   637  O OE1 . GLU B 1 40 ? 1.347   -19.299 22.709  1.00 72.39  ? 81  GLU B OE1 1 
ATOM   638  O OE2 . GLU B 1 40 ? 1.833   -17.210 22.217  1.00 71.86  ? 81  GLU B OE2 1 
ATOM   639  N N   . GLU B 1 41 ? 6.345   -19.519 19.502  1.00 53.22  ? 82  GLU B N   1 
ATOM   640  C CA  . GLU B 1 41 ? 7.630   -20.179 19.521  1.00 55.42  ? 82  GLU B CA  1 
ATOM   641  C C   . GLU B 1 41 ? 8.706   -19.177 19.921  1.00 54.23  ? 82  GLU B C   1 
ATOM   642  O O   . GLU B 1 41 ? 9.547   -19.456 20.773  1.00 54.38  ? 82  GLU B O   1 
ATOM   643  C CB  . GLU B 1 41 ? 7.939   -20.777 18.145  1.00 58.31  ? 82  GLU B CB  1 
ATOM   644  C CG  . GLU B 1 41 ? 8.420   -22.215 18.224  1.00 64.92  ? 82  GLU B CG  1 
ATOM   645  C CD  . GLU B 1 41 ? 9.640   -22.373 19.124  1.00 67.70  ? 82  GLU B CD  1 
ATOM   646  O OE1 . GLU B 1 41 ? 10.770  -22.101 18.661  1.00 68.88  ? 82  GLU B OE1 1 
ATOM   647  O OE2 . GLU B 1 41 ? 9.465   -22.760 20.301  1.00 69.38  ? 82  GLU B OE2 1 
ATOM   648  N N   . ASN B 1 42 ? 8.669   -18.000 19.308  1.00 53.42  ? 83  ASN B N   1 
ATOM   649  C CA  . ASN B 1 42 ? 9.642   -16.959 19.602  1.00 52.22  ? 83  ASN B CA  1 
ATOM   650  C C   . ASN B 1 42 ? 9.663   -16.670 21.095  1.00 51.28  ? 83  ASN B C   1 
ATOM   651  O O   . ASN B 1 42 ? 10.720  -16.429 21.669  1.00 51.45  ? 83  ASN B O   1 
ATOM   652  C CB  . ASN B 1 42 ? 9.308   -15.684 18.816  1.00 52.18  ? 83  ASN B CB  1 
ATOM   653  C CG  . ASN B 1 42 ? 10.200  -14.511 19.187  1.00 52.45  ? 83  ASN B CG  1 
ATOM   654  O OD1 . ASN B 1 42 ? 11.394  -14.487 18.871  1.00 54.76  ? 83  ASN B OD1 1 
ATOM   655  N ND2 . ASN B 1 42 ? 9.622   -13.530 19.865  1.00 51.61  ? 83  ASN B ND2 1 
ATOM   656  N N   . LYS B 1 43 ? 8.499   -16.699 21.732  1.00 50.05  ? 84  LYS B N   1 
ATOM   657  C CA  . LYS B 1 43 ? 8.453   -16.434 23.157  1.00 51.10  ? 84  LYS B CA  1 
ATOM   658  C C   . LYS B 1 43 ? 9.066   -17.587 23.954  1.00 51.46  ? 84  LYS B C   1 
ATOM   659  O O   . LYS B 1 43 ? 9.646   -17.370 25.022  1.00 49.39  ? 84  LYS B O   1 
ATOM   660  C CB  . LYS B 1 43 ? 7.013   -16.180 23.611  1.00 53.07  ? 84  LYS B CB  1 
ATOM   661  C CG  . LYS B 1 43 ? 6.358   -14.973 22.929  1.00 56.25  ? 84  LYS B CG  1 
ATOM   662  C CD  . LYS B 1 43 ? 5.205   -14.403 23.741  1.00 58.96  ? 84  LYS B CD  1 
ATOM   663  C CE  . LYS B 1 43 ? 4.170   -15.456 24.070  1.00 61.19  ? 84  LYS B CE  1 
ATOM   664  N NZ  . LYS B 1 43 ? 3.138   -14.911 24.997  1.00 65.55  ? 84  LYS B NZ  1 
ATOM   665  N N   . LYS B 1 44 ? 8.948   -18.809 23.437  1.00 51.36  ? 85  LYS B N   1 
ATOM   666  C CA  . LYS B 1 44 ? 9.512   -19.966 24.123  1.00 52.42  ? 85  LYS B CA  1 
ATOM   667  C C   . LYS B 1 44 ? 11.041  -19.942 24.044  1.00 51.36  ? 85  LYS B C   1 
ATOM   668  O O   . LYS B 1 44 ? 11.722  -20.186 25.040  1.00 49.63  ? 85  LYS B O   1 
ATOM   669  C CB  . LYS B 1 44 ? 8.965   -21.268 23.529  1.00 55.33  ? 85  LYS B CB  1 
ATOM   670  C CG  . LYS B 1 44 ? 7.492   -21.528 23.865  1.00 59.60  ? 85  LYS B CG  1 
ATOM   671  C CD  . LYS B 1 44 ? 7.019   -22.885 23.339  1.00 62.40  ? 85  LYS B CD  1 
ATOM   672  C CE  . LYS B 1 44 ? 5.536   -23.104 23.611  1.00 62.79  ? 85  LYS B CE  1 
ATOM   673  N NZ  . LYS B 1 44 ? 5.225   -22.919 25.056  1.00 64.69  ? 85  LYS B NZ  1 
ATOM   674  N N   . LEU B 1 45 ? 11.572  -19.642 22.863  1.00 50.86  ? 86  LEU B N   1 
ATOM   675  C CA  . LEU B 1 45 ? 13.007  -19.563 22.688  1.00 51.62  ? 86  LEU B CA  1 
ATOM   676  C C   . LEU B 1 45 ? 13.566  -18.552 23.673  1.00 52.79  ? 86  LEU B C   1 
ATOM   677  O O   . LEU B 1 45 ? 14.577  -18.815 24.316  1.00 54.18  ? 86  LEU B O   1 
ATOM   678  C CB  . LEU B 1 45 ? 13.358  -19.140 21.264  1.00 51.28  ? 86  LEU B CB  1 
ATOM   679  C CG  . LEU B 1 45 ? 13.049  -20.151 20.154  1.00 53.69  ? 86  LEU B CG  1 
ATOM   680  C CD1 . LEU B 1 45 ? 13.485  -19.569 18.809  1.00 50.75  ? 86  LEU B CD1 1 
ATOM   681  C CD2 . LEU B 1 45 ? 13.767  -21.474 20.433  1.00 50.53  ? 86  LEU B CD2 1 
ATOM   682  N N   . LYS B 1 46 ? 12.905  -17.401 23.798  1.00 53.71  ? 87  LYS B N   1 
ATOM   683  C CA  . LYS B 1 46 ? 13.345  -16.347 24.723  1.00 55.27  ? 87  LYS B CA  1 
ATOM   684  C C   . LYS B 1 46 ? 13.336  -16.814 26.180  1.00 54.57  ? 87  LYS B C   1 
ATOM   685  O O   . LYS B 1 46 ? 14.181  -16.410 26.975  1.00 53.10  ? 87  LYS B O   1 
ATOM   686  C CB  . LYS B 1 46 ? 12.459  -15.103 24.594  1.00 56.25  ? 87  LYS B CB  1 
ATOM   687  C CG  . LYS B 1 46 ? 12.501  -14.421 23.233  1.00 58.63  ? 87  LYS B CG  1 
ATOM   688  C CD  . LYS B 1 46 ? 11.577  -13.203 23.211  1.00 61.39  ? 87  LYS B CD  1 
ATOM   689  C CE  . LYS B 1 46 ? 11.523  -12.568 21.832  1.00 63.05  ? 87  LYS B CE  1 
ATOM   690  N NZ  . LYS B 1 46 ? 12.873  -12.185 21.346  1.00 64.74  ? 87  LYS B NZ  1 
ATOM   691  N N   . ALA B 1 47 ? 12.364  -17.650 26.527  1.00 55.29  ? 88  ALA B N   1 
ATOM   692  C CA  . ALA B 1 47 ? 12.264  -18.185 27.877  1.00 56.71  ? 88  ALA B CA  1 
ATOM   693  C C   . ALA B 1 47 ? 13.483  -19.071 28.152  1.00 57.69  ? 88  ALA B C   1 
ATOM   694  O O   . ALA B 1 47 ? 14.053  -19.041 29.238  1.00 58.22  ? 88  ALA B O   1 
ATOM   695  C CB  . ALA B 1 47 ? 10.983  -18.991 28.021  1.00 56.92  ? 88  ALA B CB  1 
ATOM   696  N N   . LYS B 1 48 ? 13.884  -19.861 27.161  1.00 58.55  ? 89  LYS B N   1 
ATOM   697  C CA  . LYS B 1 48 ? 15.041  -20.726 27.327  1.00 58.78  ? 89  LYS B CA  1 
ATOM   698  C C   . LYS B 1 48 ? 16.323  -19.925 27.534  1.00 58.04  ? 89  LYS B C   1 
ATOM   699  O O   . LYS B 1 48 ? 17.092  -20.210 28.452  1.00 58.28  ? 89  LYS B O   1 
ATOM   700  C CB  . LYS B 1 48 ? 15.182  -21.675 26.134  1.00 61.12  ? 89  LYS B CB  1 
ATOM   701  C CG  . LYS B 1 48 ? 14.288  -22.904 26.248  1.00 63.79  ? 89  LYS B CG  1 
ATOM   702  C CD  . LYS B 1 48 ? 14.615  -23.957 25.199  1.00 67.46  ? 89  LYS B CD  1 
ATOM   703  C CE  . LYS B 1 48 ? 14.199  -23.525 23.798  1.00 69.20  ? 89  LYS B CE  1 
ATOM   704  N NZ  . LYS B 1 48 ? 14.476  -24.584 22.779  1.00 70.78  ? 89  LYS B NZ  1 
ATOM   705  N N   . LEU B 1 49 ? 16.552  -18.917 26.699  1.00 56.90  ? 90  LEU B N   1 
ATOM   706  C CA  . LEU B 1 49 ? 17.744  -18.100 26.850  1.00 56.71  ? 90  LEU B CA  1 
ATOM   707  C C   . LEU B 1 49 ? 17.819  -17.454 28.229  1.00 56.51  ? 90  LEU B C   1 
ATOM   708  O O   . LEU B 1 49 ? 18.906  -17.207 28.756  1.00 57.31  ? 90  LEU B O   1 
ATOM   709  C CB  . LEU B 1 49 ? 17.792  -17.014 25.780  1.00 57.62  ? 90  LEU B CB  1 
ATOM   710  C CG  . LEU B 1 49 ? 18.511  -17.384 24.484  1.00 60.24  ? 90  LEU B CG  1 
ATOM   711  C CD1 . LEU B 1 49 ? 18.709  -16.109 23.675  1.00 62.91  ? 90  LEU B CD1 1 
ATOM   712  C CD2 . LEU B 1 49 ? 19.870  -18.033 24.772  1.00 58.67  ? 90  LEU B CD2 1 
ATOM   713  N N   . ALA B 1 50 ? 16.663  -17.165 28.809  1.00 54.18  ? 91  ALA B N   1 
ATOM   714  C CA  . ALA B 1 50 ? 16.631  -16.567 30.122  1.00 53.87  ? 91  ALA B CA  1 
ATOM   715  C C   . ALA B 1 50 ? 17.377  -17.459 31.118  1.00 55.13  ? 91  ALA B C   1 
ATOM   716  O O   . ALA B 1 50 ? 17.979  -16.958 32.067  1.00 55.52  ? 91  ALA B O   1 
ATOM   717  C CB  . ALA B 1 50 ? 15.192  -16.376 30.564  1.00 54.92  ? 91  ALA B CB  1 
ATOM   718  N N   . GLN B 1 51 ? 17.331  -18.778 30.906  1.00 54.56  ? 92  GLN B N   1 
ATOM   719  C CA  . GLN B 1 51 ? 18.013  -19.726 31.790  1.00 54.17  ? 92  GLN B CA  1 
ATOM   720  C C   . GLN B 1 51 ? 19.519  -19.488 31.798  1.00 56.08  ? 92  GLN B C   1 
ATOM   721  O O   . GLN B 1 51 ? 20.179  -19.672 32.813  1.00 56.14  ? 92  GLN B O   1 
ATOM   722  C CB  . GLN B 1 51 ? 17.786  -21.165 31.334  1.00 52.40  ? 92  GLN B CB  1 
ATOM   723  C CG  . GLN B 1 51 ? 16.380  -21.667 31.427  1.00 51.13  ? 92  GLN B CG  1 
ATOM   724  C CD  . GLN B 1 51 ? 16.268  -23.116 30.996  1.00 49.89  ? 92  GLN B CD  1 
ATOM   725  O OE1 . GLN B 1 51 ? 16.830  -23.524 29.974  1.00 51.83  ? 92  GLN B OE1 1 
ATOM   726  N NE2 . GLN B 1 51 ? 15.533  -23.899 31.766  1.00 45.77  ? 92  GLN B NE2 1 
ATOM   727  N N   . TYR B 1 52 ? 20.048  -19.094 30.650  1.00 58.53  ? 93  TYR B N   1 
ATOM   728  C CA  . TYR B 1 52 ? 21.473  -18.855 30.489  1.00 63.34  ? 93  TYR B CA  1 
ATOM   729  C C   . TYR B 1 52 ? 21.809  -17.376 30.421  1.00 67.04  ? 93  TYR B C   1 
ATOM   730  O O   . TYR B 1 52 ? 20.969  -16.524 30.715  1.00 68.10  ? 93  TYR B O   1 
ATOM   731  C CB  . TYR B 1 52 ? 21.955  -19.557 29.225  1.00 60.61  ? 93  TYR B CB  1 
ATOM   732  C CG  . TYR B 1 52 ? 21.438  -20.968 29.124  1.00 60.53  ? 93  TYR B CG  1 
ATOM   733  C CD1 . TYR B 1 52 ? 20.639  -21.364 28.052  1.00 60.69  ? 93  TYR B CD1 1 
ATOM   734  C CD2 . TYR B 1 52 ? 21.737  -21.911 30.111  1.00 59.03  ? 93  TYR B CD2 1 
ATOM   735  C CE1 . TYR B 1 52 ? 20.157  -22.664 27.964  1.00 59.76  ? 93  TYR B CE1 1 
ATOM   736  C CE2 . TYR B 1 52 ? 21.262  -23.206 30.034  1.00 57.70  ? 93  TYR B CE2 1 
ATOM   737  C CZ  . TYR B 1 52 ? 20.474  -23.582 28.962  1.00 60.41  ? 93  TYR B CZ  1 
ATOM   738  O OH  . TYR B 1 52 ? 20.004  -24.874 28.877  1.00 60.04  ? 93  TYR B OH  1 
ATOM   739  N N   . GLU B 1 53 ? 23.037  -17.070 30.020  1.00 71.30  ? 94  GLU B N   1 
ATOM   740  C CA  . GLU B 1 53 ? 23.472  -15.683 29.939  1.00 75.88  ? 94  GLU B CA  1 
ATOM   741  C C   . GLU B 1 53 ? 23.396  -15.036 31.322  1.00 77.66  ? 94  GLU B C   1 
ATOM   742  O O   . GLU B 1 53 ? 22.549  -14.129 31.488  1.00 77.70  ? 94  GLU B O   1 
ATOM   743  C CB  . GLU B 1 53 ? 22.591  -14.897 28.961  1.00 77.62  ? 94  GLU B CB  1 
ATOM   744  C CG  . GLU B 1 53 ? 22.735  -15.316 27.516  1.00 80.85  ? 94  GLU B CG  1 
ATOM   745  C CD  . GLU B 1 53 ? 22.153  -14.296 26.562  1.00 83.60  ? 94  GLU B CD  1 
ATOM   746  O OE1 . GLU B 1 53 ? 22.263  -14.494 25.332  1.00 85.46  ? 94  GLU B OE1 1 
ATOM   747  O OE2 . GLU B 1 53 ? 21.585  -13.293 27.045  1.00 84.97  ? 94  GLU B OE2 1 
ATOM   748  O OXT . GLU B 1 53 ? 24.170  -15.448 32.222  1.00 79.05  ? 94  GLU B OXT 1 
ATOM   749  N N   . GLU C 1 17 ? 5.536   -10.574 -0.153  1.00 64.68  ? 58  GLU C N   1 
ATOM   750  C CA  . GLU C 1 17 ? 5.160   -9.299  -0.809  1.00 64.98  ? 58  GLU C CA  1 
ATOM   751  C C   . GLU C 1 17 ? 5.973   -8.137  -0.231  1.00 62.90  ? 58  GLU C C   1 
ATOM   752  O O   . GLU C 1 17 ? 6.391   -8.178  0.928   1.00 65.19  ? 58  GLU C O   1 
ATOM   753  C CB  . GLU C 1 17 ? 3.658   -9.031  -0.633  1.00 68.16  ? 58  GLU C CB  1 
ATOM   754  C CG  . GLU C 1 17 ? 2.728   -10.087 -1.237  1.00 70.47  ? 58  GLU C CG  1 
ATOM   755  C CD  . GLU C 1 17 ? 1.401   -9.497  -1.716  1.00 74.69  ? 58  GLU C CD  1 
ATOM   756  O OE1 . GLU C 1 17 ? 0.791   -8.706  -0.962  1.00 74.58  ? 58  GLU C OE1 1 
ATOM   757  O OE2 . GLU C 1 17 ? 0.960   -9.827  -2.845  1.00 76.21  ? 58  GLU C OE2 1 
ATOM   758  N N   . ASN C 1 18 ? 6.189   -7.110  -1.049  1.00 59.08  ? 59  ASN C N   1 
ATOM   759  C CA  . ASN C 1 18 ? 6.963   -5.933  -0.665  1.00 54.94  ? 59  ASN C CA  1 
ATOM   760  C C   . ASN C 1 18 ? 6.013   -4.780  -0.342  1.00 51.16  ? 59  ASN C C   1 
ATOM   761  O O   . ASN C 1 18 ? 5.323   -4.260  -1.223  1.00 47.47  ? 59  ASN C O   1 
ATOM   762  C CB  . ASN C 1 18 ? 7.890   -5.550  -1.825  1.00 59.07  ? 59  ASN C CB  1 
ATOM   763  C CG  . ASN C 1 18 ? 8.894   -4.480  -1.454  1.00 61.60  ? 59  ASN C CG  1 
ATOM   764  O OD1 . ASN C 1 18 ? 8.524   -3.406  -0.981  1.00 65.27  ? 59  ASN C OD1 1 
ATOM   765  N ND2 . ASN C 1 18 ? 10.177  -4.766  -1.675  1.00 63.76  ? 59  ASN C ND2 1 
ATOM   766  N N   . PRO C 1 19 ? 5.967   -4.362  0.930   1.00 48.50  ? 60  PRO C N   1 
ATOM   767  C CA  . PRO C 1 19 ? 5.075   -3.265  1.316   1.00 48.12  ? 60  PRO C CA  1 
ATOM   768  C C   . PRO C 1 19 ? 5.317   -1.985  0.501   1.00 47.50  ? 60  PRO C C   1 
ATOM   769  O O   . PRO C 1 19 ? 4.401   -1.187  0.285   1.00 45.04  ? 60  PRO C O   1 
ATOM   770  C CB  . PRO C 1 19 ? 5.389   -3.074  2.808   1.00 46.85  ? 60  PRO C CB  1 
ATOM   771  C CG  . PRO C 1 19 ? 5.848   -4.425  3.229   1.00 47.26  ? 60  PRO C CG  1 
ATOM   772  C CD  . PRO C 1 19 ? 6.743   -4.829  2.088   1.00 45.36  ? 60  PRO C CD  1 
ATOM   773  N N   . GLU C 1 20 ? 6.555   -1.802  0.053   1.00 45.79  ? 61  GLU C N   1 
ATOM   774  C CA  . GLU C 1 20 ? 6.918   -0.623  -0.714  1.00 45.86  ? 61  GLU C CA  1 
ATOM   775  C C   . GLU C 1 20 ? 6.284   -0.671  -2.103  1.00 43.56  ? 61  GLU C C   1 
ATOM   776  O O   . GLU C 1 20 ? 5.847   0.359   -2.623  1.00 42.47  ? 61  GLU C O   1 
ATOM   777  C CB  . GLU C 1 20 ? 8.446   -0.515  -0.813  1.00 49.76  ? 61  GLU C CB  1 
ATOM   778  C CG  . GLU C 1 20 ? 8.927   0.707   -1.557  1.00 55.13  ? 61  GLU C CG  1 
ATOM   779  C CD  . GLU C 1 20 ? 8.927   1.954   -0.699  1.00 59.68  ? 61  GLU C CD  1 
ATOM   780  O OE1 . GLU C 1 20 ? 9.858   2.111   0.125   1.00 63.03  ? 61  GLU C OE1 1 
ATOM   781  O OE2 . GLU C 1 20 ? 7.998   2.775   -0.847  1.00 62.46  ? 61  GLU C OE2 1 
ATOM   782  N N   . ILE C 1 21 ? 6.243   -1.862  -2.699  1.00 41.61  ? 62  ILE C N   1 
ATOM   783  C CA  . ILE C 1 21 ? 5.636   -2.067  -4.016  1.00 40.74  ? 62  ILE C CA  1 
ATOM   784  C C   . ILE C 1 21 ? 4.146   -1.798  -3.888  1.00 40.42  ? 62  ILE C C   1 
ATOM   785  O O   . ILE C 1 21 ? 3.582   -0.975  -4.608  1.00 40.37  ? 62  ILE C O   1 
ATOM   786  C CB  . ILE C 1 21 ? 5.783   -3.540  -4.493  1.00 42.59  ? 62  ILE C CB  1 
ATOM   787  C CG1 . ILE C 1 21 ? 7.207   -3.802  -4.976  1.00 41.70  ? 62  ILE C CG1 1 
ATOM   788  C CG2 . ILE C 1 21 ? 4.759   -3.845  -5.613  1.00 38.31  ? 62  ILE C CG2 1 
ATOM   789  C CD1 . ILE C 1 21 ? 7.480   -3.209  -6.313  1.00 44.57  ? 62  ILE C CD1 1 
ATOM   790  N N   . GLU C 1 22 ? 3.522   -2.516  -2.959  1.00 39.14  ? 63  GLU C N   1 
ATOM   791  C CA  . GLU C 1 22 ? 2.089   -2.397  -2.699  1.00 39.44  ? 63  GLU C CA  1 
ATOM   792  C C   . GLU C 1 22 ? 1.652   -0.992  -2.333  1.00 37.01  ? 63  GLU C C   1 
ATOM   793  O O   . GLU C 1 22 ? 0.511   -0.625  -2.582  1.00 36.72  ? 63  GLU C O   1 
ATOM   794  C CB  . GLU C 1 22 ? 1.650   -3.366  -1.594  1.00 36.93  ? 63  GLU C CB  1 
ATOM   795  C CG  . GLU C 1 22 ? 2.003   -4.808  -1.892  1.00 40.28  ? 63  GLU C CG  1 
ATOM   796  C CD  . GLU C 1 22 ? 1.547   -5.260  -3.281  1.00 44.95  ? 63  GLU C CD  1 
ATOM   797  O OE1 . GLU C 1 22 ? 0.748   -4.543  -3.932  1.00 48.34  ? 63  GLU C OE1 1 
ATOM   798  O OE2 . GLU C 1 22 ? 1.986   -6.346  -3.719  1.00 45.70  ? 63  GLU C OE2 1 
ATOM   799  N N   . LEU C 1 23 ? 2.551   -0.209  -1.744  1.00 35.58  ? 64  LEU C N   1 
ATOM   800  C CA  . LEU C 1 23 ? 2.211   1.161   -1.374  1.00 34.35  ? 64  LEU C CA  1 
ATOM   801  C C   . LEU C 1 23 ? 2.203   2.057   -2.609  1.00 33.83  ? 64  LEU C C   1 
ATOM   802  O O   . LEU C 1 23 ? 1.415   3.005   -2.684  1.00 32.45  ? 64  LEU C O   1 
ATOM   803  C CB  . LEU C 1 23 ? 3.207   1.717   -0.364  1.00 34.11  ? 64  LEU C CB  1 
ATOM   804  C CG  . LEU C 1 23 ? 2.988   3.194   0.005   1.00 35.06  ? 64  LEU C CG  1 
ATOM   805  C CD1 . LEU C 1 23 ? 1.649   3.409   0.686   1.00 31.14  ? 64  LEU C CD1 1 
ATOM   806  C CD2 . LEU C 1 23 ? 4.090   3.615   0.920   1.00 30.80  ? 64  LEU C CD2 1 
ATOM   807  N N   . LEU C 1 24 ? 3.073   1.753   -3.573  1.00 31.30  ? 65  LEU C N   1 
ATOM   808  C CA  . LEU C 1 24 ? 3.136   2.543   -4.792  1.00 30.38  ? 65  LEU C CA  1 
ATOM   809  C C   . LEU C 1 24 ? 1.896   2.278   -5.622  1.00 30.81  ? 65  LEU C C   1 
ATOM   810  O O   . LEU C 1 24 ? 1.383   3.191   -6.267  1.00 30.80  ? 65  LEU C O   1 
ATOM   811  C CB  . LEU C 1 24 ? 4.368   2.207   -5.614  1.00 31.36  ? 65  LEU C CB  1 
ATOM   812  C CG  . LEU C 1 24 ? 5.695   2.715   -5.078  1.00 33.19  ? 65  LEU C CG  1 
ATOM   813  C CD1 . LEU C 1 24 ? 6.778   2.025   -5.877  1.00 29.57  ? 65  LEU C CD1 1 
ATOM   814  C CD2 . LEU C 1 24 ? 5.790   4.242   -5.189  1.00 31.11  ? 65  LEU C CD2 1 
ATOM   815  N N   . ARG C 1 25 ? 1.416   1.033   -5.597  1.00 32.20  ? 66  ARG C N   1 
ATOM   816  C CA  . ARG C 1 25 ? 0.214   0.647   -6.340  1.00 34.20  ? 66  ARG C CA  1 
ATOM   817  C C   . ARG C 1 25 ? -1.017  1.259   -5.680  1.00 34.09  ? 66  ARG C C   1 
ATOM   818  O O   . ARG C 1 25 ? -1.953  1.651   -6.368  1.00 38.16  ? 66  ARG C O   1 
ATOM   819  C CB  . ARG C 1 25 ? 0.073   -0.877  -6.395  1.00 37.85  ? 66  ARG C CB  1 
ATOM   820  C CG  . ARG C 1 25 ? 1.078   -1.595  -7.287  1.00 40.53  ? 66  ARG C CG  1 
ATOM   821  C CD  . ARG C 1 25 ? 1.066   -3.092  -6.972  1.00 48.00  ? 66  ARG C CD  1 
ATOM   822  N NE  . ARG C 1 25 ? -0.233  -3.701  -7.268  1.00 54.25  ? 66  ARG C NE  1 
ATOM   823  C CZ  . ARG C 1 25 ? -0.589  -4.142  -8.474  1.00 55.17  ? 66  ARG C CZ  1 
ATOM   824  N NH1 . ARG C 1 25 ? 0.263   -4.051  -9.487  1.00 56.68  ? 66  ARG C NH1 1 
ATOM   825  N NH2 . ARG C 1 25 ? -1.803  -4.643  -8.678  1.00 53.85  ? 66  ARG C NH2 1 
ATOM   826  N N   . LEU C 1 26 ? -1.011  1.352   -4.351  1.00 33.33  ? 67  LEU C N   1 
ATOM   827  C CA  . LEU C 1 26 ? -2.120  1.957   -3.629  1.00 34.84  ? 67  LEU C CA  1 
ATOM   828  C C   . LEU C 1 26 ? -2.158  3.411   -4.074  1.00 37.38  ? 67  LEU C C   1 
ATOM   829  O O   . LEU C 1 26 ? -3.196  3.917   -4.505  1.00 37.85  ? 67  LEU C O   1 
ATOM   830  C CB  . LEU C 1 26 ? -1.884  1.932   -2.120  1.00 35.61  ? 67  LEU C CB  1 
ATOM   831  C CG  . LEU C 1 26 ? -3.045  1.625   -1.164  1.00 38.99  ? 67  LEU C CG  1 
ATOM   832  C CD1 . LEU C 1 26 ? -2.679  2.194   0.168   1.00 37.28  ? 67  LEU C CD1 1 
ATOM   833  C CD2 . LEU C 1 26 ? -4.391  2.205   -1.619  1.00 37.34  ? 67  LEU C CD2 1 
ATOM   834  N N   . GLU C 1 27 ? -1.012  4.079   -3.971  1.00 37.09  ? 68  GLU C N   1 
ATOM   835  C CA  . GLU C 1 27 ? -0.917  5.481   -4.370  1.00 38.48  ? 68  GLU C CA  1 
ATOM   836  C C   . GLU C 1 27 ? -1.285  5.621   -5.829  1.00 38.34  ? 68  GLU C C   1 
ATOM   837  O O   . GLU C 1 27 ? -1.876  6.611   -6.233  1.00 36.56  ? 68  GLU C O   1 
ATOM   838  C CB  . GLU C 1 27 ? 0.504   6.013   -4.142  1.00 38.94  ? 68  GLU C CB  1 
ATOM   839  C CG  . GLU C 1 27 ? 0.865   6.099   -2.676  1.00 41.23  ? 68  GLU C CG  1 
ATOM   840  C CD  . GLU C 1 27 ? 2.223   6.704   -2.416  1.00 41.98  ? 68  GLU C CD  1 
ATOM   841  O OE1 . GLU C 1 27 ? 2.545   7.772   -2.990  1.00 42.02  ? 68  GLU C OE1 1 
ATOM   842  O OE2 . GLU C 1 27 ? 2.964   6.115   -1.605  1.00 46.26  ? 68  GLU C OE2 1 
ATOM   843  N N   . LEU C 1 28 ? -0.943  4.620   -6.631  1.00 39.59  ? 69  LEU C N   1 
ATOM   844  C CA  . LEU C 1 28 ? -1.273  4.690   -8.043  1.00 39.25  ? 69  LEU C CA  1 
ATOM   845  C C   . LEU C 1 28 ? -2.778  4.617   -8.274  1.00 39.97  ? 69  LEU C C   1 
ATOM   846  O O   . LEU C 1 28 ? -3.338  5.439   -9.004  1.00 38.08  ? 69  LEU C O   1 
ATOM   847  C CB  . LEU C 1 28 ? -0.577  3.565   -8.799  1.00 41.31  ? 69  LEU C CB  1 
ATOM   848  C CG  . LEU C 1 28 ? 0.753   3.978   -9.408  1.00 41.74  ? 69  LEU C CG  1 
ATOM   849  C CD1 . LEU C 1 28 ? 1.344   2.810   -10.175 1.00 45.00  ? 69  LEU C CD1 1 
ATOM   850  C CD2 . LEU C 1 28 ? 0.526   5.168   -10.335 1.00 43.85  ? 69  LEU C CD2 1 
ATOM   851  N N   . ALA C 1 29 ? -3.430  3.632   -7.658  1.00 39.52  ? 70  ALA C N   1 
ATOM   852  C CA  . ALA C 1 29 ? -4.876  3.471   -7.807  1.00 43.33  ? 70  ALA C CA  1 
ATOM   853  C C   . ALA C 1 29 ? -5.629  4.721   -7.335  1.00 46.06  ? 70  ALA C C   1 
ATOM   854  O O   . ALA C 1 29 ? -6.595  5.133   -7.968  1.00 46.26  ? 70  ALA C O   1 
ATOM   855  C CB  . ALA C 1 29 ? -5.362  2.222   -7.024  1.00 41.20  ? 70  ALA C CB  1 
ATOM   856  N N   . GLU C 1 30 ? -5.183  5.329   -6.233  1.00 48.69  ? 71  GLU C N   1 
ATOM   857  C CA  . GLU C 1 30 ? -5.840  6.529   -5.712  1.00 52.20  ? 71  GLU C CA  1 
ATOM   858  C C   . GLU C 1 30 ? -5.573  7.771   -6.558  1.00 52.85  ? 71  GLU C C   1 
ATOM   859  O O   . GLU C 1 30 ? -6.485  8.538   -6.867  1.00 53.77  ? 71  GLU C O   1 
ATOM   860  C CB  . GLU C 1 30 ? -5.394  6.818   -4.278  1.00 53.65  ? 71  GLU C CB  1 
ATOM   861  C CG  . GLU C 1 30 ? -6.219  6.136   -3.203  1.00 60.24  ? 71  GLU C CG  1 
ATOM   862  C CD  . GLU C 1 30 ? -7.640  6.675   -3.119  1.00 63.25  ? 71  GLU C CD  1 
ATOM   863  O OE1 . GLU C 1 30 ? -7.805  7.905   -2.938  1.00 66.03  ? 71  GLU C OE1 1 
ATOM   864  O OE2 . GLU C 1 30 ? -8.592  5.870   -3.229  1.00 64.24  ? 71  GLU C OE2 1 
ATOM   865  N N   . MET C 1 31 ? -4.316  7.972   -6.920  1.00 52.04  ? 72  MET C N   1 
ATOM   866  C CA  . MET C 1 31 ? -3.952  9.133   -7.707  1.00 53.04  ? 72  MET C CA  1 
ATOM   867  C C   . MET C 1 31 ? -4.751  9.104   -9.002  1.00 53.27  ? 72  MET C C   1 
ATOM   868  O O   . MET C 1 31 ? -5.011  10.149  -9.597  1.00 51.56  ? 72  MET C O   1 
ATOM   869  C CB  . MET C 1 31 ? -2.450  9.120   -8.014  1.00 51.93  ? 72  MET C CB  1 
ATOM   870  C CG  . MET C 1 31 ? -1.886  10.447  -8.504  1.00 55.14  ? 72  MET C CG  1 
ATOM   871  S SD  . MET C 1 31 ? -1.793  11.693  -7.197  1.00 57.45  ? 72  MET C SD  1 
ATOM   872  C CE  . MET C 1 31 ? -2.878  12.922  -7.841  1.00 59.33  ? 72  MET C CE  1 
ATOM   873  N N   . LYS C 1 32 ? -5.142  7.899   -9.420  1.00 53.56  ? 73  LYS C N   1 
ATOM   874  C CA  . LYS C 1 32 ? -5.903  7.707   -10.650 1.00 54.93  ? 73  LYS C CA  1 
ATOM   875  C C   . LYS C 1 32 ? -7.363  8.152   -10.509 1.00 55.02  ? 73  LYS C C   1 
ATOM   876  O O   . LYS C 1 32 ? -7.889  8.845   -11.376 1.00 55.49  ? 73  LYS C O   1 
ATOM   877  C CB  . LYS C 1 32 ? -5.825  6.240   -11.073 1.00 57.48  ? 73  LYS C CB  1 
ATOM   878  C CG  . LYS C 1 32 ? -6.597  5.912   -12.328 1.00 61.08  ? 73  LYS C CG  1 
ATOM   879  C CD  . LYS C 1 32 ? -6.209  4.540   -12.864 1.00 64.78  ? 73  LYS C CD  1 
ATOM   880  C CE  . LYS C 1 32 ? -7.067  4.148   -14.068 1.00 67.83  ? 73  LYS C CE  1 
ATOM   881  N NZ  . LYS C 1 32 ? -8.530  4.090   -13.729 1.00 67.85  ? 73  LYS C NZ  1 
ATOM   882  N N   . GLU C 1 33 ? -8.024  7.758   -9.425  1.00 55.10  ? 74  GLU C N   1 
ATOM   883  C CA  . GLU C 1 33 ? -9.403  8.183   -9.208  1.00 55.79  ? 74  GLU C CA  1 
ATOM   884  C C   . GLU C 1 33 ? -9.452  9.705   -9.069  1.00 55.55  ? 74  GLU C C   1 
ATOM   885  O O   . GLU C 1 33 ? -10.457 10.329  -9.397  1.00 57.34  ? 74  GLU C O   1 
ATOM   886  C CB  . GLU C 1 33 ? -9.988  7.551   -7.945  1.00 55.60  ? 74  GLU C CB  1 
ATOM   887  C CG  . GLU C 1 33 ? -10.012 6.030   -7.956  1.00 59.29  ? 74  GLU C CG  1 
ATOM   888  C CD  . GLU C 1 33 ? -10.963 5.454   -6.912  1.00 61.26  ? 74  GLU C CD  1 
ATOM   889  O OE1 . GLU C 1 33 ? -11.084 6.065   -5.827  1.00 63.30  ? 74  GLU C OE1 1 
ATOM   890  O OE2 . GLU C 1 33 ? -11.580 4.389   -7.172  1.00 60.02  ? 74  GLU C OE2 1 
ATOM   891  N N   . LYS C 1 34 ? -8.373  10.302  -8.577  1.00 54.35  ? 75  LYS C N   1 
ATOM   892  C CA  . LYS C 1 34 ? -8.330  11.755  -8.414  1.00 54.32  ? 75  LYS C CA  1 
ATOM   893  C C   . LYS C 1 34 ? -8.123  12.469  -9.741  1.00 53.30  ? 75  LYS C C   1 
ATOM   894  O O   . LYS C 1 34 ? -8.653  13.552  -9.969  1.00 52.45  ? 75  LYS C O   1 
ATOM   895  C CB  . LYS C 1 34 ? -7.215  12.154  -7.452  1.00 54.23  ? 75  LYS C CB  1 
ATOM   896  C CG  . LYS C 1 34 ? -7.610  12.014  -6.008  1.00 55.04  ? 75  LYS C CG  1 
ATOM   897  C CD  . LYS C 1 34 ? -6.420  12.204  -5.096  1.00 54.73  ? 75  LYS C CD  1 
ATOM   898  C CE  . LYS C 1 34 ? -6.888  12.434  -3.672  1.00 56.72  ? 75  LYS C CE  1 
ATOM   899  N NZ  . LYS C 1 34 ? -7.623  13.719  -3.555  1.00 56.19  ? 75  LYS C NZ  1 
ATOM   900  N N   . TYR C 1 35 ? -7.338  11.849  -10.611 1.00 52.13  ? 76  TYR C N   1 
ATOM   901  C CA  . TYR C 1 35 ? -7.064  12.411  -11.913 1.00 51.80  ? 76  TYR C CA  1 
ATOM   902  C C   . TYR C 1 35 ? -8.371  12.479  -12.690 1.00 53.29  ? 76  TYR C C   1 
ATOM   903  O O   . TYR C 1 35 ? -8.694  13.499  -13.301 1.00 52.42  ? 76  TYR C O   1 
ATOM   904  C CB  . TYR C 1 35 ? -6.063  11.530  -12.650 1.00 49.70  ? 76  TYR C CB  1 
ATOM   905  C CG  . TYR C 1 35 ? -5.675  12.075  -13.992 1.00 47.91  ? 76  TYR C CG  1 
ATOM   906  C CD1 . TYR C 1 35 ? -5.858  11.321  -15.150 1.00 47.51  ? 76  TYR C CD1 1 
ATOM   907  C CD2 . TYR C 1 35 ? -5.105  13.339  -14.107 1.00 46.91  ? 76  TYR C CD2 1 
ATOM   908  C CE1 . TYR C 1 35 ? -5.479  11.815  -16.393 1.00 47.73  ? 76  TYR C CE1 1 
ATOM   909  C CE2 . TYR C 1 35 ? -4.720  13.843  -15.342 1.00 46.15  ? 76  TYR C CE2 1 
ATOM   910  C CZ  . TYR C 1 35 ? -4.906  13.077  -16.481 1.00 47.90  ? 76  TYR C CZ  1 
ATOM   911  O OH  . TYR C 1 35 ? -4.487  13.557  -17.702 1.00 49.85  ? 76  TYR C OH  1 
ATOM   912  N N   . GLU C 1 36 ? -9.123  11.386  -12.671 1.00 54.93  ? 77  GLU C N   1 
ATOM   913  C CA  . GLU C 1 36 ? -10.397 11.352  -13.375 1.00 57.68  ? 77  GLU C CA  1 
ATOM   914  C C   . GLU C 1 36 ? -11.268 12.502  -12.901 1.00 57.07  ? 77  GLU C C   1 
ATOM   915  O O   . GLU C 1 36 ? -11.860 13.218  -13.703 1.00 57.05  ? 77  GLU C O   1 
ATOM   916  C CB  . GLU C 1 36 ? -11.126 10.028  -13.119 1.00 61.45  ? 77  GLU C CB  1 
ATOM   917  C CG  . GLU C 1 36 ? -10.833 8.935   -14.133 1.00 66.87  ? 77  GLU C CG  1 
ATOM   918  C CD  . GLU C 1 36 ? -9.415  8.413   -14.050 1.00 70.40  ? 77  GLU C CD  1 
ATOM   919  O OE1 . GLU C 1 36 ? -8.468  9.218   -14.200 1.00 73.86  ? 77  GLU C OE1 1 
ATOM   920  O OE2 . GLU C 1 36 ? -9.247  7.193   -13.838 1.00 73.64  ? 77  GLU C OE2 1 
ATOM   921  N N   . ALA C 1 37 ? -11.324 12.679  -11.588 1.00 56.45  ? 78  ALA C N   1 
ATOM   922  C CA  . ALA C 1 37 ? -12.130 13.722  -10.980 1.00 55.74  ? 78  ALA C CA  1 
ATOM   923  C C   . ALA C 1 37 ? -11.768 15.128  -11.452 1.00 56.50  ? 78  ALA C C   1 
ATOM   924  O O   . ALA C 1 37 ? -12.646 15.921  -11.784 1.00 57.38  ? 78  ALA C O   1 
ATOM   925  C CB  . ALA C 1 37 ? -12.024 13.626  -9.471  1.00 54.74  ? 78  ALA C CB  1 
ATOM   926  N N   . ILE C 1 38 ? -10.482 15.443  -11.484 1.00 56.69  ? 79  ILE C N   1 
ATOM   927  C CA  . ILE C 1 38 ? -10.055 16.760  -11.929 1.00 57.01  ? 79  ILE C CA  1 
ATOM   928  C C   . ILE C 1 38 ? -10.270 16.926  -13.431 1.00 56.45  ? 79  ILE C C   1 
ATOM   929  O O   . ILE C 1 38 ? -10.499 18.033  -13.906 1.00 57.05  ? 79  ILE C O   1 
ATOM   930  C CB  . ILE C 1 38 ? -8.563  17.006  -11.626 1.00 58.19  ? 79  ILE C CB  1 
ATOM   931  C CG1 . ILE C 1 38 ? -7.700  16.030  -12.425 1.00 58.27  ? 79  ILE C CG1 1 
ATOM   932  C CG2 . ILE C 1 38 ? -8.308  16.834  -10.150 1.00 60.80  ? 79  ILE C CG2 1 
ATOM   933  C CD1 . ILE C 1 38 ? -6.240  16.376  -12.449 1.00 59.67  ? 79  ILE C CD1 1 
ATOM   934  N N   . VAL C 1 39 ? -10.167 15.835  -14.182 1.00 55.45  ? 80  VAL C N   1 
ATOM   935  C CA  . VAL C 1 39 ? -10.367 15.906  -15.625 1.00 56.66  ? 80  VAL C CA  1 
ATOM   936  C C   . VAL C 1 39 ? -11.818 16.293  -15.899 1.00 57.78  ? 80  VAL C C   1 
ATOM   937  O O   . VAL C 1 39 ? -12.091 17.176  -16.711 1.00 57.03  ? 80  VAL C O   1 
ATOM   938  C CB  . VAL C 1 39 ? -10.057 14.549  -16.321 1.00 55.84  ? 80  VAL C CB  1 
ATOM   939  C CG1 . VAL C 1 39 ? -10.592 14.550  -17.742 1.00 52.36  ? 80  VAL C CG1 1 
ATOM   940  C CG2 . VAL C 1 39 ? -8.547  14.298  -16.328 1.00 55.90  ? 80  VAL C CG2 1 
ATOM   941  N N   . GLU C 1 40 ? -12.736 15.627  -15.205 1.00 59.36  ? 81  GLU C N   1 
ATOM   942  C CA  . GLU C 1 40 ? -14.161 15.889  -15.343 1.00 61.82  ? 81  GLU C CA  1 
ATOM   943  C C   . GLU C 1 40 ? -14.468 17.299  -14.862 1.00 61.91  ? 81  GLU C C   1 
ATOM   944  O O   . GLU C 1 40 ? -15.437 17.909  -15.302 1.00 63.29  ? 81  GLU C O   1 
ATOM   945  C CB  . GLU C 1 40 ? -14.967 14.865  -14.531 1.00 64.46  ? 81  GLU C CB  1 
ATOM   946  C CG  . GLU C 1 40 ? -16.466 15.144  -14.439 1.00 69.64  ? 81  GLU C CG  1 
ATOM   947  C CD  . GLU C 1 40 ? -17.266 13.960  -13.880 1.00 73.53  ? 81  GLU C CD  1 
ATOM   948  O OE1 . GLU C 1 40 ? -18.472 14.139  -13.582 1.00 74.24  ? 81  GLU C OE1 1 
ATOM   949  O OE2 . GLU C 1 40 ? -16.694 12.850  -13.749 1.00 73.36  ? 81  GLU C OE2 1 
ATOM   950  N N   . GLU C 1 41 ? -13.636 17.812  -13.961 1.00 61.74  ? 82  GLU C N   1 
ATOM   951  C CA  . GLU C 1 41 ? -13.809 19.162  -13.428 1.00 62.58  ? 82  GLU C CA  1 
ATOM   952  C C   . GLU C 1 41 ? -13.200 20.173  -14.401 1.00 60.97  ? 82  GLU C C   1 
ATOM   953  O O   . GLU C 1 41 ? -13.538 21.355  -14.392 1.00 61.69  ? 82  GLU C O   1 
ATOM   954  C CB  . GLU C 1 41 ? -13.122 19.281  -12.061 1.00 64.52  ? 82  GLU C CB  1 
ATOM   955  C CG  . GLU C 1 41 ? -13.237 20.645  -11.382 1.00 67.58  ? 82  GLU C CG  1 
ATOM   956  C CD  . GLU C 1 41 ? -14.674 21.027  -11.037 1.00 71.22  ? 82  GLU C CD  1 
ATOM   957  O OE1 . GLU C 1 41 ? -15.484 20.132  -10.705 1.00 73.57  ? 82  GLU C OE1 1 
ATOM   958  O OE2 . GLU C 1 41 ? -14.996 22.231  -11.083 1.00 71.94  ? 82  GLU C OE2 1 
ATOM   959  N N   . ASN C 1 42 ? -12.297 19.693  -15.243 1.00 58.70  ? 83  ASN C N   1 
ATOM   960  C CA  . ASN C 1 42 ? -11.639 20.545  -16.220 1.00 56.62  ? 83  ASN C CA  1 
ATOM   961  C C   . ASN C 1 42 ? -12.563 20.797  -17.410 1.00 56.26  ? 83  ASN C C   1 
ATOM   962  O O   . ASN C 1 42 ? -12.611 21.898  -17.949 1.00 55.31  ? 83  ASN C O   1 
ATOM   963  C CB  . ASN C 1 42 ? -10.356 19.880  -16.704 1.00 53.14  ? 83  ASN C CB  1 
ATOM   964  C CG  . ASN C 1 42 ? -9.613  20.725  -17.707 1.00 50.77  ? 83  ASN C CG  1 
ATOM   965  O OD1 . ASN C 1 42 ? -9.105  21.793  -17.369 1.00 49.63  ? 83  ASN C OD1 1 
ATOM   966  N ND2 . ASN C 1 42 ? -9.546  20.257  -18.952 1.00 47.44  ? 83  ASN C ND2 1 
ATOM   967  N N   . LYS C 1 43 ? -13.287 19.765  -17.824 1.00 56.76  ? 84  LYS C N   1 
ATOM   968  C CA  . LYS C 1 43 ? -14.211 19.895  -18.941 1.00 58.16  ? 84  LYS C CA  1 
ATOM   969  C C   . LYS C 1 43 ? -15.361 20.774  -18.478 1.00 58.04  ? 84  LYS C C   1 
ATOM   970  O O   . LYS C 1 43 ? -15.860 21.614  -19.221 1.00 57.96  ? 84  LYS C O   1 
ATOM   971  C CB  . LYS C 1 43 ? -14.731 18.520  -19.365 1.00 59.47  ? 84  LYS C CB  1 
ATOM   972  C CG  . LYS C 1 43 ? -13.639 17.470  -19.506 1.00 61.74  ? 84  LYS C CG  1 
ATOM   973  C CD  . LYS C 1 43 ? -12.456 18.003  -20.321 1.00 65.02  ? 84  LYS C CD  1 
ATOM   974  C CE  . LYS C 1 43 ? -11.206 17.144  -20.141 1.00 65.69  ? 84  LYS C CE  1 
ATOM   975  N NZ  . LYS C 1 43 ? -10.007 17.774  -20.752 1.00 64.70  ? 84  LYS C NZ  1 
ATOM   976  N N   . LYS C 1 44 ? -15.764 20.577  -17.230 1.00 58.84  ? 85  LYS C N   1 
ATOM   977  C CA  . LYS C 1 44 ? -16.848 21.351  -16.645 1.00 59.88  ? 85  LYS C CA  1 
ATOM   978  C C   . LYS C 1 44 ? -16.495 22.839  -16.702 1.00 58.95  ? 85  LYS C C   1 
ATOM   979  O O   . LYS C 1 44 ? -17.323 23.667  -17.087 1.00 59.16  ? 85  LYS C O   1 
ATOM   980  C CB  . LYS C 1 44 ? -17.076 20.910  -15.196 1.00 61.87  ? 85  LYS C CB  1 
ATOM   981  C CG  . LYS C 1 44 ? -18.476 21.176  -14.670 1.00 64.01  ? 85  LYS C CG  1 
ATOM   982  C CD  . LYS C 1 44 ? -18.664 20.594  -13.277 1.00 65.86  ? 85  LYS C CD  1 
ATOM   983  C CE  . LYS C 1 44 ? -20.115 20.705  -12.824 1.00 68.02  ? 85  LYS C CE  1 
ATOM   984  N NZ  . LYS C 1 44 ? -21.050 19.976  -13.742 1.00 68.84  ? 85  LYS C NZ  1 
ATOM   985  N N   . LEU C 1 45 ? -15.260 23.168  -16.335 1.00 57.42  ? 86  LEU C N   1 
ATOM   986  C CA  . LEU C 1 45 ? -14.800 24.551  -16.347 1.00 56.29  ? 86  LEU C CA  1 
ATOM   987  C C   . LEU C 1 45 ? -14.757 25.161  -17.745 1.00 56.22  ? 86  LEU C C   1 
ATOM   988  O O   . LEU C 1 45 ? -15.328 26.224  -17.977 1.00 57.14  ? 86  LEU C O   1 
ATOM   989  C CB  . LEU C 1 45 ? -13.414 24.647  -15.697 1.00 56.91  ? 86  LEU C CB  1 
ATOM   990  C CG  . LEU C 1 45 ? -13.336 24.821  -14.170 1.00 57.59  ? 86  LEU C CG  1 
ATOM   991  C CD1 . LEU C 1 45 ? -14.364 23.950  -13.479 1.00 55.17  ? 86  LEU C CD1 1 
ATOM   992  C CD2 . LEU C 1 45 ? -11.933 24.480  -13.686 1.00 54.66  ? 86  LEU C CD2 1 
ATOM   993  N N   . LYS C 1 46 ? -14.070 24.497  -18.674 1.00 56.25  ? 87  LYS C N   1 
ATOM   994  C CA  . LYS C 1 46 ? -13.954 24.991  -20.038 1.00 55.07  ? 87  LYS C CA  1 
ATOM   995  C C   . LYS C 1 46 ? -15.328 25.302  -20.611 1.00 56.88  ? 87  LYS C C   1 
ATOM   996  O O   . LYS C 1 46 ? -15.513 26.323  -21.268 1.00 57.33  ? 87  LYS C O   1 
ATOM   997  C CB  . LYS C 1 46 ? -13.261 23.961  -20.929 1.00 54.00  ? 87  LYS C CB  1 
ATOM   998  C CG  . LYS C 1 46 ? -11.743 23.894  -20.777 1.00 51.19  ? 87  LYS C CG  1 
ATOM   999  C CD  . LYS C 1 46 ? -11.139 22.824  -21.690 1.00 45.10  ? 87  LYS C CD  1 
ATOM   1000 C CE  . LYS C 1 46 ? -11.560 21.419  -21.234 1.00 43.73  ? 87  LYS C CE  1 
ATOM   1001 N NZ  . LYS C 1 46 ? -11.006 20.337  -22.102 1.00 41.86  ? 87  LYS C NZ  1 
ATOM   1002 N N   . ALA C 1 47 ? -16.286 24.415  -20.359 1.00 57.18  ? 88  ALA C N   1 
ATOM   1003 C CA  . ALA C 1 47 ? -17.646 24.598  -20.855 1.00 58.95  ? 88  ALA C CA  1 
ATOM   1004 C C   . ALA C 1 47 ? -18.247 25.877  -20.294 1.00 60.14  ? 88  ALA C C   1 
ATOM   1005 O O   . ALA C 1 47 ? -18.690 26.750  -21.041 1.00 60.62  ? 88  ALA C O   1 
ATOM   1006 C CB  . ALA C 1 47 ? -18.510 23.410  -20.465 1.00 57.05  ? 88  ALA C CB  1 
ATOM   1007 N N   . LYS C 1 48 ? -18.266 25.983  -18.972 1.00 61.61  ? 89  LYS C N   1 
ATOM   1008 C CA  . LYS C 1 48 ? -18.818 27.166  -18.338 1.00 62.80  ? 89  LYS C CA  1 
ATOM   1009 C C   . LYS C 1 48 ? -18.165 28.425  -18.916 1.00 63.24  ? 89  LYS C C   1 
ATOM   1010 O O   . LYS C 1 48 ? -18.846 29.401  -19.226 1.00 65.01  ? 89  LYS C O   1 
ATOM   1011 C CB  . LYS C 1 48 ? -18.601 27.104  -16.825 1.00 63.06  ? 89  LYS C CB  1 
ATOM   1012 C CG  . LYS C 1 48 ? -19.242 28.257  -16.064 1.00 66.73  ? 89  LYS C CG  1 
ATOM   1013 C CD  . LYS C 1 48 ? -18.887 28.235  -14.572 1.00 68.86  ? 89  LYS C CD  1 
ATOM   1014 C CE  . LYS C 1 48 ? -19.578 29.369  -13.813 1.00 68.84  ? 89  LYS C CE  1 
ATOM   1015 N NZ  . LYS C 1 48 ? -19.042 29.526  -12.427 1.00 68.73  ? 89  LYS C NZ  1 
ATOM   1016 N N   . LEU C 1 49 ? -16.849 28.390  -19.092 1.00 62.06  ? 90  LEU C N   1 
ATOM   1017 C CA  . LEU C 1 49 ? -16.132 29.546  -19.614 1.00 62.07  ? 90  LEU C CA  1 
ATOM   1018 C C   . LEU C 1 49 ? -16.409 29.862  -21.081 1.00 62.65  ? 90  LEU C C   1 
ATOM   1019 O O   . LEU C 1 49 ? -16.263 31.006  -21.508 1.00 61.16  ? 90  LEU C O   1 
ATOM   1020 C CB  . LEU C 1 49 ? -14.625 29.360  -19.432 1.00 60.32  ? 90  LEU C CB  1 
ATOM   1021 C CG  . LEU C 1 49 ? -13.809 30.560  -19.906 1.00 58.46  ? 90  LEU C CG  1 
ATOM   1022 C CD1 . LEU C 1 49 ? -14.198 31.763  -19.072 1.00 60.95  ? 90  LEU C CD1 1 
ATOM   1023 C CD2 . LEU C 1 49 ? -12.326 30.291  -19.775 1.00 58.76  ? 90  LEU C CD2 1 
ATOM   1024 N N   . ALA C 1 50 ? -16.798 28.847  -21.846 1.00 64.10  ? 91  ALA C N   1 
ATOM   1025 C CA  . ALA C 1 50 ? -17.066 29.005  -23.275 1.00 65.59  ? 91  ALA C CA  1 
ATOM   1026 C C   . ALA C 1 50 ? -18.274 29.894  -23.556 1.00 67.70  ? 91  ALA C C   1 
ATOM   1027 O O   . ALA C 1 50 ? -18.330 30.583  -24.580 1.00 67.08  ? 91  ALA C O   1 
ATOM   1028 C CB  . ALA C 1 50 ? -17.269 27.633  -23.919 1.00 64.10  ? 91  ALA C CB  1 
ATOM   1029 N N   . GLN C 1 51 ? -19.244 29.871  -22.650 1.00 69.57  ? 92  GLN C N   1 
ATOM   1030 C CA  . GLN C 1 51 ? -20.439 30.678  -22.819 1.00 71.56  ? 92  GLN C CA  1 
ATOM   1031 C C   . GLN C 1 51 ? -20.135 32.156  -22.590 1.00 71.91  ? 92  GLN C C   1 
ATOM   1032 O O   . GLN C 1 51 ? -20.810 33.023  -23.145 1.00 72.71  ? 92  GLN C O   1 
ATOM   1033 C CB  . GLN C 1 51 ? -21.532 30.176  -21.875 1.00 72.47  ? 92  GLN C CB  1 
ATOM   1034 C CG  . GLN C 1 51 ? -21.848 28.703  -22.114 1.00 76.30  ? 92  GLN C CG  1 
ATOM   1035 C CD  . GLN C 1 51 ? -23.028 28.193  -21.309 1.00 78.21  ? 92  GLN C CD  1 
ATOM   1036 O OE1 . GLN C 1 51 ? -24.172 28.609  -21.518 1.00 79.03  ? 92  GLN C OE1 1 
ATOM   1037 N NE2 . GLN C 1 51 ? -22.756 27.281  -20.379 1.00 79.23  ? 92  GLN C NE2 1 
ATOM   1038 N N   . TYR C 1 52 ? -19.103 32.440  -21.798 1.00 72.13  ? 93  TYR C N   1 
ATOM   1039 C CA  . TYR C 1 52 ? -18.705 33.822  -21.507 1.00 72.55  ? 93  TYR C CA  1 
ATOM   1040 C C   . TYR C 1 52 ? -17.652 34.322  -22.486 1.00 70.90  ? 93  TYR C C   1 
ATOM   1041 O O   . TYR C 1 52 ? -17.152 35.437  -22.349 1.00 71.00  ? 93  TYR C O   1 
ATOM   1042 C CB  . TYR C 1 52 ? -18.126 33.953  -20.088 1.00 74.76  ? 93  TYR C CB  1 
ATOM   1043 C CG  . TYR C 1 52 ? -19.028 33.489  -18.970 1.00 76.84  ? 93  TYR C CG  1 
ATOM   1044 C CD1 . TYR C 1 52 ? -19.193 32.131  -18.699 1.00 78.11  ? 93  TYR C CD1 1 
ATOM   1045 C CD2 . TYR C 1 52 ? -19.696 34.408  -18.162 1.00 78.19  ? 93  TYR C CD2 1 
ATOM   1046 C CE1 . TYR C 1 52 ? -19.994 31.699  -17.647 1.00 78.24  ? 93  TYR C CE1 1 
ATOM   1047 C CE2 . TYR C 1 52 ? -20.500 33.986  -17.109 1.00 78.20  ? 93  TYR C CE2 1 
ATOM   1048 C CZ  . TYR C 1 52 ? -20.642 32.631  -16.858 1.00 78.82  ? 93  TYR C CZ  1 
ATOM   1049 O OH  . TYR C 1 52 ? -21.412 32.209  -15.802 1.00 80.62  ? 93  TYR C OH  1 
ATOM   1050 N N   . GLU C 1 53 ? -17.306 33.490  -23.463 1.00 70.80  ? 94  GLU C N   1 
ATOM   1051 C CA  . GLU C 1 53 ? -16.299 33.848  -24.456 1.00 69.83  ? 94  GLU C CA  1 
ATOM   1052 C C   . GLU C 1 53 ? -16.914 34.588  -25.640 1.00 69.80  ? 94  GLU C C   1 
ATOM   1053 O O   . GLU C 1 53 ? -18.162 34.641  -25.718 1.00 69.90  ? 94  GLU C O   1 
ATOM   1054 C CB  . GLU C 1 53 ? -15.586 32.585  -24.951 1.00 70.65  ? 94  GLU C CB  1 
ATOM   1055 C CG  . GLU C 1 53 ? -14.599 31.974  -23.966 1.00 71.55  ? 94  GLU C CG  1 
ATOM   1056 C CD  . GLU C 1 53 ? -13.384 32.859  -23.730 1.00 73.79  ? 94  GLU C CD  1 
ATOM   1057 O OE1 . GLU C 1 53 ? -12.757 33.298  -24.720 1.00 72.82  ? 94  GLU C OE1 1 
ATOM   1058 O OE2 . GLU C 1 53 ? -13.047 33.110  -22.552 1.00 75.88  ? 94  GLU C OE2 1 
ATOM   1059 O OXT . GLU C 1 53 ? -16.138 35.099  -26.476 1.00 67.81  ? 94  GLU C OXT 1 
ATOM   1060 N N   . ASN D 1 1  ? 34.453  -14.665 -0.017  1.00 85.05  ? 42  ASN D N   1 
ATOM   1061 C CA  . ASN D 1 1  ? 34.345  -13.620 1.042   1.00 84.73  ? 42  ASN D CA  1 
ATOM   1062 C C   . ASN D 1 1  ? 33.672  -12.364 0.504   1.00 84.57  ? 42  ASN D C   1 
ATOM   1063 O O   . ASN D 1 1  ? 32.589  -11.988 0.950   1.00 84.64  ? 42  ASN D O   1 
ATOM   1064 C CB  . ASN D 1 1  ? 35.737  -13.266 1.585   1.00 84.53  ? 42  ASN D CB  1 
ATOM   1065 C CG  . ASN D 1 1  ? 36.739  -12.950 0.480   1.00 85.23  ? 42  ASN D CG  1 
ATOM   1066 O OD1 . ASN D 1 1  ? 37.120  -13.828 -0.301  1.00 84.96  ? 42  ASN D OD1 1 
ATOM   1067 N ND2 . ASN D 1 1  ? 37.170  -11.690 0.411   1.00 83.75  ? 42  ASN D ND2 1 
ATOM   1068 N N   . SER D 1 2  ? 34.324  -11.719 -0.456  1.00 84.81  ? 43  SER D N   1 
ATOM   1069 C CA  . SER D 1 2  ? 33.805  -10.499 -1.069  1.00 84.69  ? 43  SER D CA  1 
ATOM   1070 C C   . SER D 1 2  ? 32.585  -10.841 -1.922  1.00 84.48  ? 43  SER D C   1 
ATOM   1071 O O   . SER D 1 2  ? 31.530  -10.212 -1.803  1.00 83.29  ? 43  SER D O   1 
ATOM   1072 C CB  . SER D 1 2  ? 34.894  -9.850  -1.937  1.00 84.46  ? 43  SER D CB  1 
ATOM   1073 O OG  . SER D 1 2  ? 34.459  -8.626  -2.494  1.00 84.01  ? 43  SER D OG  1 
ATOM   1074 N N   . ALA D 1 3  ? 32.751  -11.849 -2.778  1.00 84.04  ? 44  ALA D N   1 
ATOM   1075 C CA  . ALA D 1 3  ? 31.692  -12.314 -3.665  1.00 83.49  ? 44  ALA D CA  1 
ATOM   1076 C C   . ALA D 1 3  ? 30.553  -12.919 -2.853  1.00 83.09  ? 44  ALA D C   1 
ATOM   1077 O O   . ALA D 1 3  ? 29.415  -12.988 -3.317  1.00 82.66  ? 44  ALA D O   1 
ATOM   1078 C CB  . ALA D 1 3  ? 32.247  -13.350 -4.638  1.00 84.64  ? 44  ALA D CB  1 
ATOM   1079 N N   . LEU D 1 4  ? 30.873  -13.365 -1.643  1.00 82.25  ? 45  LEU D N   1 
ATOM   1080 C CA  . LEU D 1 4  ? 29.884  -13.956 -0.758  1.00 81.97  ? 45  LEU D CA  1 
ATOM   1081 C C   . LEU D 1 4  ? 29.111  -12.807 -0.120  1.00 81.37  ? 45  LEU D C   1 
ATOM   1082 O O   . LEU D 1 4  ? 27.896  -12.885 0.075   1.00 80.87  ? 45  LEU D O   1 
ATOM   1083 C CB  . LEU D 1 4  ? 30.583  -14.797 0.317   1.00 82.82  ? 45  LEU D CB  1 
ATOM   1084 C CG  . LEU D 1 4  ? 29.758  -15.714 1.225   1.00 83.87  ? 45  LEU D CG  1 
ATOM   1085 C CD1 . LEU D 1 4  ? 30.711  -16.506 2.103   1.00 85.26  ? 45  LEU D CD1 1 
ATOM   1086 C CD2 . LEU D 1 4  ? 28.795  -14.911 2.089   1.00 84.80  ? 45  LEU D CD2 1 
ATOM   1087 N N   . ASP D 1 5  ? 29.829  -11.735 0.197   1.00 80.93  ? 46  ASP D N   1 
ATOM   1088 C CA  . ASP D 1 5  ? 29.219  -10.560 0.802   1.00 80.85  ? 46  ASP D CA  1 
ATOM   1089 C C   . ASP D 1 5  ? 28.376  -9.876  -0.264  1.00 79.60  ? 46  ASP D C   1 
ATOM   1090 O O   . ASP D 1 5  ? 27.363  -9.242  0.029   1.00 78.62  ? 46  ASP D O   1 
ATOM   1091 C CB  . ASP D 1 5  ? 30.302  -9.599  1.301   1.00 82.02  ? 46  ASP D CB  1 
ATOM   1092 C CG  . ASP D 1 5  ? 29.723  -8.375  1.984   1.00 83.76  ? 46  ASP D CG  1 
ATOM   1093 O OD1 . ASP D 1 5  ? 30.508  -7.470  2.341   1.00 85.07  ? 46  ASP D OD1 1 
ATOM   1094 O OD2 . ASP D 1 5  ? 28.485  -8.317  2.168   1.00 84.20  ? 46  ASP D OD2 1 
ATOM   1095 N N   . PHE D 1 6  ? 28.816  -10.016 -1.507  1.00 78.59  ? 47  PHE D N   1 
ATOM   1096 C CA  . PHE D 1 6  ? 28.130  -9.441  -2.651  1.00 78.19  ? 47  PHE D CA  1 
ATOM   1097 C C   . PHE D 1 6  ? 26.773  -10.121 -2.852  1.00 74.96  ? 47  PHE D C   1 
ATOM   1098 O O   . PHE D 1 6  ? 25.779  -9.462  -3.164  1.00 73.74  ? 47  PHE D O   1 
ATOM   1099 C CB  . PHE D 1 6  ? 29.012  -9.608  -3.884  1.00 83.39  ? 47  PHE D CB  1 
ATOM   1100 C CG  . PHE D 1 6  ? 28.413  -9.070  -5.148  1.00 89.56  ? 47  PHE D CG  1 
ATOM   1101 C CD1 . PHE D 1 6  ? 27.405  -9.765  -5.809  1.00 92.23  ? 47  PHE D CD1 1 
ATOM   1102 C CD2 . PHE D 1 6  ? 28.874  -7.879  -5.698  1.00 92.28  ? 47  PHE D CD2 1 
ATOM   1103 C CE1 . PHE D 1 6  ? 26.868  -9.286  -7.004  1.00 93.55  ? 47  PHE D CE1 1 
ATOM   1104 C CE2 . PHE D 1 6  ? 28.343  -7.393  -6.893  1.00 93.98  ? 47  PHE D CE2 1 
ATOM   1105 C CZ  . PHE D 1 6  ? 27.336  -8.098  -7.546  1.00 94.24  ? 47  PHE D CZ  1 
ATOM   1106 N N   . LEU D 1 7  ? 26.746  -11.441 -2.671  1.00 71.45  ? 48  LEU D N   1 
ATOM   1107 C CA  . LEU D 1 7  ? 25.526  -12.229 -2.806  1.00 68.12  ? 48  LEU D CA  1 
ATOM   1108 C C   . LEU D 1 7  ? 24.599  -11.897 -1.645  1.00 66.74  ? 48  LEU D C   1 
ATOM   1109 O O   . LEU D 1 7  ? 23.381  -11.839 -1.798  1.00 65.86  ? 48  LEU D O   1 
ATOM   1110 C CB  . LEU D 1 7  ? 25.852  -13.718 -2.783  1.00 66.78  ? 48  LEU D CB  1 
ATOM   1111 C CG  . LEU D 1 7  ? 24.658  -14.667 -2.687  1.00 66.88  ? 48  LEU D CG  1 
ATOM   1112 C CD1 . LEU D 1 7  ? 23.838  -14.593 -3.969  1.00 65.91  ? 48  LEU D CD1 1 
ATOM   1113 C CD2 . LEU D 1 7  ? 25.150  -16.088 -2.443  1.00 66.44  ? 48  LEU D CD2 1 
ATOM   1114 N N   . LYS D 1 8  ? 25.181  -11.690 -0.474  1.00 65.81  ? 49  LYS D N   1 
ATOM   1115 C CA  . LYS D 1 8  ? 24.382  -11.334 0.686   1.00 65.55  ? 49  LYS D CA  1 
ATOM   1116 C C   . LYS D 1 8  ? 23.838  -9.933  0.464   1.00 64.06  ? 49  LYS D C   1 
ATOM   1117 O O   . LYS D 1 8  ? 22.700  -9.642  0.818   1.00 63.98  ? 49  LYS D O   1 
ATOM   1118 C CB  . LYS D 1 8  ? 25.227  -11.378 1.962   1.00 67.21  ? 49  LYS D CB  1 
ATOM   1119 C CG  . LYS D 1 8  ? 25.577  -12.788 2.447   1.00 70.56  ? 49  LYS D CG  1 
ATOM   1120 C CD  . LYS D 1 8  ? 24.451  -13.425 3.272   1.00 72.65  ? 49  LYS D CD  1 
ATOM   1121 C CE  . LYS D 1 8  ? 23.223  -13.767 2.439   1.00 73.10  ? 49  LYS D CE  1 
ATOM   1122 N NZ  . LYS D 1 8  ? 22.131  -14.331 3.286   1.00 74.64  ? 49  LYS D NZ  1 
ATOM   1123 N N   . HIS D 1 9  ? 24.649  -9.068  -0.139  1.00 62.60  ? 50  HIS D N   1 
ATOM   1124 C CA  . HIS D 1 9  ? 24.216  -7.703  -0.400  1.00 61.69  ? 50  HIS D CA  1 
ATOM   1125 C C   . HIS D 1 9  ? 23.020  -7.738  -1.323  1.00 62.67  ? 50  HIS D C   1 
ATOM   1126 O O   . HIS D 1 9  ? 22.128  -6.897  -1.224  1.00 62.77  ? 50  HIS D O   1 
ATOM   1127 C CB  . HIS D 1 9  ? 25.341  -6.877  -1.030  1.00 58.54  ? 50  HIS D CB  1 
ATOM   1128 C CG  . HIS D 1 9  ? 24.926  -5.490  -1.417  1.00 55.69  ? 50  HIS D CG  1 
ATOM   1129 N ND1 . HIS D 1 9  ? 24.354  -5.197  -2.637  1.00 54.70  ? 50  HIS D ND1 1 
ATOM   1130 C CD2 . HIS D 1 9  ? 24.978  -4.321  -0.736  1.00 54.68  ? 50  HIS D CD2 1 
ATOM   1131 C CE1 . HIS D 1 9  ? 24.074  -3.906  -2.693  1.00 53.46  ? 50  HIS D CE1 1 
ATOM   1132 N NE2 . HIS D 1 9  ? 24.442  -3.352  -1.552  1.00 55.12  ? 50  HIS D NE2 1 
ATOM   1133 N N   . HIS D 1 10 ? 22.996  -8.728  -2.208  1.00 64.61  ? 51  HIS D N   1 
ATOM   1134 C CA  . HIS D 1 10 ? 21.891  -8.881  -3.146  1.00 68.76  ? 51  HIS D CA  1 
ATOM   1135 C C   . HIS D 1 10 ? 20.559  -9.231  -2.507  1.00 71.08  ? 51  HIS D C   1 
ATOM   1136 O O   . HIS D 1 10 ? 19.615  -9.632  -3.190  1.00 71.69  ? 51  HIS D O   1 
ATOM   1137 C CB  . HIS D 1 10 ? 22.222  -9.924  -4.198  1.00 68.90  ? 51  HIS D CB  1 
ATOM   1138 C CG  . HIS D 1 10 ? 22.904  -9.351  -5.388  1.00 68.57  ? 51  HIS D CG  1 
ATOM   1139 N ND1 . HIS D 1 10 ? 22.726  -8.041  -5.773  1.00 69.52  ? 51  HIS D ND1 1 
ATOM   1140 C CD2 . HIS D 1 10 ? 23.734  -9.905  -6.299  1.00 69.58  ? 51  HIS D CD2 1 
ATOM   1141 C CE1 . HIS D 1 10 ? 23.420  -7.810  -6.869  1.00 70.22  ? 51  HIS D CE1 1 
ATOM   1142 N NE2 . HIS D 1 10 ? 24.040  -8.925  -7.211  1.00 71.62  ? 51  HIS D NE2 1 
ATOM   1143 N N   . LEU D 1 11 ? 20.496  -9.090  -1.193  1.00 74.22  ? 52  LEU D N   1 
ATOM   1144 C CA  . LEU D 1 11 ? 19.288  -9.351  -0.430  1.00 76.72  ? 52  LEU D CA  1 
ATOM   1145 C C   . LEU D 1 11 ? 19.431  -8.487  0.815   1.00 78.69  ? 52  LEU D C   1 
ATOM   1146 O O   . LEU D 1 11 ? 19.720  -8.993  1.900   1.00 78.92  ? 52  LEU D O   1 
ATOM   1147 C CB  . LEU D 1 11 ? 19.193  -10.833 -0.055  1.00 77.43  ? 52  LEU D CB  1 
ATOM   1148 C CG  . LEU D 1 11 ? 20.367  -11.774 -0.356  1.00 78.36  ? 52  LEU D CG  1 
ATOM   1149 C CD1 . LEU D 1 11 ? 20.190  -13.067 0.415   1.00 79.14  ? 52  LEU D CD1 1 
ATOM   1150 C CD2 . LEU D 1 11 ? 20.444  -12.072 -1.836  1.00 79.07  ? 52  LEU D CD2 1 
ATOM   1151 N N   . GLY D 1 12 ? 19.247  -7.177  0.647   1.00 80.75  ? 53  GLY D N   1 
ATOM   1152 C CA  . GLY D 1 12 ? 19.394  -6.258  1.764   1.00 83.08  ? 53  GLY D CA  1 
ATOM   1153 C C   . GLY D 1 12 ? 18.137  -5.560  2.257   1.00 84.90  ? 53  GLY D C   1 
ATOM   1154 O O   . GLY D 1 12 ? 17.074  -5.663  1.643   1.00 84.97  ? 53  GLY D O   1 
ATOM   1155 N N   . ALA D 1 13 ? 18.271  -4.842  3.372   1.00 86.28  ? 54  ALA D N   1 
ATOM   1156 C CA  . ALA D 1 13 ? 17.152  -4.120  3.975   1.00 87.82  ? 54  ALA D CA  1 
ATOM   1157 C C   . ALA D 1 13 ? 17.107  -2.638  3.587   1.00 88.67  ? 54  ALA D C   1 
ATOM   1158 O O   . ALA D 1 13 ? 16.048  -2.121  3.226   1.00 89.60  ? 54  ALA D O   1 
ATOM   1159 C CB  . ALA D 1 13 ? 17.207  -4.258  5.497   1.00 87.05  ? 54  ALA D CB  1 
ATOM   1160 N N   . ALA D 1 14 ? 18.253  -1.962  3.666   1.00 88.81  ? 55  ALA D N   1 
ATOM   1161 C CA  . ALA D 1 14 ? 18.334  -0.542  3.332   1.00 87.70  ? 55  ALA D CA  1 
ATOM   1162 C C   . ALA D 1 14 ? 17.569  -0.230  2.047   1.00 87.32  ? 55  ALA D C   1 
ATOM   1163 O O   . ALA D 1 14 ? 18.060  -0.489  0.948   1.00 88.29  ? 55  ALA D O   1 
ATOM   1164 C CB  . ALA D 1 14 ? 19.793  -0.118  3.194   1.00 87.13  ? 55  ALA D CB  1 
ATOM   1165 N N   . THR D 1 15 ? 16.361  0.310   2.211   1.00 85.46  ? 56  THR D N   1 
ATOM   1166 C CA  . THR D 1 15 ? 15.463  0.697   1.116   1.00 83.05  ? 56  THR D CA  1 
ATOM   1167 C C   . THR D 1 15 ? 15.412  -0.213  -0.128  1.00 79.90  ? 56  THR D C   1 
ATOM   1168 O O   . THR D 1 15 ? 16.410  -0.392  -0.827  1.00 79.62  ? 56  THR D O   1 
ATOM   1169 C CB  . THR D 1 15 ? 15.767  2.151   0.657   1.00 84.28  ? 56  THR D CB  1 
ATOM   1170 O OG1 . THR D 1 15 ? 17.064  2.215   0.048   1.00 84.54  ? 56  THR D OG1 1 
ATOM   1171 C CG2 . THR D 1 15 ? 15.732  3.095   1.852   1.00 84.23  ? 56  THR D CG2 1 
ATOM   1172 N N   . PRO D 1 16 ? 14.228  -0.785  -0.425  1.00 76.72  ? 57  PRO D N   1 
ATOM   1173 C CA  . PRO D 1 16 ? 14.023  -1.675  -1.576  1.00 73.34  ? 57  PRO D CA  1 
ATOM   1174 C C   . PRO D 1 16 ? 14.316  -0.987  -2.909  1.00 69.22  ? 57  PRO D C   1 
ATOM   1175 O O   . PRO D 1 16 ? 13.829  0.111   -3.174  1.00 67.92  ? 57  PRO D O   1 
ATOM   1176 C CB  . PRO D 1 16 ? 12.552  -2.067  -1.457  1.00 75.19  ? 57  PRO D CB  1 
ATOM   1177 C CG  . PRO D 1 16 ? 12.280  -1.950  0.003   1.00 76.86  ? 57  PRO D CG  1 
ATOM   1178 C CD  . PRO D 1 16 ? 12.990  -0.670  0.363   1.00 77.14  ? 57  PRO D CD  1 
ATOM   1179 N N   . GLU D 1 17 ? 15.115  -1.640  -3.743  1.00 64.13  ? 58  GLU D N   1 
ATOM   1180 C CA  . GLU D 1 17 ? 15.469  -1.087  -5.038  1.00 60.13  ? 58  GLU D CA  1 
ATOM   1181 C C   . GLU D 1 17 ? 15.511  -2.169  -6.095  1.00 56.28  ? 58  GLU D C   1 
ATOM   1182 O O   . GLU D 1 17 ? 16.555  -2.795  -6.321  1.00 57.87  ? 58  GLU D O   1 
ATOM   1183 C CB  . GLU D 1 17 ? 16.839  -0.383  -4.980  1.00 64.44  ? 58  GLU D CB  1 
ATOM   1184 C CG  . GLU D 1 17 ? 16.827  1.048   -4.410  1.00 67.54  ? 58  GLU D CG  1 
ATOM   1185 C CD  . GLU D 1 17 ? 16.607  2.113   -5.473  1.00 69.22  ? 58  GLU D CD  1 
ATOM   1186 O OE1 . GLU D 1 17 ? 17.520  2.322   -6.289  1.00 70.37  ? 58  GLU D OE1 1 
ATOM   1187 O OE2 . GLU D 1 17 ? 15.525  2.739   -5.504  1.00 72.66  ? 58  GLU D OE2 1 
ATOM   1188 N N   . ASN D 1 18 ? 14.376  -2.407  -6.737  1.00 48.61  ? 59  ASN D N   1 
ATOM   1189 C CA  . ASN D 1 18 ? 14.327  -3.397  -7.798  1.00 43.07  ? 59  ASN D CA  1 
ATOM   1190 C C   . ASN D 1 18 ? 13.636  -2.766  -9.009  1.00 39.96  ? 59  ASN D C   1 
ATOM   1191 O O   . ASN D 1 18 ? 12.909  -1.784  -8.877  1.00 38.20  ? 59  ASN D O   1 
ATOM   1192 C CB  . ASN D 1 18 ? 13.599  -4.675  -7.331  1.00 39.56  ? 59  ASN D CB  1 
ATOM   1193 C CG  . ASN D 1 18 ? 12.121  -4.460  -7.079  1.00 37.25  ? 59  ASN D CG  1 
ATOM   1194 O OD1 . ASN D 1 18 ? 11.463  -3.688  -7.765  1.00 38.87  ? 59  ASN D OD1 1 
ATOM   1195 N ND2 . ASN D 1 18 ? 11.590  -5.165  -6.107  1.00 37.29  ? 59  ASN D ND2 1 
ATOM   1196 N N   . PRO D 1 19 ? 13.864  -3.320  -10.206 1.00 37.46  ? 60  PRO D N   1 
ATOM   1197 C CA  . PRO D 1 19 ? 13.269  -2.814  -11.445 1.00 37.92  ? 60  PRO D CA  1 
ATOM   1198 C C   . PRO D 1 19 ? 11.756  -2.502  -11.364 1.00 36.46  ? 60  PRO D C   1 
ATOM   1199 O O   . PRO D 1 19 ? 11.300  -1.482  -11.872 1.00 35.58  ? 60  PRO D O   1 
ATOM   1200 C CB  . PRO D 1 19 ? 13.560  -3.935  -12.444 1.00 36.69  ? 60  PRO D CB  1 
ATOM   1201 C CG  . PRO D 1 19 ? 14.802  -4.526  -11.937 1.00 36.30  ? 60  PRO D CG  1 
ATOM   1202 C CD  . PRO D 1 19 ? 14.584  -4.582  -10.453 1.00 34.63  ? 60  PRO D CD  1 
ATOM   1203 N N   . GLU D 1 20 ? 10.989  -3.384  -10.738 1.00 35.50  ? 61  GLU D N   1 
ATOM   1204 C CA  . GLU D 1 20 ? 9.546   -3.177  -10.631 1.00 38.71  ? 61  GLU D CA  1 
ATOM   1205 C C   . GLU D 1 20 ? 9.197   -1.903  -9.868  1.00 38.98  ? 61  GLU D C   1 
ATOM   1206 O O   . GLU D 1 20 ? 8.228   -1.214  -10.192 1.00 39.62  ? 61  GLU D O   1 
ATOM   1207 C CB  . GLU D 1 20 ? 8.887   -4.357  -9.927  1.00 36.30  ? 61  GLU D CB  1 
ATOM   1208 C CG  . GLU D 1 20 ? 7.394   -4.156  -9.679  1.00 43.13  ? 61  GLU D CG  1 
ATOM   1209 C CD  . GLU D 1 20 ? 6.617   -3.889  -10.967 1.00 47.69  ? 61  GLU D CD  1 
ATOM   1210 O OE1 . GLU D 1 20 ? 5.412   -3.554  -10.879 1.00 51.04  ? 61  GLU D OE1 1 
ATOM   1211 O OE2 . GLU D 1 20 ? 7.210   -4.015  -12.067 1.00 50.66  ? 61  GLU D OE2 1 
ATOM   1212 N N   . ILE D 1 21 ? 9.982   -1.612  -8.842  1.00 38.41  ? 62  ILE D N   1 
ATOM   1213 C CA  . ILE D 1 21 ? 9.760   -0.439  -8.020  1.00 40.64  ? 62  ILE D CA  1 
ATOM   1214 C C   . ILE D 1 21 ? 10.065  0.847   -8.787  1.00 38.15  ? 62  ILE D C   1 
ATOM   1215 O O   . ILE D 1 21 ? 9.419   1.858   -8.580  1.00 38.58  ? 62  ILE D O   1 
ATOM   1216 C CB  . ILE D 1 21 ? 10.628  -0.508  -6.736  1.00 42.46  ? 62  ILE D CB  1 
ATOM   1217 C CG1 . ILE D 1 21 ? 9.966   -1.463  -5.735  1.00 44.28  ? 62  ILE D CG1 1 
ATOM   1218 C CG2 . ILE D 1 21 ? 10.817  0.884   -6.138  1.00 44.39  ? 62  ILE D CG2 1 
ATOM   1219 C CD1 . ILE D 1 21 ? 10.851  -1.875  -4.576  1.00 45.24  ? 62  ILE D CD1 1 
ATOM   1220 N N   . GLU D 1 22 ? 11.031  0.807   -9.689  1.00 36.15  ? 63  GLU D N   1 
ATOM   1221 C CA  . GLU D 1 22 ? 11.365  2.019   -10.416 1.00 37.56  ? 63  GLU D CA  1 
ATOM   1222 C C   . GLU D 1 22 ? 10.236  2.309   -11.397 1.00 33.80  ? 63  GLU D C   1 
ATOM   1223 O O   . GLU D 1 22 ? 9.836   3.454   -11.589 1.00 33.37  ? 63  GLU D O   1 
ATOM   1224 C CB  . GLU D 1 22 ? 12.709  1.858   -11.138 1.00 35.07  ? 63  GLU D CB  1 
ATOM   1225 C CG  . GLU D 1 22 ? 13.810  1.277   -10.254 1.00 41.23  ? 63  GLU D CG  1 
ATOM   1226 C CD  . GLU D 1 22 ? 14.219  2.194   -9.092  1.00 45.31  ? 63  GLU D CD  1 
ATOM   1227 O OE1 . GLU D 1 22 ? 13.473  3.146   -8.764  1.00 42.36  ? 63  GLU D OE1 1 
ATOM   1228 O OE2 . GLU D 1 22 ? 15.296  1.953   -8.496  1.00 49.33  ? 63  GLU D OE2 1 
ATOM   1229 N N   . LEU D 1 23 ? 9.708   1.262   -12.003 1.00 32.28  ? 64  LEU D N   1 
ATOM   1230 C CA  . LEU D 1 23 ? 8.618   1.439   -12.955 1.00 31.19  ? 64  LEU D CA  1 
ATOM   1231 C C   . LEU D 1 23 ? 7.434   2.076   -12.248 1.00 27.71  ? 64  LEU D C   1 
ATOM   1232 O O   . LEU D 1 23 ? 6.928   3.086   -12.706 1.00 29.51  ? 64  LEU D O   1 
ATOM   1233 C CB  . LEU D 1 23 ? 8.221   0.104   -13.581 1.00 26.94  ? 64  LEU D CB  1 
ATOM   1234 C CG  . LEU D 1 23 ? 7.143   0.206   -14.654 1.00 29.82  ? 64  LEU D CG  1 
ATOM   1235 C CD1 . LEU D 1 23 ? 7.510   1.255   -15.707 1.00 28.96  ? 64  LEU D CD1 1 
ATOM   1236 C CD2 . LEU D 1 23 ? 6.969   -1.152  -15.294 1.00 28.45  ? 64  LEU D CD2 1 
ATOM   1237 N N   . LEU D 1 24 ? 7.017   1.515   -11.123 1.00 26.54  ? 65  LEU D N   1 
ATOM   1238 C CA  . LEU D 1 24 ? 5.896   2.088   -10.363 1.00 28.03  ? 65  LEU D CA  1 
ATOM   1239 C C   . LEU D 1 24 ? 6.122   3.544   -9.962  1.00 26.05  ? 65  LEU D C   1 
ATOM   1240 O O   . LEU D 1 24 ? 5.207   4.348   -10.018 1.00 31.08  ? 65  LEU D O   1 
ATOM   1241 C CB  . LEU D 1 24 ? 5.604   1.239   -9.120  1.00 26.79  ? 65  LEU D CB  1 
ATOM   1242 C CG  . LEU D 1 24 ? 5.011   -0.134  -9.518  1.00 30.02  ? 65  LEU D CG  1 
ATOM   1243 C CD1 . LEU D 1 24 ? 4.961   -1.102  -8.355  1.00 24.26  ? 65  LEU D CD1 1 
ATOM   1244 C CD2 . LEU D 1 24 ? 3.618   0.090   -10.064 1.00 31.31  ? 65  LEU D CD2 1 
ATOM   1245 N N   . ARG D 1 25 ? 7.337   3.880   -9.558  1.00 28.49  ? 66  ARG D N   1 
ATOM   1246 C CA  . ARG D 1 25 ? 7.691   5.243   -9.151  1.00 28.82  ? 66  ARG D CA  1 
ATOM   1247 C C   . ARG D 1 25 ? 7.590   6.213   -10.327 1.00 26.60  ? 66  ARG D C   1 
ATOM   1248 O O   . ARG D 1 25 ? 7.150   7.351   -10.166 1.00 27.60  ? 66  ARG D O   1 
ATOM   1249 C CB  . ARG D 1 25 ? 9.119   5.275   -8.615  1.00 28.26  ? 66  ARG D CB  1 
ATOM   1250 C CG  . ARG D 1 25 ? 9.284   4.857   -7.188  1.00 29.56  ? 66  ARG D CG  1 
ATOM   1251 C CD  . ARG D 1 25 ? 10.795  4.758   -6.866  1.00 34.53  ? 66  ARG D CD  1 
ATOM   1252 N NE  . ARG D 1 25 ? 11.037  4.693   -5.434  1.00 38.15  ? 66  ARG D NE  1 
ATOM   1253 C CZ  . ARG D 1 25 ? 12.087  4.108   -4.864  1.00 41.34  ? 66  ARG D CZ  1 
ATOM   1254 N NH1 . ARG D 1 25 ? 13.028  3.506   -5.601  1.00 38.93  ? 66  ARG D NH1 1 
ATOM   1255 N NH2 . ARG D 1 25 ? 12.189  4.128   -3.541  1.00 38.74  ? 66  ARG D NH2 1 
ATOM   1256 N N   . LEU D 1 26 ? 8.032   5.750   -11.494 1.00 26.43  ? 67  LEU D N   1 
ATOM   1257 C CA  . LEU D 1 26 ? 7.992   6.506   -12.739 1.00 28.24  ? 67  LEU D CA  1 
ATOM   1258 C C   . LEU D 1 26 ? 6.539   6.691   -13.150 1.00 29.93  ? 67  LEU D C   1 
ATOM   1259 O O   . LEU D 1 26 ? 6.146   7.757   -13.620 1.00 30.20  ? 67  LEU D O   1 
ATOM   1260 C CB  . LEU D 1 26 ? 8.739   5.747   -13.859 1.00 30.00  ? 67  LEU D CB  1 
ATOM   1261 C CG  . LEU D 1 26 ? 8.658   6.275   -15.312 1.00 31.49  ? 67  LEU D CG  1 
ATOM   1262 C CD1 . LEU D 1 26 ? 9.151   7.724   -15.393 1.00 28.20  ? 67  LEU D CD1 1 
ATOM   1263 C CD2 . LEU D 1 26 ? 9.517   5.400   -16.232 1.00 32.35  ? 67  LEU D CD2 1 
ATOM   1264 N N   . GLU D 1 27 ? 5.735   5.647   -12.975 1.00 30.34  ? 68  GLU D N   1 
ATOM   1265 C CA  . GLU D 1 27 ? 4.333   5.752   -13.341 1.00 33.04  ? 68  GLU D CA  1 
ATOM   1266 C C   . GLU D 1 27 ? 3.666   6.720   -12.386 1.00 33.01  ? 68  GLU D C   1 
ATOM   1267 O O   . GLU D 1 27 ? 2.779   7.459   -12.772 1.00 31.69  ? 68  GLU D O   1 
ATOM   1268 C CB  . GLU D 1 27 ? 3.636   4.398   -13.230 1.00 34.64  ? 68  GLU D CB  1 
ATOM   1269 C CG  . GLU D 1 27 ? 4.081   3.389   -14.245 1.00 38.74  ? 68  GLU D CG  1 
ATOM   1270 C CD  . GLU D 1 27 ? 3.464   2.036   -14.000 1.00 43.97  ? 68  GLU D CD  1 
ATOM   1271 O OE1 . GLU D 1 27 ? 3.430   1.214   -14.944 1.00 45.63  ? 68  GLU D OE1 1 
ATOM   1272 O OE2 . GLU D 1 27 ? 3.025   1.793   -12.855 1.00 46.96  ? 68  GLU D OE2 1 
ATOM   1273 N N   . LEU D 1 28 ? 4.097   6.713   -11.131 1.00 31.80  ? 69  LEU D N   1 
ATOM   1274 C CA  . LEU D 1 28 ? 3.474   7.584   -10.165 1.00 30.99  ? 69  LEU D CA  1 
ATOM   1275 C C   . LEU D 1 28 ? 3.934   9.027   -10.427 1.00 34.86  ? 69  LEU D C   1 
ATOM   1276 O O   . LEU D 1 28 ? 3.212   9.974   -10.138 1.00 32.72  ? 69  LEU D O   1 
ATOM   1277 C CB  . LEU D 1 28 ? 3.811   7.117   -8.751  1.00 27.41  ? 69  LEU D CB  1 
ATOM   1278 C CG  . LEU D 1 28 ? 3.107   7.893   -7.629  1.00 30.91  ? 69  LEU D CG  1 
ATOM   1279 C CD1 . LEU D 1 28 ? 1.598   7.627   -7.704  1.00 30.25  ? 69  LEU D CD1 1 
ATOM   1280 C CD2 . LEU D 1 28 ? 3.668   7.482   -6.259  1.00 28.64  ? 69  LEU D CD2 1 
ATOM   1281 N N   . ALA D 1 29 ? 5.121   9.185   -11.006 1.00 35.21  ? 70  ALA D N   1 
ATOM   1282 C CA  . ALA D 1 29 ? 5.626   10.510  -11.315 1.00 37.39  ? 70  ALA D CA  1 
ATOM   1283 C C   . ALA D 1 29 ? 4.860   11.053  -12.522 1.00 38.29  ? 70  ALA D C   1 
ATOM   1284 O O   . ALA D 1 29 ? 4.451   12.207  -12.545 1.00 38.52  ? 70  ALA D O   1 
ATOM   1285 C CB  . ALA D 1 29 ? 7.127   10.446  -11.623 1.00 34.27  ? 70  ALA D CB  1 
ATOM   1286 N N   . GLU D 1 30 ? 4.687   10.210  -13.528 1.00 39.31  ? 71  GLU D N   1 
ATOM   1287 C CA  . GLU D 1 30 ? 3.960   10.582  -14.732 1.00 42.49  ? 71  GLU D CA  1 
ATOM   1288 C C   . GLU D 1 30 ? 2.515   10.947  -14.414 1.00 41.60  ? 71  GLU D C   1 
ATOM   1289 O O   . GLU D 1 30 ? 1.965   11.887  -14.982 1.00 43.75  ? 71  GLU D O   1 
ATOM   1290 C CB  . GLU D 1 30 ? 4.015   9.437   -15.743 1.00 44.17  ? 71  GLU D CB  1 
ATOM   1291 C CG  . GLU D 1 30 ? 5.450   9.144   -16.163 1.00 49.35  ? 71  GLU D CG  1 
ATOM   1292 C CD  . GLU D 1 30 ? 5.585   8.006   -17.153 1.00 52.29  ? 71  GLU D CD  1 
ATOM   1293 O OE1 . GLU D 1 30 ? 5.103   6.890   -16.865 1.00 57.12  ? 71  GLU D OE1 1 
ATOM   1294 O OE2 . GLU D 1 30 ? 6.192   8.226   -18.220 1.00 53.17  ? 71  GLU D OE2 1 
ATOM   1295 N N   . MET D 1 31 ? 1.900   10.214  -13.504 1.00 39.88  ? 72  MET D N   1 
ATOM   1296 C CA  . MET D 1 31 ? 0.527   10.513  -13.119 1.00 41.37  ? 72  MET D CA  1 
ATOM   1297 C C   . MET D 1 31 ? 0.471   11.812  -12.319 1.00 40.36  ? 72  MET D C   1 
ATOM   1298 O O   . MET D 1 31 ? -0.494  12.560  -12.407 1.00 40.01  ? 72  MET D O   1 
ATOM   1299 C CB  . MET D 1 31 ? -0.042  9.405   -12.249 1.00 42.46  ? 72  MET D CB  1 
ATOM   1300 C CG  . MET D 1 31 ? -1.460  9.688   -11.776 1.00 46.71  ? 72  MET D CG  1 
ATOM   1301 S SD  . MET D 1 31 ? -2.650  9.464   -13.106 1.00 53.04  ? 72  MET D SD  1 
ATOM   1302 C CE  . MET D 1 31 ? -2.779  7.649   -13.086 1.00 48.66  ? 72  MET D CE  1 
ATOM   1303 N N   . LYS D 1 32 ? 1.495   12.061  -11.512 1.00 39.10  ? 73  LYS D N   1 
ATOM   1304 C CA  . LYS D 1 32 ? 1.537   13.263  -10.707 1.00 39.00  ? 73  LYS D CA  1 
ATOM   1305 C C   . LYS D 1 32 ? 1.745   14.485  -11.609 1.00 39.45  ? 73  LYS D C   1 
ATOM   1306 O O   . LYS D 1 32 ? 1.283   15.577  -11.296 1.00 36.88  ? 73  LYS D O   1 
ATOM   1307 C CB  . LYS D 1 32 ? 2.666   13.166  -9.682  1.00 39.80  ? 73  LYS D CB  1 
ATOM   1308 C CG  . LYS D 1 32 ? 2.915   14.452  -8.885  1.00 38.83  ? 73  LYS D CG  1 
ATOM   1309 C CD  . LYS D 1 32 ? 1.844   14.653  -7.842  1.00 35.74  ? 73  LYS D CD  1 
ATOM   1310 C CE  . LYS D 1 32 ? 2.104   15.915  -7.055  1.00 36.61  ? 73  LYS D CE  1 
ATOM   1311 N NZ  . LYS D 1 32 ? 1.032   16.189  -6.051  1.00 35.82  ? 73  LYS D NZ  1 
ATOM   1312 N N   . GLU D 1 33 ? 2.419   14.282  -12.737 1.00 43.52  ? 74  GLU D N   1 
ATOM   1313 C CA  . GLU D 1 33 ? 2.700   15.367  -13.691 1.00 48.24  ? 74  GLU D CA  1 
ATOM   1314 C C   . GLU D 1 33 ? 1.446   15.766  -14.493 1.00 47.82  ? 74  GLU D C   1 
ATOM   1315 O O   . GLU D 1 33 ? 1.118   16.954  -14.624 1.00 46.30  ? 74  GLU D O   1 
ATOM   1316 C CB  . GLU D 1 33 ? 3.817   14.939  -14.645 1.00 50.61  ? 74  GLU D CB  1 
ATOM   1317 C CG  . GLU D 1 33 ? 4.362   16.064  -15.510 1.00 57.01  ? 74  GLU D CG  1 
ATOM   1318 C CD  . GLU D 1 33 ? 5.508   15.614  -16.418 1.00 61.94  ? 74  GLU D CD  1 
ATOM   1319 O OE1 . GLU D 1 33 ? 6.074   16.475  -17.136 1.00 65.40  ? 74  GLU D OE1 1 
ATOM   1320 O OE2 . GLU D 1 33 ? 5.843   14.406  -16.414 1.00 62.96  ? 74  GLU D OE2 1 
ATOM   1321 N N   . LYS D 1 34 ? 0.760   14.766  -15.038 1.00 46.78  ? 75  LYS D N   1 
ATOM   1322 C CA  . LYS D 1 34 ? -0.468  15.007  -15.783 1.00 46.54  ? 75  LYS D CA  1 
ATOM   1323 C C   . LYS D 1 34 ? -1.436  15.703  -14.822 1.00 46.22  ? 75  LYS D C   1 
ATOM   1324 O O   . LYS D 1 34 ? -2.074  16.691  -15.160 1.00 47.36  ? 75  LYS D O   1 
ATOM   1325 C CB  . LYS D 1 34 ? -1.052  13.681  -16.263 1.00 46.87  ? 75  LYS D CB  1 
ATOM   1326 C CG  . LYS D 1 34 ? -0.170  12.968  -17.273 1.00 52.58  ? 75  LYS D CG  1 
ATOM   1327 C CD  . LYS D 1 34 ? -0.656  11.550  -17.560 1.00 56.64  ? 75  LYS D CD  1 
ATOM   1328 C CE  . LYS D 1 34 ? -2.068  11.530  -18.151 1.00 59.46  ? 75  LYS D CE  1 
ATOM   1329 N NZ  . LYS D 1 34 ? -2.498  10.153  -18.535 1.00 60.74  ? 75  LYS D NZ  1 
ATOM   1330 N N   . TYR D 1 35 ? -1.499  15.195  -13.600 1.00 45.35  ? 76  TYR D N   1 
ATOM   1331 C CA  . TYR D 1 35 ? -2.363  15.750  -12.588 1.00 43.14  ? 76  TYR D CA  1 
ATOM   1332 C C   . TYR D 1 35 ? -2.104  17.210  -12.243 1.00 43.71  ? 76  TYR D C   1 
ATOM   1333 O O   . TYR D 1 35 ? -3.054  17.970  -12.093 1.00 43.12  ? 76  TYR D O   1 
ATOM   1334 C CB  . TYR D 1 35 ? -2.271  14.912  -11.332 1.00 42.63  ? 76  TYR D CB  1 
ATOM   1335 C CG  . TYR D 1 35 ? -3.219  15.364  -10.264 1.00 44.37  ? 76  TYR D CG  1 
ATOM   1336 C CD1 . TYR D 1 35 ? -2.869  16.365  -9.365  1.00 44.36  ? 76  TYR D CD1 1 
ATOM   1337 C CD2 . TYR D 1 35 ? -4.492  14.807  -10.170 1.00 46.11  ? 76  TYR D CD2 1 
ATOM   1338 C CE1 . TYR D 1 35 ? -3.768  16.803  -8.395  1.00 47.69  ? 76  TYR D CE1 1 
ATOM   1339 C CE2 . TYR D 1 35 ? -5.392  15.234  -9.213  1.00 47.69  ? 76  TYR D CE2 1 
ATOM   1340 C CZ  . TYR D 1 35 ? -5.028  16.230  -8.329  1.00 47.87  ? 76  TYR D CZ  1 
ATOM   1341 O OH  . TYR D 1 35 ? -5.935  16.642  -7.384  1.00 53.87  ? 76  TYR D OH  1 
ATOM   1342 N N   . GLU D 1 36 ? -0.838  17.613  -12.098 1.00 45.01  ? 77  GLU D N   1 
ATOM   1343 C CA  . GLU D 1 36 ? -0.528  19.010  -11.758 1.00 44.51  ? 77  GLU D CA  1 
ATOM   1344 C C   . GLU D 1 36 ? -0.700  19.946  -12.947 1.00 42.80  ? 77  GLU D C   1 
ATOM   1345 O O   . GLU D 1 36 ? -0.958  21.137  -12.786 1.00 43.60  ? 77  GLU D O   1 
ATOM   1346 C CB  . GLU D 1 36 ? 0.900   19.148  -11.223 1.00 48.06  ? 77  GLU D CB  1 
ATOM   1347 C CG  . GLU D 1 36 ? 1.113   18.624  -9.795  1.00 53.86  ? 77  GLU D CG  1 
ATOM   1348 C CD  . GLU D 1 36 ? 0.327   19.398  -8.737  1.00 56.63  ? 77  GLU D CD  1 
ATOM   1349 O OE1 . GLU D 1 36 ? 0.232   20.643  -8.838  1.00 58.78  ? 77  GLU D OE1 1 
ATOM   1350 O OE2 . GLU D 1 36 ? -0.181  18.761  -7.788  1.00 58.05  ? 77  GLU D OE2 1 
ATOM   1351 N N   . ALA D 1 37 ? -0.528  19.420  -14.146 1.00 41.07  ? 78  ALA D N   1 
ATOM   1352 C CA  . ALA D 1 37 ? -0.714  20.240  -15.328 1.00 42.44  ? 78  ALA D CA  1 
ATOM   1353 C C   . ALA D 1 37 ? -2.185  20.724  -15.364 1.00 45.00  ? 78  ALA D C   1 
ATOM   1354 O O   . ALA D 1 37 ? -2.460  21.894  -15.668 1.00 43.78  ? 78  ALA D O   1 
ATOM   1355 C CB  . ALA D 1 37 ? -0.374  19.428  -16.595 1.00 38.75  ? 78  ALA D CB  1 
ATOM   1356 N N   . ILE D 1 38 ? -3.117  19.833  -15.022 1.00 45.01  ? 79  ILE D N   1 
ATOM   1357 C CA  . ILE D 1 38 ? -4.527  20.177  -15.040 1.00 49.32  ? 79  ILE D CA  1 
ATOM   1358 C C   . ILE D 1 38 ? -4.969  21.071  -13.877 1.00 52.72  ? 79  ILE D C   1 
ATOM   1359 O O   . ILE D 1 38 ? -5.799  21.964  -14.068 1.00 53.29  ? 79  ILE D O   1 
ATOM   1360 C CB  . ILE D 1 38 ? -5.408  18.905  -15.095 1.00 49.64  ? 79  ILE D CB  1 
ATOM   1361 C CG1 . ILE D 1 38 ? -5.279  18.265  -16.477 1.00 51.31  ? 79  ILE D CG1 1 
ATOM   1362 C CG2 . ILE D 1 38 ? -6.873  19.252  -14.826 1.00 50.62  ? 79  ILE D CG2 1 
ATOM   1363 C CD1 . ILE D 1 38 ? -6.258  17.142  -16.727 1.00 53.80  ? 79  ILE D CD1 1 
ATOM   1364 N N   . VAL D 1 39 ? -4.429  20.842  -12.680 1.00 54.72  ? 80  VAL D N   1 
ATOM   1365 C CA  . VAL D 1 39 ? -4.790  21.674  -11.538 1.00 56.55  ? 80  VAL D CA  1 
ATOM   1366 C C   . VAL D 1 39 ? -4.332  23.104  -11.839 1.00 57.24  ? 80  VAL D C   1 
ATOM   1367 O O   . VAL D 1 39 ? -4.902  24.073  -11.334 1.00 56.90  ? 80  VAL D O   1 
ATOM   1368 C CB  . VAL D 1 39 ? -4.131  21.185  -10.219 1.00 56.34  ? 80  VAL D CB  1 
ATOM   1369 C CG1 . VAL D 1 39 ? -4.514  19.742  -9.957  1.00 57.20  ? 80  VAL D CG1 1 
ATOM   1370 C CG2 . VAL D 1 39 ? -2.625  21.348  -10.287 1.00 56.86  ? 80  VAL D CG2 1 
ATOM   1371 N N   . GLU D 1 40 ? -3.300  23.216  -12.665 1.00 57.18  ? 81  GLU D N   1 
ATOM   1372 C CA  . GLU D 1 40 ? -2.775  24.508  -13.079 1.00 60.03  ? 81  GLU D CA  1 
ATOM   1373 C C   . GLU D 1 40 ? -3.784  25.108  -14.066 1.00 60.99  ? 81  GLU D C   1 
ATOM   1374 O O   . GLU D 1 40 ? -4.157  26.281  -13.966 1.00 61.15  ? 81  GLU D O   1 
ATOM   1375 C CB  . GLU D 1 40 ? -1.423  24.317  -13.768 1.00 62.20  ? 81  GLU D CB  1 
ATOM   1376 C CG  . GLU D 1 40 ? -0.941  25.510  -14.580 1.00 68.45  ? 81  GLU D CG  1 
ATOM   1377 C CD  . GLU D 1 40 ? -0.307  26.598  -13.731 1.00 71.88  ? 81  GLU D CD  1 
ATOM   1378 O OE1 . GLU D 1 40 ? -0.990  27.134  -12.826 1.00 73.58  ? 81  GLU D OE1 1 
ATOM   1379 O OE2 . GLU D 1 40 ? 0.881   26.912  -13.973 1.00 74.00  ? 81  GLU D OE2 1 
ATOM   1380 N N   . GLU D 1 41 ? -4.229  24.284  -15.013 1.00 59.45  ? 82  GLU D N   1 
ATOM   1381 C CA  . GLU D 1 41 ? -5.195  24.713  -16.017 1.00 57.40  ? 82  GLU D CA  1 
ATOM   1382 C C   . GLU D 1 41 ? -6.497  25.174  -15.371 1.00 56.25  ? 82  GLU D C   1 
ATOM   1383 O O   . GLU D 1 41 ? -7.036  26.228  -15.720 1.00 55.97  ? 82  GLU D O   1 
ATOM   1384 C CB  . GLU D 1 41 ? -5.459  23.573  -16.990 1.00 54.97  ? 82  GLU D CB  1 
ATOM   1385 C CG  . GLU D 1 41 ? -4.251  23.260  -17.840 1.00 53.53  ? 82  GLU D CG  1 
ATOM   1386 C CD  . GLU D 1 41 ? -4.351  21.915  -18.524 1.00 53.87  ? 82  GLU D CD  1 
ATOM   1387 O OE1 . GLU D 1 41 ? -3.420  21.559  -19.274 1.00 55.21  ? 82  GLU D OE1 1 
ATOM   1388 O OE2 . GLU D 1 41 ? -5.354  21.209  -18.306 1.00 54.34  ? 82  GLU D OE2 1 
ATOM   1389 N N   . ASN D 1 42 ? -6.999  24.387  -14.430 1.00 55.55  ? 83  ASN D N   1 
ATOM   1390 C CA  . ASN D 1 42 ? -8.215  24.743  -13.727 1.00 57.03  ? 83  ASN D CA  1 
ATOM   1391 C C   . ASN D 1 42 ? -8.028  26.047  -12.969 1.00 59.59  ? 83  ASN D C   1 
ATOM   1392 O O   . ASN D 1 42 ? -8.971  26.803  -12.771 1.00 60.89  ? 83  ASN D O   1 
ATOM   1393 C CB  . ASN D 1 42 ? -8.602  23.644  -12.754 1.00 55.45  ? 83  ASN D CB  1 
ATOM   1394 C CG  . ASN D 1 42 ? -9.140  22.434  -13.453 1.00 54.27  ? 83  ASN D CG  1 
ATOM   1395 O OD1 . ASN D 1 42 ? -9.559  21.469  -12.816 1.00 54.15  ? 83  ASN D OD1 1 
ATOM   1396 N ND2 . ASN D 1 42 ? -9.144  22.477  -14.781 1.00 54.14  ? 83  ASN D ND2 1 
ATOM   1397 N N   . LYS D 1 43 ? -6.802  26.304  -12.537 1.00 61.81  ? 84  LYS D N   1 
ATOM   1398 C CA  . LYS D 1 43 ? -6.507  27.530  -11.818 1.00 63.22  ? 84  LYS D CA  1 
ATOM   1399 C C   . LYS D 1 43 ? -6.770  28.700  -12.769 1.00 62.82  ? 84  LYS D C   1 
ATOM   1400 O O   . LYS D 1 43 ? -7.514  29.620  -12.441 1.00 62.99  ? 84  LYS D O   1 
ATOM   1401 C CB  . LYS D 1 43 ? -5.044  27.520  -11.365 1.00 65.27  ? 84  LYS D CB  1 
ATOM   1402 C CG  . LYS D 1 43 ? -4.633  28.675  -10.469 1.00 68.07  ? 84  LYS D CG  1 
ATOM   1403 C CD  . LYS D 1 43 ? -3.199  28.486  -9.984  1.00 70.96  ? 84  LYS D CD  1 
ATOM   1404 C CE  . LYS D 1 43 ? -3.062  27.192  -9.180  1.00 73.95  ? 84  LYS D CE  1 
ATOM   1405 N NZ  . LYS D 1 43 ? -1.651  26.894  -8.780  1.00 75.57  ? 84  LYS D NZ  1 
ATOM   1406 N N   . LYS D 1 44 ? -6.170  28.653  -13.954 1.00 62.20  ? 85  LYS D N   1 
ATOM   1407 C CA  . LYS D 1 44 ? -6.351  29.717  -14.930 1.00 62.40  ? 85  LYS D CA  1 
ATOM   1408 C C   . LYS D 1 44 ? -7.808  29.865  -15.365 1.00 63.02  ? 85  LYS D C   1 
ATOM   1409 O O   . LYS D 1 44 ? -8.315  30.974  -15.481 1.00 63.48  ? 85  LYS D O   1 
ATOM   1410 C CB  . LYS D 1 44 ? -5.460  29.472  -16.140 1.00 61.16  ? 85  LYS D CB  1 
ATOM   1411 C CG  . LYS D 1 44 ? -3.987  29.639  -15.831 1.00 60.61  ? 85  LYS D CG  1 
ATOM   1412 C CD  . LYS D 1 44 ? -3.148  29.512  -17.089 1.00 62.06  ? 85  LYS D CD  1 
ATOM   1413 C CE  . LYS D 1 44 ? -1.658  29.620  -16.778 1.00 63.51  ? 85  LYS D CE  1 
ATOM   1414 N NZ  . LYS D 1 44 ? -1.314  30.907  -16.106 1.00 66.40  ? 85  LYS D NZ  1 
ATOM   1415 N N   . LEU D 1 45 ? -8.482  28.748  -15.598 1.00 63.95  ? 86  LEU D N   1 
ATOM   1416 C CA  . LEU D 1 45 ? -9.882  28.786  -16.002 1.00 64.10  ? 86  LEU D CA  1 
ATOM   1417 C C   . LEU D 1 45 ? -10.732 29.486  -14.942 1.00 65.33  ? 86  LEU D C   1 
ATOM   1418 O O   . LEU D 1 45 ? -11.662 30.224  -15.266 1.00 65.74  ? 86  LEU D O   1 
ATOM   1419 C CB  . LEU D 1 45 ? -10.403 27.362  -16.232 1.00 62.27  ? 86  LEU D CB  1 
ATOM   1420 C CG  . LEU D 1 45 ? -10.473 26.795  -17.655 1.00 62.34  ? 86  LEU D CG  1 
ATOM   1421 C CD1 . LEU D 1 45 ? -9.467  27.471  -18.572 1.00 60.82  ? 86  LEU D CD1 1 
ATOM   1422 C CD2 . LEU D 1 45 ? -10.240 25.289  -17.592 1.00 61.28  ? 86  LEU D CD2 1 
ATOM   1423 N N   . LYS D 1 46 ? -10.419 29.252  -13.673 1.00 66.12  ? 87  LYS D N   1 
ATOM   1424 C CA  . LYS D 1 46 ? -11.177 29.880  -12.605 1.00 68.70  ? 87  LYS D CA  1 
ATOM   1425 C C   . LYS D 1 46 ? -10.789 31.343  -12.477 1.00 69.40  ? 87  LYS D C   1 
ATOM   1426 O O   . LYS D 1 46 ? -11.474 32.123  -11.817 1.00 69.49  ? 87  LYS D O   1 
ATOM   1427 C CB  . LYS D 1 46 ? -10.962 29.134  -11.286 1.00 69.61  ? 87  LYS D CB  1 
ATOM   1428 C CG  . LYS D 1 46 ? -11.719 27.810  -11.230 1.00 71.11  ? 87  LYS D CG  1 
ATOM   1429 C CD  . LYS D 1 46 ? -11.391 26.991  -9.991  1.00 73.52  ? 87  LYS D CD  1 
ATOM   1430 C CE  . LYS D 1 46 ? -12.093 25.636  -10.046 1.00 76.05  ? 87  LYS D CE  1 
ATOM   1431 N NZ  . LYS D 1 46 ? -11.558 24.653  -9.057  1.00 77.58  ? 87  LYS D NZ  1 
ATOM   1432 N N   . ALA D 1 47 ? -9.688  31.708  -13.126 1.00 70.37  ? 88  ALA D N   1 
ATOM   1433 C CA  . ALA D 1 47 ? -9.216  33.082  -13.119 1.00 71.66  ? 88  ALA D CA  1 
ATOM   1434 C C   . ALA D 1 47 ? -10.124 33.872  -14.048 1.00 73.59  ? 88  ALA D C   1 
ATOM   1435 O O   . ALA D 1 47 ? -10.669 34.905  -13.666 1.00 74.12  ? 88  ALA D O   1 
ATOM   1436 C CB  . ALA D 1 47 ? -7.785  33.148  -13.610 1.00 71.21  ? 88  ALA D CB  1 
ATOM   1437 N N   . LYS D 1 48 ? -10.284 33.376  -15.272 1.00 75.50  ? 89  LYS D N   1 
ATOM   1438 C CA  . LYS D 1 48 ? -11.140 34.020  -16.262 1.00 76.85  ? 89  LYS D CA  1 
ATOM   1439 C C   . LYS D 1 48 ? -12.592 33.944  -15.810 1.00 77.42  ? 89  LYS D C   1 
ATOM   1440 O O   . LYS D 1 48 ? -13.319 34.930  -15.853 1.00 77.63  ? 89  LYS D O   1 
ATOM   1441 C CB  . LYS D 1 48 ? -11.002 33.325  -17.621 1.00 78.02  ? 89  LYS D CB  1 
ATOM   1442 C CG  . LYS D 1 48 ? -9.686  33.576  -18.350 1.00 78.68  ? 89  LYS D CG  1 
ATOM   1443 C CD  . LYS D 1 48 ? -9.712  34.910  -19.067 1.00 79.31  ? 89  LYS D CD  1 
ATOM   1444 C CE  . LYS D 1 48 ? -8.422  35.154  -19.838 1.00 79.89  ? 89  LYS D CE  1 
ATOM   1445 N NZ  . LYS D 1 48 ? -8.467  36.435  -20.607 1.00 79.32  ? 89  LYS D NZ  1 
ATOM   1446 N N   . LEU D 1 49 ? -13.006 32.762  -15.373 1.00 79.03  ? 90  LEU D N   1 
ATOM   1447 C CA  . LEU D 1 49 ? -14.374 32.545  -14.924 1.00 81.36  ? 90  LEU D CA  1 
ATOM   1448 C C   . LEU D 1 49 ? -14.734 33.553  -13.833 1.00 84.02  ? 90  LEU D C   1 
ATOM   1449 O O   . LEU D 1 49 ? -15.908 33.799  -13.552 1.00 83.63  ? 90  LEU D O   1 
ATOM   1450 C CB  . LEU D 1 49 ? -14.528 31.114  -14.398 1.00 79.96  ? 90  LEU D CB  1 
ATOM   1451 C CG  . LEU D 1 49 ? -15.869 30.410  -14.631 1.00 78.95  ? 90  LEU D CG  1 
ATOM   1452 C CD1 . LEU D 1 49 ? -16.996 31.254  -14.056 1.00 79.21  ? 90  LEU D CD1 1 
ATOM   1453 C CD2 . LEU D 1 49 ? -16.079 30.174  -16.120 1.00 76.95  ? 90  LEU D CD2 1 
ATOM   1454 N N   . ALA D 1 50 ? -13.713 34.137  -13.220 1.00 87.31  ? 91  ALA D N   1 
ATOM   1455 C CA  . ALA D 1 50 ? -13.924 35.124  -12.172 1.00 90.92  ? 91  ALA D CA  1 
ATOM   1456 C C   . ALA D 1 50 ? -14.078 36.500  -12.815 1.00 92.99  ? 91  ALA D C   1 
ATOM   1457 O O   . ALA D 1 50 ? -14.924 37.296  -12.408 1.00 93.11  ? 91  ALA D O   1 
ATOM   1458 C CB  . ALA D 1 50 ? -12.746 35.119  -11.201 1.00 91.13  ? 91  ALA D CB  1 
ATOM   1459 N N   . GLN D 1 51 ? -13.255 36.773  -13.822 1.00 95.12  ? 92  GLN D N   1 
ATOM   1460 C CA  . GLN D 1 51 ? -13.318 38.045  -14.527 1.00 98.02  ? 92  GLN D CA  1 
ATOM   1461 C C   . GLN D 1 51 ? -14.737 38.236  -15.060 1.00 99.64  ? 92  GLN D C   1 
ATOM   1462 O O   . GLN D 1 51 ? -15.473 39.107  -14.597 1.00 99.75  ? 92  GLN D O   1 
ATOM   1463 C CB  . GLN D 1 51 ? -12.313 38.060  -15.680 1.00 98.20  ? 92  GLN D CB  1 
ATOM   1464 C CG  . GLN D 1 51 ? -10.864 37.896  -15.240 1.00 99.78  ? 92  GLN D CG  1 
ATOM   1465 C CD  . GLN D 1 51 ? -9.885  37.958  -16.401 1.00 101.08 ? 92  GLN D CD  1 
ATOM   1466 O OE1 . GLN D 1 51 ? -9.968  37.165  -17.338 1.00 102.33 ? 92  GLN D OE1 1 
ATOM   1467 N NE2 . GLN D 1 51 ? -8.951  38.902  -16.342 1.00 100.68 ? 92  GLN D NE2 1 
ATOM   1468 N N   . TYR D 1 52 ? -15.119 37.412  -16.030 1.00 101.66 ? 93  TYR D N   1 
ATOM   1469 C CA  . TYR D 1 52 ? -16.456 37.484  -16.613 1.00 103.20 ? 93  TYR D CA  1 
ATOM   1470 C C   . TYR D 1 52 ? -17.492 37.063  -15.572 1.00 104.18 ? 93  TYR D C   1 
ATOM   1471 O O   . TYR D 1 52 ? -18.694 37.141  -15.815 1.00 104.24 ? 93  TYR D O   1 
ATOM   1472 C CB  . TYR D 1 52 ? -16.556 36.561  -17.839 1.00 103.53 ? 93  TYR D CB  1 
ATOM   1473 C CG  . TYR D 1 52 ? -15.580 36.888  -18.953 1.00 103.98 ? 93  TYR D CG  1 
ATOM   1474 C CD1 . TYR D 1 52 ? -15.562 38.151  -19.543 1.00 104.16 ? 93  TYR D CD1 1 
ATOM   1475 C CD2 . TYR D 1 52 ? -14.677 35.933  -19.422 1.00 104.15 ? 93  TYR D CD2 1 
ATOM   1476 C CE1 . TYR D 1 52 ? -14.669 38.460  -20.570 1.00 104.53 ? 93  TYR D CE1 1 
ATOM   1477 C CE2 . TYR D 1 52 ? -13.779 36.231  -20.449 1.00 104.55 ? 93  TYR D CE2 1 
ATOM   1478 C CZ  . TYR D 1 52 ? -13.781 37.498  -21.018 1.00 104.75 ? 93  TYR D CZ  1 
ATOM   1479 O OH  . TYR D 1 52 ? -12.897 37.808  -22.030 1.00 104.39 ? 93  TYR D OH  1 
ATOM   1480 N N   . GLU D 1 53 ? -17.009 36.620  -14.412 1.00 105.60 ? 94  GLU D N   1 
ATOM   1481 C CA  . GLU D 1 53 ? -17.862 36.168  -13.313 1.00 106.83 ? 94  GLU D CA  1 
ATOM   1482 C C   . GLU D 1 53 ? -18.738 34.988  -13.716 1.00 107.31 ? 94  GLU D C   1 
ATOM   1483 O O   . GLU D 1 53 ? -18.500 33.873  -13.198 1.00 107.53 ? 94  GLU D O   1 
ATOM   1484 C CB  . GLU D 1 53 ? -18.751 37.310  -12.817 1.00 107.54 ? 94  GLU D CB  1 
ATOM   1485 C CG  . GLU D 1 53 ? -19.720 36.899  -11.715 1.00 108.73 ? 94  GLU D CG  1 
ATOM   1486 C CD  . GLU D 1 53 ? -20.666 38.017  -11.320 1.00 109.64 ? 94  GLU D CD  1 
ATOM   1487 O OE1 . GLU D 1 53 ? -21.528 37.789  -10.443 1.00 110.07 ? 94  GLU D OE1 1 
ATOM   1488 O OE2 . GLU D 1 53 ? -20.549 39.127  -11.885 1.00 109.90 ? 94  GLU D OE2 1 
ATOM   1489 O OXT . GLU D 1 53 ? -19.653 35.191  -14.542 1.00 107.51 ? 94  GLU D OXT 1 
HETATM 1490 O O   . HOH E 2 .  ? 16.436  -26.436 27.381  1.00 40.83  ? 95  HOH A O   1 
HETATM 1491 O O   . HOH E 2 .  ? -1.313  -3.668  7.481   1.00 51.44  ? 96  HOH A O   1 
HETATM 1492 O O   . HOH E 2 .  ? -8.437  -2.790  6.191   1.00 70.87  ? 97  HOH A O   1 
HETATM 1493 O O   . HOH E 2 .  ? -1.170  -6.407  7.861   1.00 41.32  ? 98  HOH A O   1 
HETATM 1494 O O   . HOH E 2 .  ? 7.941   -9.103  13.287  1.00 44.01  ? 99  HOH A O   1 
HETATM 1495 O O   . HOH E 2 .  ? 29.281  -21.295 27.139  1.00 70.69  ? 100 HOH A O   1 
HETATM 1496 O O   . HOH E 2 .  ? 9.526   -18.102 5.671   1.00 65.82  ? 101 HOH A O   1 
HETATM 1497 O O   . HOH E 2 .  ? -0.104  -7.100  -6.720  1.00 55.97  ? 102 HOH A O   1 
HETATM 1498 O O   . HOH E 2 .  ? 11.796  -17.190 5.689   1.00 57.02  ? 103 HOH A O   1 
HETATM 1499 O O   . HOH E 2 .  ? -2.455  0.491   -14.204 1.00 70.75  ? 104 HOH A O   1 
HETATM 1500 O O   . HOH F 2 .  ? -8.946  -11.577 6.870   1.00 31.43  ? 95  HOH B O   1 
HETATM 1501 O O   . HOH F 2 .  ? -1.375  -19.570 15.399  1.00 54.80  ? 96  HOH B O   1 
HETATM 1502 O O   . HOH F 2 .  ? -7.693  -18.060 5.878   1.00 36.63  ? 97  HOH B O   1 
HETATM 1503 O O   . HOH F 2 .  ? -30.913 -1.312  0.200   1.00 37.27  ? 98  HOH B O   1 
HETATM 1504 O O   . HOH F 2 .  ? -29.892 10.571  15.870  1.00 59.25  ? 99  HOH B O   1 
HETATM 1505 O O   . HOH F 2 .  ? -7.517  -12.962 11.126  1.00 48.71  ? 100 HOH B O   1 
HETATM 1506 O O   . HOH F 2 .  ? -12.667 -14.116 2.560   1.00 57.86  ? 101 HOH B O   1 
HETATM 1507 O O   . HOH F 2 .  ? 11.068  -22.237 26.507  1.00 46.56  ? 102 HOH B O   1 
HETATM 1508 O O   . HOH F 2 .  ? -7.106  -19.506 14.720  1.00 56.25  ? 103 HOH B O   1 
HETATM 1509 O O   . HOH F 2 .  ? 0.616   -15.806 19.326  1.00 43.85  ? 104 HOH B O   1 
HETATM 1510 O O   . HOH F 2 .  ? 3.079   -21.766 18.417  1.00 58.84  ? 105 HOH B O   1 
HETATM 1511 O O   . HOH F 2 .  ? -11.987 -11.989 6.974   1.00 56.46  ? 106 HOH B O   1 
HETATM 1512 O O   . HOH F 2 .  ? -7.157  -11.517 9.022   1.00 56.41  ? 107 HOH B O   1 
HETATM 1513 O O   . HOH F 2 .  ? -11.922 -14.451 5.103   1.00 47.22  ? 108 HOH B O   1 
HETATM 1514 O O   . HOH F 2 .  ? -23.886 -1.664  11.140  1.00 66.99  ? 109 HOH B O   1 
HETATM 1515 O O   . HOH F 2 .  ? -4.043  -17.662 15.566  1.00 51.11  ? 110 HOH B O   1 
HETATM 1516 O O   . HOH F 2 .  ? -13.987 -12.306 5.252   1.00 52.10  ? 111 HOH B O   1 
HETATM 1517 O O   . HOH F 2 .  ? -18.282 -14.246 -4.438  1.00 64.98  ? 112 HOH B O   1 
HETATM 1518 O O   . HOH G 2 .  ? -11.980 11.791  -15.802 1.00 60.13  ? 95  HOH C O   1 
HETATM 1519 O O   . HOH G 2 .  ? 2.465   -10.726 -4.523  1.00 58.48  ? 96  HOH C O   1 
HETATM 1520 O O   . HOH G 2 .  ? -7.896  16.526  -20.179 1.00 47.56  ? 97  HOH C O   1 
HETATM 1521 O O   . HOH G 2 .  ? 5.595   -7.507  -3.806  1.00 56.17  ? 98  HOH C O   1 
HETATM 1522 O O   . HOH G 2 .  ? 10.196  -6.784  -3.536  1.00 68.18  ? 99  HOH C O   1 
HETATM 1523 O O   . HOH G 2 .  ? -10.216 4.466   -11.170 1.00 58.90  ? 100 HOH C O   1 
HETATM 1524 O O   . HOH G 2 .  ? 7.597   -8.650  -4.642  1.00 60.08  ? 101 HOH C O   1 
HETATM 1525 O O   . HOH H 2 .  ? -1.282  23.715  -17.005 1.00 51.40  ? 95  HOH D O   1 
HETATM 1526 O O   . HOH H 2 .  ? 11.742  5.277   -11.593 1.00 40.24  ? 96  HOH D O   1 
HETATM 1527 O O   . HOH H 2 .  ? 2.837   26.889  -11.801 1.00 57.92  ? 97  HOH D O   1 
HETATM 1528 O O   . HOH H 2 .  ? 3.388   -5.009  -8.883  1.00 57.94  ? 98  HOH D O   1 
HETATM 1529 O O   . HOH H 2 .  ? 19.271  -4.447  -1.580  1.00 55.32  ? 99  HOH D O   1 
HETATM 1530 O O   . HOH H 2 .  ? 14.893  -2.901  0.886   1.00 85.27  ? 100 HOH D O   1 
HETATM 1531 O O   . HOH H 2 .  ? 11.408  -6.018  -10.210 1.00 60.40  ? 101 HOH D O   1 
HETATM 1532 O O   . HOH H 2 .  ? 21.117  -3.335  -0.436  1.00 46.45  ? 102 HOH D O   1 
HETATM 1533 O O   . HOH H 2 .  ? 17.247  -7.491  -4.507  1.00 56.80  ? 103 HOH D O   1 
HETATM 1534 O O   . HOH H 2 .  ? 8.520   17.521  -16.978 1.00 72.68  ? 104 HOH D O   1 
# 
